data_2BCX
# 
_entry.id   2BCX 
# 
_audit_conform.dict_name       mmcif_pdbx.dic 
_audit_conform.dict_version    5.387 
_audit_conform.dict_location   http://mmcif.pdb.org/dictionaries/ascii/mmcif_pdbx.dic 
# 
loop_
_database_2.database_id 
_database_2.database_code 
_database_2.pdbx_database_accession 
_database_2.pdbx_DOI 
PDB   2BCX         pdb_00002bcx 10.2210/pdb2bcx/pdb 
RCSB  RCSB034946   ?            ?                   
WWPDB D_1000034946 ?            ?                   
# 
loop_
_pdbx_audit_revision_history.ordinal 
_pdbx_audit_revision_history.data_content_type 
_pdbx_audit_revision_history.major_revision 
_pdbx_audit_revision_history.minor_revision 
_pdbx_audit_revision_history.revision_date 
1 'Structure model' 1 0 2006-10-31 
2 'Structure model' 1 1 2008-05-01 
3 'Structure model' 1 2 2011-07-13 
4 'Structure model' 1 3 2017-10-18 
5 'Structure model' 1 4 2024-02-14 
# 
_pdbx_audit_revision_details.ordinal             1 
_pdbx_audit_revision_details.revision_ordinal    1 
_pdbx_audit_revision_details.data_content_type   'Structure model' 
_pdbx_audit_revision_details.provider            repository 
_pdbx_audit_revision_details.type                'Initial release' 
_pdbx_audit_revision_details.description         ? 
_pdbx_audit_revision_details.details             ? 
# 
loop_
_pdbx_audit_revision_group.ordinal 
_pdbx_audit_revision_group.revision_ordinal 
_pdbx_audit_revision_group.data_content_type 
_pdbx_audit_revision_group.group 
1 2 'Structure model' 'Version format compliance' 
2 3 'Structure model' 'Version format compliance' 
3 4 'Structure model' 'Refinement description'    
4 5 'Structure model' 'Data collection'           
5 5 'Structure model' 'Database references'       
6 5 'Structure model' 'Derived calculations'      
# 
loop_
_pdbx_audit_revision_category.ordinal 
_pdbx_audit_revision_category.revision_ordinal 
_pdbx_audit_revision_category.data_content_type 
_pdbx_audit_revision_category.category 
1 4 'Structure model' software               
2 5 'Structure model' chem_comp_atom         
3 5 'Structure model' chem_comp_bond         
4 5 'Structure model' database_2             
5 5 'Structure model' pdbx_struct_conn_angle 
6 5 'Structure model' struct_conn            
7 5 'Structure model' struct_site            
# 
loop_
_pdbx_audit_revision_item.ordinal 
_pdbx_audit_revision_item.revision_ordinal 
_pdbx_audit_revision_item.data_content_type 
_pdbx_audit_revision_item.item 
1  5 'Structure model' '_database_2.pdbx_DOI'                        
2  5 'Structure model' '_database_2.pdbx_database_accession'         
3  5 'Structure model' '_pdbx_struct_conn_angle.ptnr1_auth_comp_id'  
4  5 'Structure model' '_pdbx_struct_conn_angle.ptnr1_auth_seq_id'   
5  5 'Structure model' '_pdbx_struct_conn_angle.ptnr1_label_asym_id' 
6  5 'Structure model' '_pdbx_struct_conn_angle.ptnr1_label_atom_id' 
7  5 'Structure model' '_pdbx_struct_conn_angle.ptnr1_label_comp_id' 
8  5 'Structure model' '_pdbx_struct_conn_angle.ptnr1_label_seq_id'  
9  5 'Structure model' '_pdbx_struct_conn_angle.ptnr3_auth_comp_id'  
10 5 'Structure model' '_pdbx_struct_conn_angle.ptnr3_auth_seq_id'   
11 5 'Structure model' '_pdbx_struct_conn_angle.ptnr3_label_asym_id' 
12 5 'Structure model' '_pdbx_struct_conn_angle.ptnr3_label_atom_id' 
13 5 'Structure model' '_pdbx_struct_conn_angle.ptnr3_label_comp_id' 
14 5 'Structure model' '_pdbx_struct_conn_angle.ptnr3_label_seq_id'  
15 5 'Structure model' '_pdbx_struct_conn_angle.value'               
16 5 'Structure model' '_struct_conn.pdbx_dist_value'                
17 5 'Structure model' '_struct_conn.ptnr1_auth_comp_id'             
18 5 'Structure model' '_struct_conn.ptnr1_auth_seq_id'              
19 5 'Structure model' '_struct_conn.ptnr1_label_asym_id'            
20 5 'Structure model' '_struct_conn.ptnr1_label_atom_id'            
21 5 'Structure model' '_struct_conn.ptnr1_label_comp_id'            
22 5 'Structure model' '_struct_conn.ptnr1_label_seq_id'             
23 5 'Structure model' '_struct_conn.ptnr2_auth_comp_id'             
24 5 'Structure model' '_struct_conn.ptnr2_auth_seq_id'              
25 5 'Structure model' '_struct_conn.ptnr2_label_asym_id'            
26 5 'Structure model' '_struct_conn.ptnr2_label_atom_id'            
27 5 'Structure model' '_struct_conn.ptnr2_label_comp_id'            
28 5 'Structure model' '_struct_conn.ptnr2_label_seq_id'             
29 5 'Structure model' '_struct_site.pdbx_auth_asym_id'              
30 5 'Structure model' '_struct_site.pdbx_auth_comp_id'              
31 5 'Structure model' '_struct_site.pdbx_auth_seq_id'               
# 
_pdbx_database_status.entry_id                        2BCX 
_pdbx_database_status.deposit_site                    RCSB 
_pdbx_database_status.process_site                    RCSB 
_pdbx_database_status.recvd_initial_deposition_date   2005-10-19 
_pdbx_database_status.status_code                     REL 
_pdbx_database_status.status_code_sf                  REL 
_pdbx_database_status.status_code_mr                  ? 
_pdbx_database_status.SG_entry                        ? 
_pdbx_database_status.pdb_format_compatible           Y 
_pdbx_database_status.status_code_cs                  ? 
_pdbx_database_status.methods_development_category    ? 
_pdbx_database_status.status_code_nmr_data            ? 
# 
loop_
_audit_author.name 
_audit_author.pdbx_ordinal 
'Maximciuc, A.A.' 1 
'Shamoo, Y.'      2 
'MacKenzie, K.R.' 3 
# 
_citation.id                        primary 
_citation.title                     
'Complex of calmodulin with a ryanodine receptor target reveals a novel, flexible binding mode.' 
_citation.journal_abbrev            Structure 
_citation.journal_volume            14 
_citation.page_first                1547 
_citation.page_last                 1556 
_citation.year                      2006 
_citation.journal_id_ASTM           STRUE6 
_citation.country                   UK 
_citation.journal_id_ISSN           0969-2126 
_citation.journal_id_CSD            2005 
_citation.book_publisher            ? 
_citation.pdbx_database_id_PubMed   17027503 
_citation.pdbx_database_id_DOI      10.1016/j.str.2006.08.011 
# 
loop_
_citation_author.citation_id 
_citation_author.name 
_citation_author.ordinal 
_citation_author.identifier_ORCID 
primary 'Maximciuc, A.A.' 1 ? 
primary 'Putkey, J.A.'    2 ? 
primary 'Shamoo, Y.'      3 ? 
primary 'Mackenzie, K.R.' 4 ? 
# 
loop_
_entity.id 
_entity.type 
_entity.src_method 
_entity.pdbx_description 
_entity.formula_weight 
_entity.pdbx_number_of_molecules 
_entity.pdbx_ec 
_entity.pdbx_mutation 
_entity.pdbx_fragment 
_entity.details 
1 polymer     man Calmodulin             16721.350 1  ? ? ?                    ? 
2 polymer     syn 'Ryanodine receptor 1' 3626.437  1  ? ? 'residues 3614-3643' ? 
3 non-polymer syn 'CALCIUM ION'          40.078    4  ? ? ?                    ? 
4 water       nat water                  18.015    80 ? ? ?                    ? 
# 
loop_
_entity_name_com.entity_id 
_entity_name_com.name 
1 CaM                                                                                             
2 'Skeletal muscle-type ryanodine receptor, RyR1, RYR-1, Skeletal muscle calcium release channel' 
# 
loop_
_entity_poly.entity_id 
_entity_poly.type 
_entity_poly.nstd_linkage 
_entity_poly.nstd_monomer 
_entity_poly.pdbx_seq_one_letter_code 
_entity_poly.pdbx_seq_one_letter_code_can 
_entity_poly.pdbx_strand_id 
_entity_poly.pdbx_target_identifier 
1 'polypeptide(L)' no no 
;ADQLTEEQIAEFKEAFSLFDKDGDGTITTKELGTVMRSLGQNPTEAELQDMINEVDADGNGTIDFPEFLTMMARKMKDTD
SEEEIREAFRVFDKDGNGYISAAELRHVMTNLGEKLTDEEVDEMIREADIDGDGQVNYEEFVQMMTAK
;
;ADQLTEEQIAEFKEAFSLFDKDGDGTITTKELGTVMRSLGQNPTEAELQDMINEVDADGNGTIDFPEFLTMMARKMKDTD
SEEEIREAFRVFDKDGNGYISAAELRHVMTNLGEKLTDEEVDEMIREADIDGDGQVNYEEFVQMMTAK
;
A ? 
2 'polypeptide(L)' no no KSKKAVWHKLLSKQRRRAVVACFRMTPLYN KSKKAVWHKLLSKQRRRAVVACFRMTPLYN B ? 
# 
loop_
_pdbx_entity_nonpoly.entity_id 
_pdbx_entity_nonpoly.name 
_pdbx_entity_nonpoly.comp_id 
3 'CALCIUM ION' CA  
4 water         HOH 
# 
loop_
_entity_poly_seq.entity_id 
_entity_poly_seq.num 
_entity_poly_seq.mon_id 
_entity_poly_seq.hetero 
1 1   ALA n 
1 2   ASP n 
1 3   GLN n 
1 4   LEU n 
1 5   THR n 
1 6   GLU n 
1 7   GLU n 
1 8   GLN n 
1 9   ILE n 
1 10  ALA n 
1 11  GLU n 
1 12  PHE n 
1 13  LYS n 
1 14  GLU n 
1 15  ALA n 
1 16  PHE n 
1 17  SER n 
1 18  LEU n 
1 19  PHE n 
1 20  ASP n 
1 21  LYS n 
1 22  ASP n 
1 23  GLY n 
1 24  ASP n 
1 25  GLY n 
1 26  THR n 
1 27  ILE n 
1 28  THR n 
1 29  THR n 
1 30  LYS n 
1 31  GLU n 
1 32  LEU n 
1 33  GLY n 
1 34  THR n 
1 35  VAL n 
1 36  MET n 
1 37  ARG n 
1 38  SER n 
1 39  LEU n 
1 40  GLY n 
1 41  GLN n 
1 42  ASN n 
1 43  PRO n 
1 44  THR n 
1 45  GLU n 
1 46  ALA n 
1 47  GLU n 
1 48  LEU n 
1 49  GLN n 
1 50  ASP n 
1 51  MET n 
1 52  ILE n 
1 53  ASN n 
1 54  GLU n 
1 55  VAL n 
1 56  ASP n 
1 57  ALA n 
1 58  ASP n 
1 59  GLY n 
1 60  ASN n 
1 61  GLY n 
1 62  THR n 
1 63  ILE n 
1 64  ASP n 
1 65  PHE n 
1 66  PRO n 
1 67  GLU n 
1 68  PHE n 
1 69  LEU n 
1 70  THR n 
1 71  MET n 
1 72  MET n 
1 73  ALA n 
1 74  ARG n 
1 75  LYS n 
1 76  MET n 
1 77  LYS n 
1 78  ASP n 
1 79  THR n 
1 80  ASP n 
1 81  SER n 
1 82  GLU n 
1 83  GLU n 
1 84  GLU n 
1 85  ILE n 
1 86  ARG n 
1 87  GLU n 
1 88  ALA n 
1 89  PHE n 
1 90  ARG n 
1 91  VAL n 
1 92  PHE n 
1 93  ASP n 
1 94  LYS n 
1 95  ASP n 
1 96  GLY n 
1 97  ASN n 
1 98  GLY n 
1 99  TYR n 
1 100 ILE n 
1 101 SER n 
1 102 ALA n 
1 103 ALA n 
1 104 GLU n 
1 105 LEU n 
1 106 ARG n 
1 107 HIS n 
1 108 VAL n 
1 109 MET n 
1 110 THR n 
1 111 ASN n 
1 112 LEU n 
1 113 GLY n 
1 114 GLU n 
1 115 LYS n 
1 116 LEU n 
1 117 THR n 
1 118 ASP n 
1 119 GLU n 
1 120 GLU n 
1 121 VAL n 
1 122 ASP n 
1 123 GLU n 
1 124 MET n 
1 125 ILE n 
1 126 ARG n 
1 127 GLU n 
1 128 ALA n 
1 129 ASP n 
1 130 ILE n 
1 131 ASP n 
1 132 GLY n 
1 133 ASP n 
1 134 GLY n 
1 135 GLN n 
1 136 VAL n 
1 137 ASN n 
1 138 TYR n 
1 139 GLU n 
1 140 GLU n 
1 141 PHE n 
1 142 VAL n 
1 143 GLN n 
1 144 MET n 
1 145 MET n 
1 146 THR n 
1 147 ALA n 
1 148 LYS n 
2 1   LYS n 
2 2   SER n 
2 3   LYS n 
2 4   LYS n 
2 5   ALA n 
2 6   VAL n 
2 7   TRP n 
2 8   HIS n 
2 9   LYS n 
2 10  LEU n 
2 11  LEU n 
2 12  SER n 
2 13  LYS n 
2 14  GLN n 
2 15  ARG n 
2 16  ARG n 
2 17  ARG n 
2 18  ALA n 
2 19  VAL n 
2 20  VAL n 
2 21  ALA n 
2 22  CYS n 
2 23  PHE n 
2 24  ARG n 
2 25  MET n 
2 26  THR n 
2 27  PRO n 
2 28  LEU n 
2 29  TYR n 
2 30  ASN n 
# 
_entity_src_gen.entity_id                          1 
_entity_src_gen.pdbx_src_id                        1 
_entity_src_gen.pdbx_alt_source_flag               sample 
_entity_src_gen.pdbx_seq_type                      ? 
_entity_src_gen.pdbx_beg_seq_num                   ? 
_entity_src_gen.pdbx_end_seq_num                   ? 
_entity_src_gen.gene_src_common_name               chicken 
_entity_src_gen.gene_src_genus                     Gallus 
_entity_src_gen.pdbx_gene_src_gene                 CALM 
_entity_src_gen.gene_src_species                   ? 
_entity_src_gen.gene_src_strain                    ? 
_entity_src_gen.gene_src_tissue                    ? 
_entity_src_gen.gene_src_tissue_fraction           ? 
_entity_src_gen.gene_src_details                   ? 
_entity_src_gen.pdbx_gene_src_fragment             ? 
_entity_src_gen.pdbx_gene_src_scientific_name      'Gallus gallus' 
_entity_src_gen.pdbx_gene_src_ncbi_taxonomy_id     9031 
_entity_src_gen.pdbx_gene_src_variant              ? 
_entity_src_gen.pdbx_gene_src_cell_line            ? 
_entity_src_gen.pdbx_gene_src_atcc                 ? 
_entity_src_gen.pdbx_gene_src_organ                ? 
_entity_src_gen.pdbx_gene_src_organelle            ? 
_entity_src_gen.pdbx_gene_src_cell                 ? 
_entity_src_gen.pdbx_gene_src_cellular_location    ? 
_entity_src_gen.host_org_common_name               ? 
_entity_src_gen.pdbx_host_org_scientific_name      'Escherichia coli' 
_entity_src_gen.pdbx_host_org_ncbi_taxonomy_id     562 
_entity_src_gen.host_org_genus                     Escherichia 
_entity_src_gen.pdbx_host_org_gene                 ? 
_entity_src_gen.pdbx_host_org_organ                ? 
_entity_src_gen.host_org_species                   ? 
_entity_src_gen.pdbx_host_org_tissue               ? 
_entity_src_gen.pdbx_host_org_tissue_fraction      ? 
_entity_src_gen.pdbx_host_org_strain               ? 
_entity_src_gen.pdbx_host_org_variant              ? 
_entity_src_gen.pdbx_host_org_cell_line            ? 
_entity_src_gen.pdbx_host_org_atcc                 ? 
_entity_src_gen.pdbx_host_org_culture_collection   ? 
_entity_src_gen.pdbx_host_org_cell                 ? 
_entity_src_gen.pdbx_host_org_organelle            ? 
_entity_src_gen.pdbx_host_org_cellular_location    ? 
_entity_src_gen.pdbx_host_org_vector_type          Plasmid 
_entity_src_gen.pdbx_host_org_vector               ? 
_entity_src_gen.host_org_details                   ? 
_entity_src_gen.expression_system_id               ? 
_entity_src_gen.plasmid_name                       ? 
_entity_src_gen.plasmid_details                    ? 
_entity_src_gen.pdbx_description                   ? 
# 
_pdbx_entity_src_syn.entity_id              2 
_pdbx_entity_src_syn.pdbx_src_id            1 
_pdbx_entity_src_syn.pdbx_alt_source_flag   sample 
_pdbx_entity_src_syn.pdbx_beg_seq_num       ? 
_pdbx_entity_src_syn.pdbx_end_seq_num       ? 
_pdbx_entity_src_syn.organism_scientific    ? 
_pdbx_entity_src_syn.organism_common_name   ? 
_pdbx_entity_src_syn.ncbi_taxonomy_id       ? 
_pdbx_entity_src_syn.details                'synthetic peptide based on the sequence of rabbit ryanodine receptor 1' 
# 
loop_
_chem_comp.id 
_chem_comp.type 
_chem_comp.mon_nstd_flag 
_chem_comp.name 
_chem_comp.pdbx_synonyms 
_chem_comp.formula 
_chem_comp.formula_weight 
ALA 'L-peptide linking' y ALANINE         ? 'C3 H7 N O2'     89.093  
ARG 'L-peptide linking' y ARGININE        ? 'C6 H15 N4 O2 1' 175.209 
ASN 'L-peptide linking' y ASPARAGINE      ? 'C4 H8 N2 O3'    132.118 
ASP 'L-peptide linking' y 'ASPARTIC ACID' ? 'C4 H7 N O4'     133.103 
CA  non-polymer         . 'CALCIUM ION'   ? 'Ca 2'           40.078  
CYS 'L-peptide linking' y CYSTEINE        ? 'C3 H7 N O2 S'   121.158 
GLN 'L-peptide linking' y GLUTAMINE       ? 'C5 H10 N2 O3'   146.144 
GLU 'L-peptide linking' y 'GLUTAMIC ACID' ? 'C5 H9 N O4'     147.129 
GLY 'peptide linking'   y GLYCINE         ? 'C2 H5 N O2'     75.067  
HIS 'L-peptide linking' y HISTIDINE       ? 'C6 H10 N3 O2 1' 156.162 
HOH non-polymer         . WATER           ? 'H2 O'           18.015  
ILE 'L-peptide linking' y ISOLEUCINE      ? 'C6 H13 N O2'    131.173 
LEU 'L-peptide linking' y LEUCINE         ? 'C6 H13 N O2'    131.173 
LYS 'L-peptide linking' y LYSINE          ? 'C6 H15 N2 O2 1' 147.195 
MET 'L-peptide linking' y METHIONINE      ? 'C5 H11 N O2 S'  149.211 
PHE 'L-peptide linking' y PHENYLALANINE   ? 'C9 H11 N O2'    165.189 
PRO 'L-peptide linking' y PROLINE         ? 'C5 H9 N O2'     115.130 
SER 'L-peptide linking' y SERINE          ? 'C3 H7 N O3'     105.093 
THR 'L-peptide linking' y THREONINE       ? 'C4 H9 N O3'     119.119 
TRP 'L-peptide linking' y TRYPTOPHAN      ? 'C11 H12 N2 O2'  204.225 
TYR 'L-peptide linking' y TYROSINE        ? 'C9 H11 N O3'    181.189 
VAL 'L-peptide linking' y VALINE          ? 'C5 H11 N O2'    117.146 
# 
loop_
_pdbx_poly_seq_scheme.asym_id 
_pdbx_poly_seq_scheme.entity_id 
_pdbx_poly_seq_scheme.seq_id 
_pdbx_poly_seq_scheme.mon_id 
_pdbx_poly_seq_scheme.ndb_seq_num 
_pdbx_poly_seq_scheme.pdb_seq_num 
_pdbx_poly_seq_scheme.auth_seq_num 
_pdbx_poly_seq_scheme.pdb_mon_id 
_pdbx_poly_seq_scheme.auth_mon_id 
_pdbx_poly_seq_scheme.pdb_strand_id 
_pdbx_poly_seq_scheme.pdb_ins_code 
_pdbx_poly_seq_scheme.hetero 
A 1 1   ALA 1   1    ?    ?   ?   A . n 
A 1 2   ASP 2   2    ?    ?   ?   A . n 
A 1 3   GLN 3   3    ?    ?   ?   A . n 
A 1 4   LEU 4   4    4    LEU LEU A . n 
A 1 5   THR 5   5    5    THR THR A . n 
A 1 6   GLU 6   6    6    GLU GLU A . n 
A 1 7   GLU 7   7    7    GLU GLU A . n 
A 1 8   GLN 8   8    8    GLN GLN A . n 
A 1 9   ILE 9   9    9    ILE ILE A . n 
A 1 10  ALA 10  10   10   ALA ALA A . n 
A 1 11  GLU 11  11   11   GLU GLU A . n 
A 1 12  PHE 12  12   12   PHE PHE A . n 
A 1 13  LYS 13  13   13   LYS LYS A . n 
A 1 14  GLU 14  14   14   GLU GLU A . n 
A 1 15  ALA 15  15   15   ALA ALA A . n 
A 1 16  PHE 16  16   16   PHE PHE A . n 
A 1 17  SER 17  17   17   SER SER A . n 
A 1 18  LEU 18  18   18   LEU LEU A . n 
A 1 19  PHE 19  19   19   PHE PHE A . n 
A 1 20  ASP 20  20   20   ASP ASP A . n 
A 1 21  LYS 21  21   21   LYS LYS A . n 
A 1 22  ASP 22  22   22   ASP ASP A . n 
A 1 23  GLY 23  23   23   GLY GLY A . n 
A 1 24  ASP 24  24   24   ASP ASP A . n 
A 1 25  GLY 25  25   25   GLY GLY A . n 
A 1 26  THR 26  26   26   THR THR A . n 
A 1 27  ILE 27  27   27   ILE ILE A . n 
A 1 28  THR 28  28   28   THR THR A . n 
A 1 29  THR 29  29   29   THR THR A . n 
A 1 30  LYS 30  30   30   LYS LYS A . n 
A 1 31  GLU 31  31   31   GLU GLU A . n 
A 1 32  LEU 32  32   32   LEU LEU A . n 
A 1 33  GLY 33  33   33   GLY GLY A . n 
A 1 34  THR 34  34   34   THR THR A . n 
A 1 35  VAL 35  35   35   VAL VAL A . n 
A 1 36  MET 36  36   36   MET MET A . n 
A 1 37  ARG 37  37   37   ARG ARG A . n 
A 1 38  SER 38  38   38   SER SER A . n 
A 1 39  LEU 39  39   39   LEU LEU A . n 
A 1 40  GLY 40  40   40   GLY GLY A . n 
A 1 41  GLN 41  41   41   GLN GLN A . n 
A 1 42  ASN 42  42   42   ASN ASN A . n 
A 1 43  PRO 43  43   43   PRO PRO A . n 
A 1 44  THR 44  44   44   THR THR A . n 
A 1 45  GLU 45  45   45   GLU GLU A . n 
A 1 46  ALA 46  46   46   ALA ALA A . n 
A 1 47  GLU 47  47   47   GLU GLU A . n 
A 1 48  LEU 48  48   48   LEU LEU A . n 
A 1 49  GLN 49  49   49   GLN GLN A . n 
A 1 50  ASP 50  50   50   ASP ASP A . n 
A 1 51  MET 51  51   51   MET MET A . n 
A 1 52  ILE 52  52   52   ILE ILE A . n 
A 1 53  ASN 53  53   53   ASN ASN A . n 
A 1 54  GLU 54  54   54   GLU GLU A . n 
A 1 55  VAL 55  55   55   VAL VAL A . n 
A 1 56  ASP 56  56   56   ASP ASP A . n 
A 1 57  ALA 57  57   57   ALA ALA A . n 
A 1 58  ASP 58  58   58   ASP ASP A . n 
A 1 59  GLY 59  59   59   GLY GLY A . n 
A 1 60  ASN 60  60   60   ASN ASN A . n 
A 1 61  GLY 61  61   61   GLY GLY A . n 
A 1 62  THR 62  62   62   THR THR A . n 
A 1 63  ILE 63  63   63   ILE ILE A . n 
A 1 64  ASP 64  64   64   ASP ASP A . n 
A 1 65  PHE 65  65   65   PHE PHE A . n 
A 1 66  PRO 66  66   66   PRO PRO A . n 
A 1 67  GLU 67  67   67   GLU GLU A . n 
A 1 68  PHE 68  68   68   PHE PHE A . n 
A 1 69  LEU 69  69   69   LEU LEU A . n 
A 1 70  THR 70  70   70   THR THR A . n 
A 1 71  MET 71  71   71   MET MET A . n 
A 1 72  MET 72  72   72   MET MET A . n 
A 1 73  ALA 73  73   73   ALA ALA A . n 
A 1 74  ARG 74  74   74   ARG ARG A . n 
A 1 75  LYS 75  75   75   LYS LYS A . n 
A 1 76  MET 76  76   76   MET MET A . n 
A 1 77  LYS 77  77   77   LYS LYS A . n 
A 1 78  ASP 78  78   78   ASP ASP A . n 
A 1 79  THR 79  79   79   THR THR A . n 
A 1 80  ASP 80  80   80   ASP ASP A . n 
A 1 81  SER 81  81   81   SER SER A . n 
A 1 82  GLU 82  82   82   GLU GLU A . n 
A 1 83  GLU 83  83   83   GLU GLU A . n 
A 1 84  GLU 84  84   84   GLU GLU A . n 
A 1 85  ILE 85  85   85   ILE ILE A . n 
A 1 86  ARG 86  86   86   ARG ARG A . n 
A 1 87  GLU 87  87   87   GLU GLU A . n 
A 1 88  ALA 88  88   88   ALA ALA A . n 
A 1 89  PHE 89  89   89   PHE PHE A . n 
A 1 90  ARG 90  90   90   ARG ARG A . n 
A 1 91  VAL 91  91   91   VAL VAL A . n 
A 1 92  PHE 92  92   92   PHE PHE A . n 
A 1 93  ASP 93  93   93   ASP ASP A . n 
A 1 94  LYS 94  94   94   LYS LYS A . n 
A 1 95  ASP 95  95   95   ASP ASP A . n 
A 1 96  GLY 96  96   96   GLY GLY A . n 
A 1 97  ASN 97  97   97   ASN ASN A . n 
A 1 98  GLY 98  98   98   GLY GLY A . n 
A 1 99  TYR 99  99   99   TYR TYR A . n 
A 1 100 ILE 100 100  100  ILE ILE A . n 
A 1 101 SER 101 101  101  SER SER A . n 
A 1 102 ALA 102 102  102  ALA ALA A . n 
A 1 103 ALA 103 103  103  ALA ALA A . n 
A 1 104 GLU 104 104  104  GLU GLU A . n 
A 1 105 LEU 105 105  105  LEU LEU A . n 
A 1 106 ARG 106 106  106  ARG ARG A . n 
A 1 107 HIS 107 107  107  HIS HIS A . n 
A 1 108 VAL 108 108  108  VAL VAL A . n 
A 1 109 MET 109 109  109  MET MET A . n 
A 1 110 THR 110 110  110  THR THR A . n 
A 1 111 ASN 111 111  111  ASN ASN A . n 
A 1 112 LEU 112 112  112  LEU LEU A . n 
A 1 113 GLY 113 113  113  GLY GLY A . n 
A 1 114 GLU 114 114  114  GLU GLU A . n 
A 1 115 LYS 115 115  115  LYS LYS A . n 
A 1 116 LEU 116 116  116  LEU LEU A . n 
A 1 117 THR 117 117  117  THR THR A . n 
A 1 118 ASP 118 118  118  ASP ASP A . n 
A 1 119 GLU 119 119  119  GLU GLU A . n 
A 1 120 GLU 120 120  120  GLU GLU A . n 
A 1 121 VAL 121 121  121  VAL VAL A . n 
A 1 122 ASP 122 122  122  ASP ASP A . n 
A 1 123 GLU 123 123  123  GLU GLU A . n 
A 1 124 MET 124 124  124  MET MET A . n 
A 1 125 ILE 125 125  125  ILE ILE A . n 
A 1 126 ARG 126 126  126  ARG ARG A . n 
A 1 127 GLU 127 127  127  GLU GLU A . n 
A 1 128 ALA 128 128  128  ALA ALA A . n 
A 1 129 ASP 129 129  129  ASP ASP A . n 
A 1 130 ILE 130 130  130  ILE ILE A . n 
A 1 131 ASP 131 131  131  ASP ASP A . n 
A 1 132 GLY 132 132  132  GLY GLY A . n 
A 1 133 ASP 133 133  133  ASP ASP A . n 
A 1 134 GLY 134 134  134  GLY GLY A . n 
A 1 135 GLN 135 135  135  GLN GLN A . n 
A 1 136 VAL 136 136  136  VAL VAL A . n 
A 1 137 ASN 137 137  137  ASN ASN A . n 
A 1 138 TYR 138 138  138  TYR TYR A . n 
A 1 139 GLU 139 139  139  GLU GLU A . n 
A 1 140 GLU 140 140  140  GLU GLU A . n 
A 1 141 PHE 141 141  141  PHE PHE A . n 
A 1 142 VAL 142 142  142  VAL VAL A . n 
A 1 143 GLN 143 143  143  GLN GLN A . n 
A 1 144 MET 144 144  144  MET MET A . n 
A 1 145 MET 145 145  145  MET MET A . n 
A 1 146 THR 146 146  ?    ?   ?   A . n 
A 1 147 ALA 147 147  ?    ?   ?   A . n 
A 1 148 LYS 148 148  ?    ?   ?   A . n 
B 2 1   LYS 1   3614 3614 LYS LYS B . n 
B 2 2   SER 2   3615 3615 SER SER B . n 
B 2 3   LYS 3   3616 3616 LYS LYS B . n 
B 2 4   LYS 4   3617 3617 LYS LYS B . n 
B 2 5   ALA 5   3618 3618 ALA ALA B . n 
B 2 6   VAL 6   3619 3619 VAL VAL B . n 
B 2 7   TRP 7   3620 3620 TRP TRP B . n 
B 2 8   HIS 8   3621 3621 HIS HIS B . n 
B 2 9   LYS 9   3622 3622 LYS LYS B . n 
B 2 10  LEU 10  3623 3623 LEU LEU B . n 
B 2 11  LEU 11  3624 3624 LEU LEU B . n 
B 2 12  SER 12  3625 3625 SER SER B . n 
B 2 13  LYS 13  3626 3626 LYS LYS B . n 
B 2 14  GLN 14  3627 3627 GLN GLN B . n 
B 2 15  ARG 15  3628 3628 ARG ARG B . n 
B 2 16  ARG 16  3629 3629 ARG ARG B . n 
B 2 17  ARG 17  3630 3630 ARG ARG B . n 
B 2 18  ALA 18  3631 3631 ALA ALA B . n 
B 2 19  VAL 19  3632 3632 VAL VAL B . n 
B 2 20  VAL 20  3633 3633 VAL VAL B . n 
B 2 21  ALA 21  3634 3634 ALA ALA B . n 
B 2 22  CYS 22  3635 3635 CYS CYS B . n 
B 2 23  PHE 23  3636 3636 PHE PHE B . n 
B 2 24  ARG 24  3637 3637 ARG ARG B . n 
B 2 25  MET 25  3638 3638 MET MET B . n 
B 2 26  THR 26  3639 3639 THR THR B . n 
B 2 27  PRO 27  3640 3640 PRO PRO B . n 
B 2 28  LEU 28  3641 ?    ?   ?   B . n 
B 2 29  TYR 29  3642 ?    ?   ?   B . n 
B 2 30  ASN 30  3643 ?    ?   ?   B . n 
# 
loop_
_pdbx_nonpoly_scheme.asym_id 
_pdbx_nonpoly_scheme.entity_id 
_pdbx_nonpoly_scheme.mon_id 
_pdbx_nonpoly_scheme.ndb_seq_num 
_pdbx_nonpoly_scheme.pdb_seq_num 
_pdbx_nonpoly_scheme.auth_seq_num 
_pdbx_nonpoly_scheme.pdb_mon_id 
_pdbx_nonpoly_scheme.auth_mon_id 
_pdbx_nonpoly_scheme.pdb_strand_id 
_pdbx_nonpoly_scheme.pdb_ins_code 
C 3 CA  1  149 149 CA  CA  A . 
D 3 CA  1  150 150 CA  CA  A . 
E 3 CA  1  151 151 CA  CA  A . 
F 3 CA  1  152 152 CA  CA  A . 
G 4 HOH 1  153 1   HOH WAT A . 
G 4 HOH 2  154 2   HOH WAT A . 
G 4 HOH 3  155 3   HOH WAT A . 
G 4 HOH 4  156 5   HOH WAT A . 
G 4 HOH 5  157 6   HOH WAT A . 
G 4 HOH 6  158 8   HOH WAT A . 
G 4 HOH 7  159 9   HOH WAT A . 
G 4 HOH 8  160 10  HOH WAT A . 
G 4 HOH 9  161 11  HOH WAT A . 
G 4 HOH 10 162 12  HOH WAT A . 
G 4 HOH 11 163 13  HOH WAT A . 
G 4 HOH 12 164 14  HOH WAT A . 
G 4 HOH 13 165 15  HOH WAT A . 
G 4 HOH 14 166 16  HOH WAT A . 
G 4 HOH 15 167 17  HOH WAT A . 
G 4 HOH 16 168 18  HOH WAT A . 
G 4 HOH 17 169 19  HOH WAT A . 
G 4 HOH 18 170 20  HOH WAT A . 
G 4 HOH 19 171 22  HOH WAT A . 
G 4 HOH 20 172 23  HOH WAT A . 
G 4 HOH 21 173 24  HOH WAT A . 
G 4 HOH 22 174 25  HOH WAT A . 
G 4 HOH 23 175 26  HOH WAT A . 
G 4 HOH 24 176 27  HOH WAT A . 
G 4 HOH 25 177 28  HOH WAT A . 
G 4 HOH 26 178 29  HOH WAT A . 
G 4 HOH 27 179 30  HOH WAT A . 
G 4 HOH 28 180 31  HOH WAT A . 
G 4 HOH 29 181 32  HOH WAT A . 
G 4 HOH 30 182 33  HOH WAT A . 
G 4 HOH 31 183 34  HOH WAT A . 
G 4 HOH 32 184 35  HOH WAT A . 
G 4 HOH 33 185 36  HOH WAT A . 
G 4 HOH 34 186 37  HOH WAT A . 
G 4 HOH 35 187 38  HOH WAT A . 
G 4 HOH 36 188 39  HOH WAT A . 
G 4 HOH 37 189 40  HOH WAT A . 
G 4 HOH 38 190 41  HOH WAT A . 
G 4 HOH 39 191 42  HOH WAT A . 
G 4 HOH 40 192 43  HOH WAT A . 
G 4 HOH 41 193 44  HOH WAT A . 
G 4 HOH 42 194 45  HOH WAT A . 
G 4 HOH 43 195 46  HOH WAT A . 
G 4 HOH 44 196 47  HOH WAT A . 
G 4 HOH 45 197 48  HOH WAT A . 
G 4 HOH 46 198 49  HOH WAT A . 
G 4 HOH 47 199 50  HOH WAT A . 
G 4 HOH 48 200 51  HOH WAT A . 
G 4 HOH 49 201 52  HOH WAT A . 
G 4 HOH 50 202 53  HOH WAT A . 
G 4 HOH 51 203 54  HOH WAT A . 
G 4 HOH 52 204 55  HOH WAT A . 
G 4 HOH 53 205 56  HOH WAT A . 
G 4 HOH 54 206 57  HOH WAT A . 
G 4 HOH 55 207 58  HOH WAT A . 
G 4 HOH 56 208 59  HOH WAT A . 
G 4 HOH 57 209 60  HOH WAT A . 
G 4 HOH 58 210 63  HOH WAT A . 
G 4 HOH 59 211 65  HOH WAT A . 
G 4 HOH 60 212 66  HOH WAT A . 
G 4 HOH 61 213 67  HOH WAT A . 
G 4 HOH 62 214 68  HOH WAT A . 
G 4 HOH 63 215 69  HOH WAT A . 
G 4 HOH 64 216 70  HOH WAT A . 
G 4 HOH 65 217 71  HOH WAT A . 
G 4 HOH 66 218 72  HOH WAT A . 
G 4 HOH 67 219 74  HOH WAT A . 
G 4 HOH 68 220 76  HOH WAT A . 
G 4 HOH 69 221 77  HOH WAT A . 
G 4 HOH 70 222 78  HOH WAT A . 
G 4 HOH 71 223 79  HOH WAT A . 
G 4 HOH 72 224 80  HOH WAT A . 
H 4 HOH 1  4   4   HOH WAT B . 
H 4 HOH 2  7   7   HOH WAT B . 
H 4 HOH 3  21  21  HOH WAT B . 
H 4 HOH 4  61  61  HOH WAT B . 
H 4 HOH 5  62  62  HOH WAT B . 
H 4 HOH 6  64  64  HOH WAT B . 
H 4 HOH 7  73  73  HOH WAT B . 
H 4 HOH 8  75  75  HOH WAT B . 
# 
loop_
_software.name 
_software.version 
_software.date 
_software.type 
_software.contact_author 
_software.contact_author_email 
_software.classification 
_software.location 
_software.language 
_software.citation_id 
_software.pdbx_ordinal 
d*TREK      9.1SSI 'Mar 19 2004'   package 'Pflugrath, J.W.' jwp@RigakuMSC.com               'data scaling'    
http://www.msc.com/protein/dtrek.html   ?          ? 1 
SHARP       .      ?               program 'de La Fortelle'  sharp-develop@globalphasing.com phasing           
http://babinet.globalphasing.com/sharp/ ?          ? 2 
SOLOMON     .      ?               program 'Abrahams J. P.'  ccp4@dl.ac.uk                   phasing           
http://www.ccp4.ac.uk/main.html         Fortran    ? 3 
CNS         1.1    ?               package 'Axel T. Brunger' axel.brunger@yale.edu           refinement        
http://cns.csb.yale.edu/v1.1/           Fortran_77 ? 4 
PDB_EXTRACT 1.700  'May. 30, 2005' package PDB               sw-help@rcsb.rutgers.edu        'data extraction' 
http://pdb.rutgers.edu/software/        C++        ? 5 
# 
_cell.length_a           38.100 
_cell.length_b           44.100 
_cell.length_c           90.300 
_cell.angle_alpha        90.00 
_cell.angle_beta         90.00 
_cell.angle_gamma        90.00 
_cell.entry_id           2BCX 
_cell.pdbx_unique_axis   ? 
_cell.Z_PDB              4 
# 
_symmetry.space_group_name_H-M             'P 21 21 21' 
_symmetry.entry_id                         2BCX 
_symmetry.pdbx_full_space_group_name_H-M   ? 
_symmetry.Int_Tables_number                19 
_symmetry.cell_setting                     ? 
_symmetry.space_group_name_Hall            ? 
# 
_exptl.entry_id          2BCX 
_exptl.crystals_number   1 
_exptl.method            'X-RAY DIFFRACTION' 
# 
_exptl_crystal.id                    1 
_exptl_crystal.density_Matthews      1.863831 
_exptl_crystal.density_meas          ? 
_exptl_crystal.density_percent_sol   34.006889 
_exptl_crystal.description           ? 
_exptl_crystal.F_000                 ? 
_exptl_crystal.preparation           ? 
# 
_exptl_crystal_grow.crystal_id      1 
_exptl_crystal_grow.method          'VAPOR DIFFUSION, SITTING DROP' 
_exptl_crystal_grow.pH              4.7 
_exptl_crystal_grow.temp            293 
_exptl_crystal_grow.temp_details    ? 
_exptl_crystal_grow.pdbx_details    
'23% PEG 4000, 0.1 M sodium acetate, 5 mM DTT, pH 4.7, VAPOR DIFFUSION, SITTING DROP, temperature 293K' 
_exptl_crystal_grow.pdbx_pH_range   . 
# 
_diffrn.id                     1 
_diffrn.ambient_temp           100 
_diffrn.ambient_temp_details   ? 
_diffrn.crystal_id             1 
# 
_diffrn_detector.diffrn_id              1 
_diffrn_detector.detector               'IMAGE PLATE' 
_diffrn_detector.type                   'RIGAKU RAXIS IV' 
_diffrn_detector.pdbx_collection_date   2004-12-03 
_diffrn_detector.details                ? 
# 
_diffrn_radiation.diffrn_id                        1 
_diffrn_radiation.wavelength_id                    1 
_diffrn_radiation.pdbx_diffrn_protocol             'SINGLE WAVELENGTH' 
_diffrn_radiation.monochromator                    ? 
_diffrn_radiation.pdbx_monochromatic_or_laue_m_l   M 
_diffrn_radiation.pdbx_scattering_type             x-ray 
# 
_diffrn_radiation_wavelength.id           1 
_diffrn_radiation_wavelength.wavelength   1.5418 
_diffrn_radiation_wavelength.wt           1.0 
# 
_diffrn_source.diffrn_id                   1 
_diffrn_source.source                      'ROTATING ANODE' 
_diffrn_source.type                        RIGAKU 
_diffrn_source.pdbx_wavelength             ? 
_diffrn_source.pdbx_wavelength_list        1.5418 
_diffrn_source.pdbx_synchrotron_site       ? 
_diffrn_source.pdbx_synchrotron_beamline   ? 
# 
_reflns.entry_id                     2BCX 
_reflns.d_resolution_low             39.66 
_reflns.d_resolution_high            2.00 
_reflns.number_obs                   10802 
_reflns.percent_possible_obs         99.900 
_reflns.pdbx_Rmerge_I_obs            0.038 
_reflns.pdbx_chi_squared             1.130 
_reflns.pdbx_redundancy              3.730 
_reflns.pdbx_scaling_rejects         561 
_reflns.pdbx_netI_over_sigmaI        23.200 
_reflns.pdbx_Rsym_value              ? 
_reflns.observed_criterion_sigma_F   1.0 
_reflns.observed_criterion_sigma_I   1.0 
_reflns.number_all                   19856 
_reflns.B_iso_Wilson_estimate        ? 
_reflns.R_free_details               ? 
_reflns.limit_h_max                  ? 
_reflns.limit_h_min                  ? 
_reflns.limit_k_max                  ? 
_reflns.limit_k_min                  ? 
_reflns.limit_l_max                  ? 
_reflns.limit_l_min                  ? 
_reflns.observed_criterion_F_max     ? 
_reflns.observed_criterion_F_min     ? 
_reflns.pdbx_diffrn_id               1 
_reflns.pdbx_ordinal                 1 
# 
_reflns_shell.d_res_low              2.07 
_reflns_shell.d_res_high             2.00 
_reflns_shell.number_measured_obs    42 
_reflns_shell.percent_possible_obs   99.900 
_reflns_shell.Rmerge_I_obs           0.129 
_reflns_shell.pdbx_chi_squared       1.180 
_reflns_shell.pdbx_redundancy        ? 
_reflns_shell.number_unique_obs      ? 
_reflns_shell.meanI_over_sigI_obs    7.800 
_reflns_shell.pdbx_Rsym_value        ? 
_reflns_shell.percent_possible_all   99.9 
_reflns_shell.number_unique_all      ? 
_reflns_shell.number_measured_all    ? 
_reflns_shell.pdbx_diffrn_id         ? 
_reflns_shell.pdbx_ordinal           1 
# 
_refine.ls_d_res_high                            2.000 
_refine.ls_d_res_low                             9.990 
_refine.pdbx_ls_sigma_F                          0.00 
_refine.pdbx_data_cutoff_high_absF               989785.438 
_refine.pdbx_data_cutoff_low_absF                0.000 
_refine.ls_percent_reflns_obs                    ? 
_refine.ls_number_reflns_obs                     10802 
_refine.pdbx_ls_cross_valid_method               THROUGHOUT 
_refine.pdbx_R_Free_selection_details            RANDOM 
_refine.ls_R_factor_R_work                       0.213 
_refine.ls_R_factor_R_free                       0.249 
_refine.ls_percent_reflns_R_free                 5.100 
_refine.ls_number_reflns_R_free                  1009 
_refine.ls_R_factor_R_free_error                 0.008 
_refine.B_iso_mean                               23.900 
_refine.solvent_model_param_bsol                 50.426 
_refine.solvent_model_param_ksol                 0.453 
_refine.pdbx_isotropic_thermal_model             RESTRAINED 
_refine.aniso_B[1][1]                            -2.530 
_refine.aniso_B[2][2]                            6.310 
_refine.aniso_B[3][3]                            -3.780 
_refine.aniso_B[1][2]                            0.000 
_refine.aniso_B[1][3]                            0.000 
_refine.aniso_B[2][3]                            0.000 
_refine.solvent_model_details                    'FLAT MODEL' 
_refine.pdbx_method_to_determine_struct          SAD 
_refine.entry_id                                 2BCX 
_refine.pdbx_ls_sigma_I                          ? 
_refine.ls_number_reflns_all                     19647 
_refine.ls_R_factor_all                          0.214 
_refine.ls_R_factor_obs                          0.214 
_refine.ls_redundancy_reflns_obs                 ? 
_refine.ls_number_parameters                     ? 
_refine.ls_number_restraints                     ? 
_refine.ls_R_factor_R_free_error_details         ? 
_refine.pdbx_starting_model                      ? 
_refine.pdbx_stereochem_target_val_spec_case     ? 
_refine.pdbx_stereochemistry_target_values       'Engh & Huber' 
_refine.occupancy_max                            ? 
_refine.occupancy_min                            ? 
_refine.details                                  ? 
_refine.B_iso_min                                ? 
_refine.B_iso_max                                ? 
_refine.correlation_coeff_Fo_to_Fc               ? 
_refine.correlation_coeff_Fo_to_Fc_free          ? 
_refine.pdbx_solvent_vdw_probe_radii             ? 
_refine.pdbx_solvent_ion_probe_radii             ? 
_refine.pdbx_solvent_shrinkage_radii             ? 
_refine.overall_SU_R_Cruickshank_DPI             ? 
_refine.overall_SU_R_free                        ? 
_refine.overall_SU_ML                            ? 
_refine.overall_SU_B                             ? 
_refine.pdbx_overall_ESU_R_Free                  ? 
_refine.pdbx_data_cutoff_high_rms_absF           ? 
_refine.pdbx_overall_ESU_R                       ? 
_refine.ls_wR_factor_R_free                      ? 
_refine.ls_wR_factor_R_work                      ? 
_refine.overall_FOM_free_R_set                   ? 
_refine.overall_FOM_work_R_set                   ? 
_refine.pdbx_refine_id                           'X-RAY DIFFRACTION' 
_refine.pdbx_diffrn_id                           1 
_refine.pdbx_TLS_residual_ADP_flag               ? 
_refine.pdbx_overall_phase_error                 ? 
_refine.pdbx_overall_SU_R_free_Cruickshank_DPI   ? 
_refine.pdbx_overall_SU_R_Blow_DPI               ? 
_refine.pdbx_overall_SU_R_free_Blow_DPI          ? 
# 
_refine_analyze.entry_id                        2BCX 
_refine_analyze.Luzzati_coordinate_error_obs    0.23 
_refine_analyze.Luzzati_sigma_a_obs             0.06 
_refine_analyze.Luzzati_d_res_low_obs           5.0 
_refine_analyze.Luzzati_coordinate_error_free   0.28 
_refine_analyze.Luzzati_sigma_a_free            0.1 
_refine_analyze.Luzzati_d_res_low_free          ? 
_refine_analyze.number_disordered_residues      ? 
_refine_analyze.occupancy_sum_non_hydrogen      ? 
_refine_analyze.occupancy_sum_hydrogen          ? 
_refine_analyze.pdbx_Luzzati_d_res_high_obs     ? 
_refine_analyze.pdbx_refine_id                  'X-RAY DIFFRACTION' 
# 
_refine_hist.pdbx_refine_id                   'X-RAY DIFFRACTION' 
_refine_hist.cycle_id                         LAST 
_refine_hist.pdbx_number_atoms_protein        1347 
_refine_hist.pdbx_number_atoms_nucleic_acid   0 
_refine_hist.pdbx_number_atoms_ligand         4 
_refine_hist.number_atoms_solvent             80 
_refine_hist.number_atoms_total               1431 
_refine_hist.d_res_high                       2.000 
_refine_hist.d_res_low                        9.990 
# 
loop_
_refine_ls_restr.type 
_refine_ls_restr.number 
_refine_ls_restr.dev_ideal 
_refine_ls_restr.dev_ideal_target 
_refine_ls_restr.weight 
_refine_ls_restr.pdbx_refine_id 
_refine_ls_restr.pdbx_restraint_function 
c_bond_d           ? 0.008  ? ?     'X-RAY DIFFRACTION' ? 
c_angle_deg        ? 1.200  ? ?     'X-RAY DIFFRACTION' ? 
c_dihedral_angle_d ? 20.200 ? ?     'X-RAY DIFFRACTION' ? 
c_improper_angle_d ? 1.130  ? ?     'X-RAY DIFFRACTION' ? 
c_mcbond_it        ? 1.270  ? 1.500 'X-RAY DIFFRACTION' ? 
c_mcangle_it       ? 1.920  ? 2.000 'X-RAY DIFFRACTION' ? 
c_scbond_it        ? 2.050  ? 2.000 'X-RAY DIFFRACTION' ? 
c_scangle_it       ? 3.070  ? 2.500 'X-RAY DIFFRACTION' ? 
# 
_refine_ls_shell.d_res_high                       2.000 
_refine_ls_shell.d_res_low                        2.120 
_refine_ls_shell.pdbx_total_number_of_bins_used   6 
_refine_ls_shell.percent_reflns_obs               99.800 
_refine_ls_shell.number_reflns_R_work             3050 
_refine_ls_shell.R_factor_R_work                  0.223 
_refine_ls_shell.R_factor_R_free                  0.255 
_refine_ls_shell.percent_reflns_R_free            5.400 
_refine_ls_shell.number_reflns_R_free             174 
_refine_ls_shell.R_factor_R_free_error            0.019 
_refine_ls_shell.number_reflns_all                3224 
_refine_ls_shell.number_reflns_obs                ? 
_refine_ls_shell.redundancy_reflns_obs            ? 
_refine_ls_shell.R_factor_all                     ? 
_refine_ls_shell.pdbx_refine_id                   'X-RAY DIFFRACTION' 
# 
loop_
_pdbx_xplor_file.serial_no 
_pdbx_xplor_file.param_file 
_pdbx_xplor_file.topol_file 
_pdbx_xplor_file.pdbx_refine_id 
1 protein.top protein_rep.param 'X-RAY DIFFRACTION' 
2 ion.top     ion.param         'X-RAY DIFFRACTION' 
3 water.top   water.param       'X-RAY DIFFRACTION' 
# 
_struct.entry_id                  2BCX 
_struct.title                     'Crystal structure of calmodulin in complex with a ryanodine receptor peptide' 
_struct.pdbx_model_details        ? 
_struct.pdbx_CASP_flag            ? 
_struct.pdbx_model_type_details   ? 
# 
_struct_keywords.entry_id        2BCX 
_struct_keywords.pdbx_keywords   'CALCIUM BINDING PROTEIN' 
_struct_keywords.text            'EF-hand, type-2 turn, CALCIUM BINDING PROTEIN' 
# 
loop_
_struct_asym.id 
_struct_asym.pdbx_blank_PDB_chainid_flag 
_struct_asym.pdbx_modified 
_struct_asym.entity_id 
_struct_asym.details 
A N N 1 ? 
B N N 2 ? 
C N N 3 ? 
D N N 3 ? 
E N N 3 ? 
F N N 3 ? 
G N N 4 ? 
H N N 4 ? 
# 
loop_
_struct_ref.id 
_struct_ref.db_name 
_struct_ref.db_code 
_struct_ref.pdbx_db_accession 
_struct_ref.entity_id 
_struct_ref.pdbx_seq_one_letter_code 
_struct_ref.pdbx_align_begin 
_struct_ref.pdbx_db_isoform 
1 UNP CALM_CHICK P62149 1 
;ADQLTEEQIAEFKEAFSLFDKDGDGTITTKELGTVMRSLGQNPTEAELQDMINEVDADGNGTIDFPEFLTMMARKMKDTD
SEEEIREAFRVFDKDGNGYISAAELRHVMTNLGEKLTDEEVDEMIREADIDGDGQVNYEEFVQMMTAK
;
1    ? 
2 UNP RYR1_RABIT P11716 2 KSKKAVWHKLLSKQRRRAVVACFRMTPLYN 3614 ? 
# 
loop_
_struct_ref_seq.align_id 
_struct_ref_seq.ref_id 
_struct_ref_seq.pdbx_PDB_id_code 
_struct_ref_seq.pdbx_strand_id 
_struct_ref_seq.seq_align_beg 
_struct_ref_seq.pdbx_seq_align_beg_ins_code 
_struct_ref_seq.seq_align_end 
_struct_ref_seq.pdbx_seq_align_end_ins_code 
_struct_ref_seq.pdbx_db_accession 
_struct_ref_seq.db_align_beg 
_struct_ref_seq.pdbx_db_align_beg_ins_code 
_struct_ref_seq.db_align_end 
_struct_ref_seq.pdbx_db_align_end_ins_code 
_struct_ref_seq.pdbx_auth_seq_align_beg 
_struct_ref_seq.pdbx_auth_seq_align_end 
1 1 2BCX A 1 ? 148 ? P62149 1    ? 148  ? 1    148  
2 2 2BCX B 1 ? 30  ? P11716 3614 ? 3643 ? 3614 3643 
# 
_pdbx_struct_assembly.id                   1 
_pdbx_struct_assembly.details              author_and_software_defined_assembly 
_pdbx_struct_assembly.method_details       PISA 
_pdbx_struct_assembly.oligomeric_details   dimeric 
_pdbx_struct_assembly.oligomeric_count     2 
# 
loop_
_pdbx_struct_assembly_prop.biol_id 
_pdbx_struct_assembly_prop.type 
_pdbx_struct_assembly_prop.value 
_pdbx_struct_assembly_prop.details 
1 'ABSA (A^2)' 3510 ? 
1 MORE         -77  ? 
1 'SSA (A^2)'  9410 ? 
# 
_pdbx_struct_assembly_gen.assembly_id       1 
_pdbx_struct_assembly_gen.oper_expression   1 
_pdbx_struct_assembly_gen.asym_id_list      A,B,C,D,E,F,G,H 
# 
_pdbx_struct_oper_list.id                   1 
_pdbx_struct_oper_list.type                 'identity operation' 
_pdbx_struct_oper_list.name                 1_555 
_pdbx_struct_oper_list.symmetry_operation   x,y,z 
_pdbx_struct_oper_list.matrix[1][1]         1.0000000000 
_pdbx_struct_oper_list.matrix[1][2]         0.0000000000 
_pdbx_struct_oper_list.matrix[1][3]         0.0000000000 
_pdbx_struct_oper_list.vector[1]            0.0000000000 
_pdbx_struct_oper_list.matrix[2][1]         0.0000000000 
_pdbx_struct_oper_list.matrix[2][2]         1.0000000000 
_pdbx_struct_oper_list.matrix[2][3]         0.0000000000 
_pdbx_struct_oper_list.vector[2]            0.0000000000 
_pdbx_struct_oper_list.matrix[3][1]         0.0000000000 
_pdbx_struct_oper_list.matrix[3][2]         0.0000000000 
_pdbx_struct_oper_list.matrix[3][3]         1.0000000000 
_pdbx_struct_oper_list.vector[3]            0.0000000000 
# 
loop_
_struct_conf.conf_type_id 
_struct_conf.id 
_struct_conf.pdbx_PDB_helix_id 
_struct_conf.beg_label_comp_id 
_struct_conf.beg_label_asym_id 
_struct_conf.beg_label_seq_id 
_struct_conf.pdbx_beg_PDB_ins_code 
_struct_conf.end_label_comp_id 
_struct_conf.end_label_asym_id 
_struct_conf.end_label_seq_id 
_struct_conf.pdbx_end_PDB_ins_code 
_struct_conf.beg_auth_comp_id 
_struct_conf.beg_auth_asym_id 
_struct_conf.beg_auth_seq_id 
_struct_conf.end_auth_comp_id 
_struct_conf.end_auth_asym_id 
_struct_conf.end_auth_seq_id 
_struct_conf.pdbx_PDB_helix_class 
_struct_conf.details 
_struct_conf.pdbx_PDB_helix_length 
HELX_P HELX_P1 1 THR A 5   ? LEU A 18  ? THR A 5    LEU A 18   1 ? 14 
HELX_P HELX_P2 2 THR A 28  ? LEU A 39  ? THR A 28   LEU A 39   1 ? 12 
HELX_P HELX_P3 3 THR A 44  ? GLU A 54  ? THR A 44   GLU A 54   1 ? 11 
HELX_P HELX_P4 4 PHE A 65  ? LYS A 77  ? PHE A 65   LYS A 77   1 ? 13 
HELX_P HELX_P5 5 GLU A 83  ? ASP A 93  ? GLU A 83   ASP A 93   1 ? 11 
HELX_P HELX_P6 6 SER A 101 ? LEU A 112 ? SER A 101  LEU A 112  1 ? 12 
HELX_P HELX_P7 7 THR A 117 ? ASP A 129 ? THR A 117  ASP A 129  1 ? 13 
HELX_P HELX_P8 8 TYR A 138 ? MET A 145 ? TYR A 138  MET A 145  1 ? 8  
HELX_P HELX_P9 9 LYS B 3   ? THR B 26  ? LYS B 3616 THR B 3639 1 ? 24 
# 
_struct_conf_type.id          HELX_P 
_struct_conf_type.criteria    ? 
_struct_conf_type.reference   ? 
# 
loop_
_struct_conn.id 
_struct_conn.conn_type_id 
_struct_conn.pdbx_leaving_atom_flag 
_struct_conn.pdbx_PDB_id 
_struct_conn.ptnr1_label_asym_id 
_struct_conn.ptnr1_label_comp_id 
_struct_conn.ptnr1_label_seq_id 
_struct_conn.ptnr1_label_atom_id 
_struct_conn.pdbx_ptnr1_label_alt_id 
_struct_conn.pdbx_ptnr1_PDB_ins_code 
_struct_conn.pdbx_ptnr1_standard_comp_id 
_struct_conn.ptnr1_symmetry 
_struct_conn.ptnr2_label_asym_id 
_struct_conn.ptnr2_label_comp_id 
_struct_conn.ptnr2_label_seq_id 
_struct_conn.ptnr2_label_atom_id 
_struct_conn.pdbx_ptnr2_label_alt_id 
_struct_conn.pdbx_ptnr2_PDB_ins_code 
_struct_conn.ptnr1_auth_asym_id 
_struct_conn.ptnr1_auth_comp_id 
_struct_conn.ptnr1_auth_seq_id 
_struct_conn.ptnr2_auth_asym_id 
_struct_conn.ptnr2_auth_comp_id 
_struct_conn.ptnr2_auth_seq_id 
_struct_conn.ptnr2_symmetry 
_struct_conn.pdbx_ptnr3_label_atom_id 
_struct_conn.pdbx_ptnr3_label_seq_id 
_struct_conn.pdbx_ptnr3_label_comp_id 
_struct_conn.pdbx_ptnr3_label_asym_id 
_struct_conn.pdbx_ptnr3_label_alt_id 
_struct_conn.pdbx_ptnr3_PDB_ins_code 
_struct_conn.details 
_struct_conn.pdbx_dist_value 
_struct_conn.pdbx_value_order 
_struct_conn.pdbx_role 
metalc1  metalc ? ? A ASP 20  OD1 ? ? ? 1_555 C CA  . CA ? ? A ASP 20  A CA  149 1_555 ? ? ? ? ? ? ? 2.232 ? ? 
metalc2  metalc ? ? A ASP 22  OD1 ? ? ? 1_555 C CA  . CA ? ? A ASP 22  A CA  149 1_555 ? ? ? ? ? ? ? 2.259 ? ? 
metalc3  metalc ? ? A ASP 24  OD1 ? ? ? 1_555 C CA  . CA ? ? A ASP 24  A CA  149 1_555 ? ? ? ? ? ? ? 2.402 ? ? 
metalc4  metalc ? ? A THR 26  O   ? ? ? 1_555 C CA  . CA ? ? A THR 26  A CA  149 1_555 ? ? ? ? ? ? ? 2.373 ? ? 
metalc5  metalc ? ? A GLU 31  OE2 ? ? ? 1_555 C CA  . CA ? ? A GLU 31  A CA  149 1_555 ? ? ? ? ? ? ? 2.478 ? ? 
metalc6  metalc ? ? A GLU 31  OE1 ? ? ? 1_555 C CA  . CA ? ? A GLU 31  A CA  149 1_555 ? ? ? ? ? ? ? 2.604 ? ? 
metalc7  metalc ? ? A ASP 56  OD1 ? ? ? 1_555 D CA  . CA ? ? A ASP 56  A CA  150 1_555 ? ? ? ? ? ? ? 2.134 ? ? 
metalc8  metalc ? ? A ASP 58  OD1 ? ? ? 1_555 D CA  . CA ? ? A ASP 58  A CA  150 1_555 ? ? ? ? ? ? ? 2.427 ? ? 
metalc9  metalc ? ? A ASN 60  OD1 ? ? ? 1_555 D CA  . CA ? ? A ASN 60  A CA  150 1_555 ? ? ? ? ? ? ? 2.347 ? ? 
metalc10 metalc ? ? A THR 62  O   ? ? ? 1_555 D CA  . CA ? ? A THR 62  A CA  150 1_555 ? ? ? ? ? ? ? 2.399 ? ? 
metalc11 metalc ? ? A GLU 67  OE1 ? ? ? 1_555 D CA  . CA ? ? A GLU 67  A CA  150 1_555 ? ? ? ? ? ? ? 2.476 ? ? 
metalc12 metalc ? ? A GLU 67  OE2 ? ? ? 1_555 D CA  . CA ? ? A GLU 67  A CA  150 1_555 ? ? ? ? ? ? ? 2.451 ? ? 
metalc13 metalc ? ? A ASP 93  OD1 ? ? ? 1_555 E CA  . CA ? ? A ASP 93  A CA  151 1_555 ? ? ? ? ? ? ? 2.217 ? ? 
metalc14 metalc ? ? A ASP 95  OD1 ? ? ? 1_555 E CA  . CA ? ? A ASP 95  A CA  151 1_555 ? ? ? ? ? ? ? 2.306 ? ? 
metalc15 metalc ? ? A ASN 97  OD1 ? ? ? 1_555 E CA  . CA ? ? A ASN 97  A CA  151 1_555 ? ? ? ? ? ? ? 2.559 ? ? 
metalc16 metalc ? ? A TYR 99  O   ? ? ? 1_555 E CA  . CA ? ? A TYR 99  A CA  151 1_555 ? ? ? ? ? ? ? 2.286 ? ? 
metalc17 metalc ? ? A GLU 104 OE2 ? ? ? 1_555 E CA  . CA ? ? A GLU 104 A CA  151 1_555 ? ? ? ? ? ? ? 2.437 ? ? 
metalc18 metalc ? ? A GLU 104 OE1 ? ? ? 1_555 E CA  . CA ? ? A GLU 104 A CA  151 1_555 ? ? ? ? ? ? ? 2.469 ? ? 
metalc19 metalc ? ? A ASP 129 OD1 ? ? ? 1_555 F CA  . CA ? ? A ASP 129 A CA  152 1_555 ? ? ? ? ? ? ? 2.208 ? ? 
metalc20 metalc ? ? A ASP 131 OD1 ? ? ? 1_555 F CA  . CA ? ? A ASP 131 A CA  152 1_555 ? ? ? ? ? ? ? 2.397 ? ? 
metalc21 metalc ? ? A ASP 133 OD1 ? ? ? 1_555 F CA  . CA ? ? A ASP 133 A CA  152 1_555 ? ? ? ? ? ? ? 2.442 ? ? 
metalc22 metalc ? ? A GLN 135 O   ? ? ? 1_555 F CA  . CA ? ? A GLN 135 A CA  152 1_555 ? ? ? ? ? ? ? 2.414 ? ? 
metalc23 metalc ? ? A GLU 140 OE1 ? ? ? 1_555 F CA  . CA ? ? A GLU 140 A CA  152 1_555 ? ? ? ? ? ? ? 2.496 ? ? 
metalc24 metalc ? ? A GLU 140 OE2 ? ? ? 1_555 F CA  . CA ? ? A GLU 140 A CA  152 1_555 ? ? ? ? ? ? ? 2.632 ? ? 
metalc25 metalc ? ? C CA  .   CA  ? ? ? 1_555 G HOH . O  ? ? A CA  149 A HOH 171 1_555 ? ? ? ? ? ? ? 2.539 ? ? 
metalc26 metalc ? ? E CA  .   CA  ? ? ? 1_555 G HOH . O  ? ? A CA  151 A HOH 160 1_555 ? ? ? ? ? ? ? 2.401 ? ? 
metalc27 metalc ? ? F CA  .   CA  ? ? ? 1_555 G HOH . O  ? ? A CA  152 A HOH 154 1_555 ? ? ? ? ? ? ? 2.437 ? ? 
# 
_struct_conn_type.id          metalc 
_struct_conn_type.criteria    ? 
_struct_conn_type.reference   ? 
# 
loop_
_pdbx_struct_conn_angle.id 
_pdbx_struct_conn_angle.ptnr1_label_atom_id 
_pdbx_struct_conn_angle.ptnr1_label_alt_id 
_pdbx_struct_conn_angle.ptnr1_label_asym_id 
_pdbx_struct_conn_angle.ptnr1_label_comp_id 
_pdbx_struct_conn_angle.ptnr1_label_seq_id 
_pdbx_struct_conn_angle.ptnr1_auth_atom_id 
_pdbx_struct_conn_angle.ptnr1_auth_asym_id 
_pdbx_struct_conn_angle.ptnr1_auth_comp_id 
_pdbx_struct_conn_angle.ptnr1_auth_seq_id 
_pdbx_struct_conn_angle.ptnr1_PDB_ins_code 
_pdbx_struct_conn_angle.ptnr1_symmetry 
_pdbx_struct_conn_angle.ptnr2_label_atom_id 
_pdbx_struct_conn_angle.ptnr2_label_alt_id 
_pdbx_struct_conn_angle.ptnr2_label_asym_id 
_pdbx_struct_conn_angle.ptnr2_label_comp_id 
_pdbx_struct_conn_angle.ptnr2_label_seq_id 
_pdbx_struct_conn_angle.ptnr2_auth_atom_id 
_pdbx_struct_conn_angle.ptnr2_auth_asym_id 
_pdbx_struct_conn_angle.ptnr2_auth_comp_id 
_pdbx_struct_conn_angle.ptnr2_auth_seq_id 
_pdbx_struct_conn_angle.ptnr2_PDB_ins_code 
_pdbx_struct_conn_angle.ptnr2_symmetry 
_pdbx_struct_conn_angle.ptnr3_label_atom_id 
_pdbx_struct_conn_angle.ptnr3_label_alt_id 
_pdbx_struct_conn_angle.ptnr3_label_asym_id 
_pdbx_struct_conn_angle.ptnr3_label_comp_id 
_pdbx_struct_conn_angle.ptnr3_label_seq_id 
_pdbx_struct_conn_angle.ptnr3_auth_atom_id 
_pdbx_struct_conn_angle.ptnr3_auth_asym_id 
_pdbx_struct_conn_angle.ptnr3_auth_comp_id 
_pdbx_struct_conn_angle.ptnr3_auth_seq_id 
_pdbx_struct_conn_angle.ptnr3_PDB_ins_code 
_pdbx_struct_conn_angle.ptnr3_symmetry 
_pdbx_struct_conn_angle.value 
_pdbx_struct_conn_angle.value_esd 
1  OD1 ? A ASP 20  ? A ASP 20  ? 1_555 CA ? C CA . ? A CA 149 ? 1_555 OD1 ? A ASP 22  ? A ASP 22  ? 1_555 77.7  ? 
2  OD1 ? A ASP 20  ? A ASP 20  ? 1_555 CA ? C CA . ? A CA 149 ? 1_555 OD1 ? A ASP 24  ? A ASP 24  ? 1_555 89.3  ? 
3  OD1 ? A ASP 22  ? A ASP 22  ? 1_555 CA ? C CA . ? A CA 149 ? 1_555 OD1 ? A ASP 24  ? A ASP 24  ? 1_555 81.6  ? 
4  OD1 ? A ASP 20  ? A ASP 20  ? 1_555 CA ? C CA . ? A CA 149 ? 1_555 O   ? A THR 26  ? A THR 26  ? 1_555 81.7  ? 
5  OD1 ? A ASP 22  ? A ASP 22  ? 1_555 CA ? C CA . ? A CA 149 ? 1_555 O   ? A THR 26  ? A THR 26  ? 1_555 154.5 ? 
6  OD1 ? A ASP 24  ? A ASP 24  ? 1_555 CA ? C CA . ? A CA 149 ? 1_555 O   ? A THR 26  ? A THR 26  ? 1_555 83.2  ? 
7  OD1 ? A ASP 20  ? A ASP 20  ? 1_555 CA ? C CA . ? A CA 149 ? 1_555 OE2 ? A GLU 31  ? A GLU 31  ? 1_555 92.4  ? 
8  OD1 ? A ASP 22  ? A ASP 22  ? 1_555 CA ? C CA . ? A CA 149 ? 1_555 OE2 ? A GLU 31  ? A GLU 31  ? 1_555 77.8  ? 
9  OD1 ? A ASP 24  ? A ASP 24  ? 1_555 CA ? C CA . ? A CA 149 ? 1_555 OE2 ? A GLU 31  ? A GLU 31  ? 1_555 158.4 ? 
10 O   ? A THR 26  ? A THR 26  ? 1_555 CA ? C CA . ? A CA 149 ? 1_555 OE2 ? A GLU 31  ? A GLU 31  ? 1_555 118.3 ? 
11 OD1 ? A ASP 20  ? A ASP 20  ? 1_555 CA ? C CA . ? A CA 149 ? 1_555 OE1 ? A GLU 31  ? A GLU 31  ? 1_555 107.1 ? 
12 OD1 ? A ASP 22  ? A ASP 22  ? 1_555 CA ? C CA . ? A CA 149 ? 1_555 OE1 ? A GLU 31  ? A GLU 31  ? 1_555 128.5 ? 
13 OD1 ? A ASP 24  ? A ASP 24  ? 1_555 CA ? C CA . ? A CA 149 ? 1_555 OE1 ? A GLU 31  ? A GLU 31  ? 1_555 147.7 ? 
14 O   ? A THR 26  ? A THR 26  ? 1_555 CA ? C CA . ? A CA 149 ? 1_555 OE1 ? A GLU 31  ? A GLU 31  ? 1_555 72.2  ? 
15 OE2 ? A GLU 31  ? A GLU 31  ? 1_555 CA ? C CA . ? A CA 149 ? 1_555 OE1 ? A GLU 31  ? A GLU 31  ? 1_555 51.1  ? 
16 OD1 ? A ASP 20  ? A ASP 20  ? 1_555 CA ? C CA . ? A CA 149 ? 1_555 O   ? G HOH .   ? A HOH 171 ? 1_555 163.7 ? 
17 OD1 ? A ASP 22  ? A ASP 22  ? 1_555 CA ? C CA . ? A CA 149 ? 1_555 O   ? G HOH .   ? A HOH 171 ? 1_555 86.2  ? 
18 OD1 ? A ASP 24  ? A ASP 24  ? 1_555 CA ? C CA . ? A CA 149 ? 1_555 O   ? G HOH .   ? A HOH 171 ? 1_555 86.0  ? 
19 O   ? A THR 26  ? A THR 26  ? 1_555 CA ? C CA . ? A CA 149 ? 1_555 O   ? G HOH .   ? A HOH 171 ? 1_555 113.1 ? 
20 OE2 ? A GLU 31  ? A GLU 31  ? 1_555 CA ? C CA . ? A CA 149 ? 1_555 O   ? G HOH .   ? A HOH 171 ? 1_555 86.4  ? 
21 OE1 ? A GLU 31  ? A GLU 31  ? 1_555 CA ? C CA . ? A CA 149 ? 1_555 O   ? G HOH .   ? A HOH 171 ? 1_555 84.7  ? 
22 OD1 ? A ASP 56  ? A ASP 56  ? 1_555 CA ? D CA . ? A CA 150 ? 1_555 OD1 ? A ASP 58  ? A ASP 58  ? 1_555 80.9  ? 
23 OD1 ? A ASP 56  ? A ASP 56  ? 1_555 CA ? D CA . ? A CA 150 ? 1_555 OD1 ? A ASN 60  ? A ASN 60  ? 1_555 92.3  ? 
24 OD1 ? A ASP 58  ? A ASP 58  ? 1_555 CA ? D CA . ? A CA 150 ? 1_555 OD1 ? A ASN 60  ? A ASN 60  ? 1_555 78.3  ? 
25 OD1 ? A ASP 56  ? A ASP 56  ? 1_555 CA ? D CA . ? A CA 150 ? 1_555 O   ? A THR 62  ? A THR 62  ? 1_555 86.7  ? 
26 OD1 ? A ASP 58  ? A ASP 58  ? 1_555 CA ? D CA . ? A CA 150 ? 1_555 O   ? A THR 62  ? A THR 62  ? 1_555 151.9 ? 
27 OD1 ? A ASN 60  ? A ASN 60  ? 1_555 CA ? D CA . ? A CA 150 ? 1_555 O   ? A THR 62  ? A THR 62  ? 1_555 77.1  ? 
28 OD1 ? A ASP 56  ? A ASP 56  ? 1_555 CA ? D CA . ? A CA 150 ? 1_555 OE1 ? A GLU 67  ? A GLU 67  ? 1_555 103.3 ? 
29 OD1 ? A ASP 58  ? A ASP 58  ? 1_555 CA ? D CA . ? A CA 150 ? 1_555 OE1 ? A GLU 67  ? A GLU 67  ? 1_555 126.3 ? 
30 OD1 ? A ASN 60  ? A ASN 60  ? 1_555 CA ? D CA . ? A CA 150 ? 1_555 OE1 ? A GLU 67  ? A GLU 67  ? 1_555 152.2 ? 
31 O   ? A THR 62  ? A THR 62  ? 1_555 CA ? D CA . ? A CA 150 ? 1_555 OE1 ? A GLU 67  ? A GLU 67  ? 1_555 81.0  ? 
32 OD1 ? A ASP 56  ? A ASP 56  ? 1_555 CA ? D CA . ? A CA 150 ? 1_555 OE2 ? A GLU 67  ? A GLU 67  ? 1_555 94.1  ? 
33 OD1 ? A ASP 58  ? A ASP 58  ? 1_555 CA ? D CA . ? A CA 150 ? 1_555 OE2 ? A GLU 67  ? A GLU 67  ? 1_555 73.7  ? 
34 OD1 ? A ASN 60  ? A ASN 60  ? 1_555 CA ? D CA . ? A CA 150 ? 1_555 OE2 ? A GLU 67  ? A GLU 67  ? 1_555 149.9 ? 
35 O   ? A THR 62  ? A THR 62  ? 1_555 CA ? D CA . ? A CA 150 ? 1_555 OE2 ? A GLU 67  ? A GLU 67  ? 1_555 132.7 ? 
36 OE1 ? A GLU 67  ? A GLU 67  ? 1_555 CA ? D CA . ? A CA 150 ? 1_555 OE2 ? A GLU 67  ? A GLU 67  ? 1_555 52.7  ? 
37 OD1 ? A ASP 93  ? A ASP 93  ? 1_555 CA ? E CA . ? A CA 151 ? 1_555 OD1 ? A ASP 95  ? A ASP 95  ? 1_555 85.2  ? 
38 OD1 ? A ASP 93  ? A ASP 93  ? 1_555 CA ? E CA . ? A CA 151 ? 1_555 OD1 ? A ASN 97  ? A ASN 97  ? 1_555 80.8  ? 
39 OD1 ? A ASP 95  ? A ASP 95  ? 1_555 CA ? E CA . ? A CA 151 ? 1_555 OD1 ? A ASN 97  ? A ASN 97  ? 1_555 77.7  ? 
40 OD1 ? A ASP 93  ? A ASP 93  ? 1_555 CA ? E CA . ? A CA 151 ? 1_555 O   ? A TYR 99  ? A TYR 99  ? 1_555 82.8  ? 
41 OD1 ? A ASP 95  ? A ASP 95  ? 1_555 CA ? E CA . ? A CA 151 ? 1_555 O   ? A TYR 99  ? A TYR 99  ? 1_555 155.1 ? 
42 OD1 ? A ASN 97  ? A ASN 97  ? 1_555 CA ? E CA . ? A CA 151 ? 1_555 O   ? A TYR 99  ? A TYR 99  ? 1_555 78.9  ? 
43 OD1 ? A ASP 93  ? A ASP 93  ? 1_555 CA ? E CA . ? A CA 151 ? 1_555 OE2 ? A GLU 104 ? A GLU 104 ? 1_555 103.6 ? 
44 OD1 ? A ASP 95  ? A ASP 95  ? 1_555 CA ? E CA . ? A CA 151 ? 1_555 OE2 ? A GLU 104 ? A GLU 104 ? 1_555 128.7 ? 
45 OD1 ? A ASN 97  ? A ASN 97  ? 1_555 CA ? E CA . ? A CA 151 ? 1_555 OE2 ? A GLU 104 ? A GLU 104 ? 1_555 153.2 ? 
46 O   ? A TYR 99  ? A TYR 99  ? 1_555 CA ? E CA . ? A CA 151 ? 1_555 OE2 ? A GLU 104 ? A GLU 104 ? 1_555 75.5  ? 
47 OD1 ? A ASP 93  ? A ASP 93  ? 1_555 CA ? E CA . ? A CA 151 ? 1_555 OE1 ? A GLU 104 ? A GLU 104 ? 1_555 95.2  ? 
48 OD1 ? A ASP 95  ? A ASP 95  ? 1_555 CA ? E CA . ? A CA 151 ? 1_555 OE1 ? A GLU 104 ? A GLU 104 ? 1_555 75.7  ? 
49 OD1 ? A ASN 97  ? A ASN 97  ? 1_555 CA ? E CA . ? A CA 151 ? 1_555 OE1 ? A GLU 104 ? A GLU 104 ? 1_555 153.3 ? 
50 O   ? A TYR 99  ? A TYR 99  ? 1_555 CA ? E CA . ? A CA 151 ? 1_555 OE1 ? A GLU 104 ? A GLU 104 ? 1_555 127.0 ? 
51 OE2 ? A GLU 104 ? A GLU 104 ? 1_555 CA ? E CA . ? A CA 151 ? 1_555 OE1 ? A GLU 104 ? A GLU 104 ? 1_555 53.4  ? 
52 OD1 ? A ASP 93  ? A ASP 93  ? 1_555 CA ? E CA . ? A CA 151 ? 1_555 O   ? G HOH .   ? A HOH 160 ? 1_555 159.6 ? 
53 OD1 ? A ASP 95  ? A ASP 95  ? 1_555 CA ? E CA . ? A CA 151 ? 1_555 O   ? G HOH .   ? A HOH 160 ? 1_555 101.5 ? 
54 OD1 ? A ASN 97  ? A ASN 97  ? 1_555 CA ? E CA . ? A CA 151 ? 1_555 O   ? G HOH .   ? A HOH 160 ? 1_555 82.0  ? 
55 O   ? A TYR 99  ? A TYR 99  ? 1_555 CA ? E CA . ? A CA 151 ? 1_555 O   ? G HOH .   ? A HOH 160 ? 1_555 83.4  ? 
56 OE2 ? A GLU 104 ? A GLU 104 ? 1_555 CA ? E CA . ? A CA 151 ? 1_555 O   ? G HOH .   ? A HOH 160 ? 1_555 87.3  ? 
57 OE1 ? A GLU 104 ? A GLU 104 ? 1_555 CA ? E CA . ? A CA 151 ? 1_555 O   ? G HOH .   ? A HOH 160 ? 1_555 105.0 ? 
58 OD1 ? A ASP 129 ? A ASP 129 ? 1_555 CA ? F CA . ? A CA 152 ? 1_555 OD1 ? A ASP 131 ? A ASP 131 ? 1_555 77.6  ? 
59 OD1 ? A ASP 129 ? A ASP 129 ? 1_555 CA ? F CA . ? A CA 152 ? 1_555 OD1 ? A ASP 133 ? A ASP 133 ? 1_555 90.2  ? 
60 OD1 ? A ASP 131 ? A ASP 131 ? 1_555 CA ? F CA . ? A CA 152 ? 1_555 OD1 ? A ASP 133 ? A ASP 133 ? 1_555 81.7  ? 
61 OD1 ? A ASP 129 ? A ASP 129 ? 1_555 CA ? F CA . ? A CA 152 ? 1_555 O   ? A GLN 135 ? A GLN 135 ? 1_555 88.6  ? 
62 OD1 ? A ASP 131 ? A ASP 131 ? 1_555 CA ? F CA . ? A CA 152 ? 1_555 O   ? A GLN 135 ? A GLN 135 ? 1_555 151.8 ? 
63 OD1 ? A ASP 133 ? A ASP 133 ? 1_555 CA ? F CA . ? A CA 152 ? 1_555 O   ? A GLN 135 ? A GLN 135 ? 1_555 73.7  ? 
64 OD1 ? A ASP 129 ? A ASP 129 ? 1_555 CA ? F CA . ? A CA 152 ? 1_555 OE1 ? A GLU 140 ? A GLU 140 ? 1_555 109.9 ? 
65 OD1 ? A ASP 131 ? A ASP 131 ? 1_555 CA ? F CA . ? A CA 152 ? 1_555 OE1 ? A GLU 140 ? A GLU 140 ? 1_555 127.9 ? 
66 OD1 ? A ASP 133 ? A ASP 133 ? 1_555 CA ? F CA . ? A CA 152 ? 1_555 OE1 ? A GLU 140 ? A GLU 140 ? 1_555 146.3 ? 
67 O   ? A GLN 135 ? A GLN 135 ? 1_555 CA ? F CA . ? A CA 152 ? 1_555 OE1 ? A GLU 140 ? A GLU 140 ? 1_555 79.9  ? 
68 OD1 ? A ASP 129 ? A ASP 129 ? 1_555 CA ? F CA . ? A CA 152 ? 1_555 OE2 ? A GLU 140 ? A GLU 140 ? 1_555 91.2  ? 
69 OD1 ? A ASP 131 ? A ASP 131 ? 1_555 CA ? F CA . ? A CA 152 ? 1_555 OE2 ? A GLU 140 ? A GLU 140 ? 1_555 78.5  ? 
70 OD1 ? A ASP 133 ? A ASP 133 ? 1_555 CA ? F CA . ? A CA 152 ? 1_555 OE2 ? A GLU 140 ? A GLU 140 ? 1_555 159.3 ? 
71 O   ? A GLN 135 ? A GLN 135 ? 1_555 CA ? F CA . ? A CA 152 ? 1_555 OE2 ? A GLU 140 ? A GLU 140 ? 1_555 126.9 ? 
72 OE1 ? A GLU 140 ? A GLU 140 ? 1_555 CA ? F CA . ? A CA 152 ? 1_555 OE2 ? A GLU 140 ? A GLU 140 ? 1_555 50.6  ? 
73 OD1 ? A ASP 129 ? A ASP 129 ? 1_555 CA ? F CA . ? A CA 152 ? 1_555 O   ? G HOH .   ? A HOH 154 ? 1_555 164.7 ? 
74 OD1 ? A ASP 131 ? A ASP 131 ? 1_555 CA ? F CA . ? A CA 152 ? 1_555 O   ? G HOH .   ? A HOH 154 ? 1_555 88.3  ? 
75 OD1 ? A ASP 133 ? A ASP 133 ? 1_555 CA ? F CA . ? A CA 152 ? 1_555 O   ? G HOH .   ? A HOH 154 ? 1_555 81.8  ? 
76 O   ? A GLN 135 ? A GLN 135 ? 1_555 CA ? F CA . ? A CA 152 ? 1_555 O   ? G HOH .   ? A HOH 154 ? 1_555 101.5 ? 
77 OE1 ? A GLU 140 ? A GLU 140 ? 1_555 CA ? F CA . ? A CA 152 ? 1_555 O   ? G HOH .   ? A HOH 154 ? 1_555 83.4  ? 
78 OE2 ? A GLU 140 ? A GLU 140 ? 1_555 CA ? F CA . ? A CA 152 ? 1_555 O   ? G HOH .   ? A HOH 154 ? 1_555 91.7  ? 
# 
loop_
_struct_sheet.id 
_struct_sheet.type 
_struct_sheet.number_strands 
_struct_sheet.details 
A ? 2 ? 
B ? 2 ? 
# 
loop_
_struct_sheet_order.sheet_id 
_struct_sheet_order.range_id_1 
_struct_sheet_order.range_id_2 
_struct_sheet_order.offset 
_struct_sheet_order.sense 
A 1 2 ? anti-parallel 
B 1 2 ? anti-parallel 
# 
loop_
_struct_sheet_range.sheet_id 
_struct_sheet_range.id 
_struct_sheet_range.beg_label_comp_id 
_struct_sheet_range.beg_label_asym_id 
_struct_sheet_range.beg_label_seq_id 
_struct_sheet_range.pdbx_beg_PDB_ins_code 
_struct_sheet_range.end_label_comp_id 
_struct_sheet_range.end_label_asym_id 
_struct_sheet_range.end_label_seq_id 
_struct_sheet_range.pdbx_end_PDB_ins_code 
_struct_sheet_range.beg_auth_comp_id 
_struct_sheet_range.beg_auth_asym_id 
_struct_sheet_range.beg_auth_seq_id 
_struct_sheet_range.end_auth_comp_id 
_struct_sheet_range.end_auth_asym_id 
_struct_sheet_range.end_auth_seq_id 
A 1 THR A 26  ? ILE A 27  ? THR A 26  ILE A 27  
A 2 ILE A 63  ? ASP A 64  ? ILE A 63  ASP A 64  
B 1 TYR A 99  ? ILE A 100 ? TYR A 99  ILE A 100 
B 2 VAL A 136 ? ASN A 137 ? VAL A 136 ASN A 137 
# 
loop_
_pdbx_struct_sheet_hbond.sheet_id 
_pdbx_struct_sheet_hbond.range_id_1 
_pdbx_struct_sheet_hbond.range_id_2 
_pdbx_struct_sheet_hbond.range_1_label_atom_id 
_pdbx_struct_sheet_hbond.range_1_label_comp_id 
_pdbx_struct_sheet_hbond.range_1_label_asym_id 
_pdbx_struct_sheet_hbond.range_1_label_seq_id 
_pdbx_struct_sheet_hbond.range_1_PDB_ins_code 
_pdbx_struct_sheet_hbond.range_1_auth_atom_id 
_pdbx_struct_sheet_hbond.range_1_auth_comp_id 
_pdbx_struct_sheet_hbond.range_1_auth_asym_id 
_pdbx_struct_sheet_hbond.range_1_auth_seq_id 
_pdbx_struct_sheet_hbond.range_2_label_atom_id 
_pdbx_struct_sheet_hbond.range_2_label_comp_id 
_pdbx_struct_sheet_hbond.range_2_label_asym_id 
_pdbx_struct_sheet_hbond.range_2_label_seq_id 
_pdbx_struct_sheet_hbond.range_2_PDB_ins_code 
_pdbx_struct_sheet_hbond.range_2_auth_atom_id 
_pdbx_struct_sheet_hbond.range_2_auth_comp_id 
_pdbx_struct_sheet_hbond.range_2_auth_asym_id 
_pdbx_struct_sheet_hbond.range_2_auth_seq_id 
A 1 2 N ILE A 27  ? N ILE A 27  O ILE A 63  ? O ILE A 63  
B 1 2 N ILE A 100 ? N ILE A 100 O VAL A 136 ? O VAL A 136 
# 
loop_
_struct_site.id 
_struct_site.pdbx_evidence_code 
_struct_site.pdbx_auth_asym_id 
_struct_site.pdbx_auth_comp_id 
_struct_site.pdbx_auth_seq_id 
_struct_site.pdbx_auth_ins_code 
_struct_site.pdbx_num_residues 
_struct_site.details 
AC1 Software A CA 149 ? 6 'BINDING SITE FOR RESIDUE CA A 149' 
AC2 Software A CA 150 ? 5 'BINDING SITE FOR RESIDUE CA A 150' 
AC3 Software A CA 151 ? 6 'BINDING SITE FOR RESIDUE CA A 151' 
AC4 Software A CA 152 ? 6 'BINDING SITE FOR RESIDUE CA A 152' 
# 
loop_
_struct_site_gen.id 
_struct_site_gen.site_id 
_struct_site_gen.pdbx_num_res 
_struct_site_gen.label_comp_id 
_struct_site_gen.label_asym_id 
_struct_site_gen.label_seq_id 
_struct_site_gen.pdbx_auth_ins_code 
_struct_site_gen.auth_comp_id 
_struct_site_gen.auth_asym_id 
_struct_site_gen.auth_seq_id 
_struct_site_gen.label_atom_id 
_struct_site_gen.label_alt_id 
_struct_site_gen.symmetry 
_struct_site_gen.details 
1  AC1 6 ASP A 20  ? ASP A 20  . ? 1_555 ? 
2  AC1 6 ASP A 22  ? ASP A 22  . ? 1_555 ? 
3  AC1 6 ASP A 24  ? ASP A 24  . ? 1_555 ? 
4  AC1 6 THR A 26  ? THR A 26  . ? 1_555 ? 
5  AC1 6 GLU A 31  ? GLU A 31  . ? 1_555 ? 
6  AC1 6 HOH G .   ? HOH A 171 . ? 1_555 ? 
7  AC2 5 ASP A 56  ? ASP A 56  . ? 1_555 ? 
8  AC2 5 ASP A 58  ? ASP A 58  . ? 1_555 ? 
9  AC2 5 ASN A 60  ? ASN A 60  . ? 1_555 ? 
10 AC2 5 THR A 62  ? THR A 62  . ? 1_555 ? 
11 AC2 5 GLU A 67  ? GLU A 67  . ? 1_555 ? 
12 AC3 6 ASP A 93  ? ASP A 93  . ? 1_555 ? 
13 AC3 6 ASP A 95  ? ASP A 95  . ? 1_555 ? 
14 AC3 6 ASN A 97  ? ASN A 97  . ? 1_555 ? 
15 AC3 6 TYR A 99  ? TYR A 99  . ? 1_555 ? 
16 AC3 6 GLU A 104 ? GLU A 104 . ? 1_555 ? 
17 AC3 6 HOH G .   ? HOH A 160 . ? 1_555 ? 
18 AC4 6 ASP A 129 ? ASP A 129 . ? 1_555 ? 
19 AC4 6 ASP A 131 ? ASP A 131 . ? 1_555 ? 
20 AC4 6 ASP A 133 ? ASP A 133 . ? 1_555 ? 
21 AC4 6 GLN A 135 ? GLN A 135 . ? 1_555 ? 
22 AC4 6 GLU A 140 ? GLU A 140 . ? 1_555 ? 
23 AC4 6 HOH G .   ? HOH A 154 . ? 1_555 ? 
# 
_pdbx_validate_symm_contact.id                1 
_pdbx_validate_symm_contact.PDB_model_num     1 
_pdbx_validate_symm_contact.auth_atom_id_1    O 
_pdbx_validate_symm_contact.auth_asym_id_1    A 
_pdbx_validate_symm_contact.auth_comp_id_1    HOH 
_pdbx_validate_symm_contact.auth_seq_id_1     203 
_pdbx_validate_symm_contact.PDB_ins_code_1    ? 
_pdbx_validate_symm_contact.label_alt_id_1    ? 
_pdbx_validate_symm_contact.site_symmetry_1   1_555 
_pdbx_validate_symm_contact.auth_atom_id_2    O 
_pdbx_validate_symm_contact.auth_asym_id_2    A 
_pdbx_validate_symm_contact.auth_comp_id_2    HOH 
_pdbx_validate_symm_contact.auth_seq_id_2     209 
_pdbx_validate_symm_contact.PDB_ins_code_2    ? 
_pdbx_validate_symm_contact.label_alt_id_2    ? 
_pdbx_validate_symm_contact.site_symmetry_2   1_655 
_pdbx_validate_symm_contact.dist              2.15 
# 
_pdbx_validate_torsion.id              1 
_pdbx_validate_torsion.PDB_model_num   1 
_pdbx_validate_torsion.auth_comp_id    THR 
_pdbx_validate_torsion.auth_asym_id    B 
_pdbx_validate_torsion.auth_seq_id     3639 
_pdbx_validate_torsion.PDB_ins_code    ? 
_pdbx_validate_torsion.label_alt_id    ? 
_pdbx_validate_torsion.phi             -5.14 
_pdbx_validate_torsion.psi             -68.05 
# 
_diffrn_reflns.diffrn_id                   1 
_diffrn_reflns.pdbx_d_res_low              50.00 
_diffrn_reflns.pdbx_d_res_high             2.65 
_diffrn_reflns.number                      4773 
_diffrn_reflns.pdbx_percent_possible_obs   98.700 
_diffrn_reflns.pdbx_Rmerge_I_obs           0.055 
_diffrn_reflns.pdbx_chi_squared            1.917 
_diffrn_reflns.pdbx_redundancy             8.300 
_diffrn_reflns.pdbx_rejects                ? 
_diffrn_reflns.pdbx_number_obs             ? 
_diffrn_reflns.av_sigmaI_over_netI         ? 
_diffrn_reflns.pdbx_Rsym_value             ? 
_diffrn_reflns.pdbx_observed_criterion     ? 
# 
loop_
_pdbx_diffrn_reflns_shell.diffrn_id 
_pdbx_diffrn_reflns_shell.d_res_low 
_pdbx_diffrn_reflns_shell.d_res_high 
_pdbx_diffrn_reflns_shell.percent_possible_obs 
_pdbx_diffrn_reflns_shell.Rmerge_I_obs 
_pdbx_diffrn_reflns_shell.chi_squared 
_pdbx_diffrn_reflns_shell.redundancy 
_pdbx_diffrn_reflns_shell.rejects 
_pdbx_diffrn_reflns_shell.number_obs 
_pdbx_diffrn_reflns_shell.Rsym_value 
1 50.00 5.71 94.000  0.048 3.062 7.800 ? ? ? 
1 5.71  4.53 100.000 0.051 2.735 8.500 ? ? ? 
1 4.53  3.96 100.000 0.044 2.247 8.600 ? ? ? 
1 3.96  3.60 100.000 0.049 2.252 8.600 ? ? ? 
1 3.60  3.34 100.000 0.060 1.900 8.600 ? ? ? 
1 3.34  3.14 100.000 0.060 1.596 8.700 ? ? ? 
1 3.14  2.98 100.000 0.071 1.469 8.700 ? ? ? 
1 2.98  2.85 100.000 0.077 1.286 8.400 ? ? ? 
1 2.85  2.74 100.000 0.088 1.199 8.600 ? ? ? 
1 2.74  2.65 93.900  0.095 1.130 6.700 ? ? ? 
# 
loop_
_pdbx_phasing_MAD_set.id 
_pdbx_phasing_MAD_set.d_res_low 
_pdbx_phasing_MAD_set.d_res_high 
_pdbx_phasing_MAD_set.reflns_acentric 
_pdbx_phasing_MAD_set.reflns_centric 
_pdbx_phasing_MAD_set.power_acentric 
_pdbx_phasing_MAD_set.power_centric 
ISO_1 16.32 2.65 3774 938 0.000 0.000 
ANO_1 16.32 2.65 3773 0   1.414 0.000 
# 
loop_
_pdbx_phasing_MAD_set_shell.id 
_pdbx_phasing_MAD_set_shell.d_res_low 
_pdbx_phasing_MAD_set_shell.d_res_high 
_pdbx_phasing_MAD_set_shell.reflns_acentric 
_pdbx_phasing_MAD_set_shell.reflns_centric 
_pdbx_phasing_MAD_set_shell.power_acentric 
_pdbx_phasing_MAD_set_shell.power_centric 
ISO_1 16.32 7.54 124 89  0.000 0.000 
ISO_1 7.54  5.64 213 94  0.000 0.000 
ISO_1 5.64  4.70 270 97  0.000 0.000 
ISO_1 4.70  4.11 331 96  0.000 0.000 
ISO_1 4.11  3.70 375 90  0.000 0.000 
ISO_1 3.70  3.39 421 92  0.000 0.000 
ISO_1 3.39  3.15 455 93  0.000 0.000 
ISO_1 3.15  2.95 491 93  0.000 0.000 
ISO_1 2.95  2.79 535 101 0.000 0.000 
ISO_1 2.79  2.65 559 93  0.000 0.000 
ANO_1 16.32 7.54 124 0   2.106 0.000 
ANO_1 7.54  5.64 213 0   2.667 0.000 
ANO_1 5.64  4.70 270 0   2.138 0.000 
ANO_1 4.70  4.11 331 0   1.674 0.000 
ANO_1 4.11  3.70 375 0   1.486 0.000 
ANO_1 3.70  3.39 421 0   1.358 0.000 
ANO_1 3.39  3.15 455 0   1.191 0.000 
ANO_1 3.15  2.95 491 0   1.099 0.000 
ANO_1 2.95  2.79 535 0   1.034 0.000 
ANO_1 2.79  2.65 558 0   0.905 0.000 
# 
loop_
_pdbx_phasing_MAD_set_site.id 
_pdbx_phasing_MAD_set_site.atom_type_symbol 
_pdbx_phasing_MAD_set_site.Cartn_x 
_pdbx_phasing_MAD_set_site.Cartn_y 
_pdbx_phasing_MAD_set_site.Cartn_z 
_pdbx_phasing_MAD_set_site.occupancy 
_pdbx_phasing_MAD_set_site.b_iso 
1  S 28.656 57.813 34.992 1.000 20.00 
2  S 31.597 67.153 46.572 0.936 20.00 
3  S 20.924 57.996 26.616 0.927 20.00 
4  S 40.455 59.457 45.126 0.874 20.00 
5  S 27.659 46.723 28.905 0.450 20.00 
6  S 31.895 60.799 60.257 0.384 20.00 
7  S 29.475 36.883 22.621 0.350 20.00 
8  S 42.385 62.477 56.190 0.327 20.00 
9  S 27.154 42.957 30.173 0.319 20.00 
10 S 40.256 47.796 46.067 0.212 20.00 
11 S 25.739 54.120 58.905 0.210 20.00 
12 S 22.658 45.548 53.966 0.195 20.00 
13 S 44.197 64.247 59.171 0.192 20.00 
14 S 39.660 41.508 47.915 0.191 20.00 
15 S 30.320 52.898 53.854 0.131 20.00 
16 S 26.374 34.772 27.081 0.105 20.00 
17 S 24.288 59.456 25.816 0.079 20.00 
# 
_phasing.method   SAD 
# 
loop_
_pdbx_unobs_or_zero_occ_residues.id 
_pdbx_unobs_or_zero_occ_residues.PDB_model_num 
_pdbx_unobs_or_zero_occ_residues.polymer_flag 
_pdbx_unobs_or_zero_occ_residues.occupancy_flag 
_pdbx_unobs_or_zero_occ_residues.auth_asym_id 
_pdbx_unobs_or_zero_occ_residues.auth_comp_id 
_pdbx_unobs_or_zero_occ_residues.auth_seq_id 
_pdbx_unobs_or_zero_occ_residues.PDB_ins_code 
_pdbx_unobs_or_zero_occ_residues.label_asym_id 
_pdbx_unobs_or_zero_occ_residues.label_comp_id 
_pdbx_unobs_or_zero_occ_residues.label_seq_id 
1 1 Y 1 A ALA 1    ? A ALA 1   
2 1 Y 1 A ASP 2    ? A ASP 2   
3 1 Y 1 A GLN 3    ? A GLN 3   
4 1 Y 1 A THR 146  ? A THR 146 
5 1 Y 1 A ALA 147  ? A ALA 147 
6 1 Y 1 A LYS 148  ? A LYS 148 
7 1 Y 1 B LEU 3641 ? B LEU 28  
8 1 Y 1 B TYR 3642 ? B TYR 29  
9 1 Y 1 B ASN 3643 ? B ASN 30  
# 
loop_
_chem_comp_atom.comp_id 
_chem_comp_atom.atom_id 
_chem_comp_atom.type_symbol 
_chem_comp_atom.pdbx_aromatic_flag 
_chem_comp_atom.pdbx_stereo_config 
_chem_comp_atom.pdbx_ordinal 
ALA N    N  N N 1   
ALA CA   C  N S 2   
ALA C    C  N N 3   
ALA O    O  N N 4   
ALA CB   C  N N 5   
ALA OXT  O  N N 6   
ALA H    H  N N 7   
ALA H2   H  N N 8   
ALA HA   H  N N 9   
ALA HB1  H  N N 10  
ALA HB2  H  N N 11  
ALA HB3  H  N N 12  
ALA HXT  H  N N 13  
ARG N    N  N N 14  
ARG CA   C  N S 15  
ARG C    C  N N 16  
ARG O    O  N N 17  
ARG CB   C  N N 18  
ARG CG   C  N N 19  
ARG CD   C  N N 20  
ARG NE   N  N N 21  
ARG CZ   C  N N 22  
ARG NH1  N  N N 23  
ARG NH2  N  N N 24  
ARG OXT  O  N N 25  
ARG H    H  N N 26  
ARG H2   H  N N 27  
ARG HA   H  N N 28  
ARG HB2  H  N N 29  
ARG HB3  H  N N 30  
ARG HG2  H  N N 31  
ARG HG3  H  N N 32  
ARG HD2  H  N N 33  
ARG HD3  H  N N 34  
ARG HE   H  N N 35  
ARG HH11 H  N N 36  
ARG HH12 H  N N 37  
ARG HH21 H  N N 38  
ARG HH22 H  N N 39  
ARG HXT  H  N N 40  
ASN N    N  N N 41  
ASN CA   C  N S 42  
ASN C    C  N N 43  
ASN O    O  N N 44  
ASN CB   C  N N 45  
ASN CG   C  N N 46  
ASN OD1  O  N N 47  
ASN ND2  N  N N 48  
ASN OXT  O  N N 49  
ASN H    H  N N 50  
ASN H2   H  N N 51  
ASN HA   H  N N 52  
ASN HB2  H  N N 53  
ASN HB3  H  N N 54  
ASN HD21 H  N N 55  
ASN HD22 H  N N 56  
ASN HXT  H  N N 57  
ASP N    N  N N 58  
ASP CA   C  N S 59  
ASP C    C  N N 60  
ASP O    O  N N 61  
ASP CB   C  N N 62  
ASP CG   C  N N 63  
ASP OD1  O  N N 64  
ASP OD2  O  N N 65  
ASP OXT  O  N N 66  
ASP H    H  N N 67  
ASP H2   H  N N 68  
ASP HA   H  N N 69  
ASP HB2  H  N N 70  
ASP HB3  H  N N 71  
ASP HD2  H  N N 72  
ASP HXT  H  N N 73  
CA  CA   CA N N 74  
CYS N    N  N N 75  
CYS CA   C  N R 76  
CYS C    C  N N 77  
CYS O    O  N N 78  
CYS CB   C  N N 79  
CYS SG   S  N N 80  
CYS OXT  O  N N 81  
CYS H    H  N N 82  
CYS H2   H  N N 83  
CYS HA   H  N N 84  
CYS HB2  H  N N 85  
CYS HB3  H  N N 86  
CYS HG   H  N N 87  
CYS HXT  H  N N 88  
GLN N    N  N N 89  
GLN CA   C  N S 90  
GLN C    C  N N 91  
GLN O    O  N N 92  
GLN CB   C  N N 93  
GLN CG   C  N N 94  
GLN CD   C  N N 95  
GLN OE1  O  N N 96  
GLN NE2  N  N N 97  
GLN OXT  O  N N 98  
GLN H    H  N N 99  
GLN H2   H  N N 100 
GLN HA   H  N N 101 
GLN HB2  H  N N 102 
GLN HB3  H  N N 103 
GLN HG2  H  N N 104 
GLN HG3  H  N N 105 
GLN HE21 H  N N 106 
GLN HE22 H  N N 107 
GLN HXT  H  N N 108 
GLU N    N  N N 109 
GLU CA   C  N S 110 
GLU C    C  N N 111 
GLU O    O  N N 112 
GLU CB   C  N N 113 
GLU CG   C  N N 114 
GLU CD   C  N N 115 
GLU OE1  O  N N 116 
GLU OE2  O  N N 117 
GLU OXT  O  N N 118 
GLU H    H  N N 119 
GLU H2   H  N N 120 
GLU HA   H  N N 121 
GLU HB2  H  N N 122 
GLU HB3  H  N N 123 
GLU HG2  H  N N 124 
GLU HG3  H  N N 125 
GLU HE2  H  N N 126 
GLU HXT  H  N N 127 
GLY N    N  N N 128 
GLY CA   C  N N 129 
GLY C    C  N N 130 
GLY O    O  N N 131 
GLY OXT  O  N N 132 
GLY H    H  N N 133 
GLY H2   H  N N 134 
GLY HA2  H  N N 135 
GLY HA3  H  N N 136 
GLY HXT  H  N N 137 
HIS N    N  N N 138 
HIS CA   C  N S 139 
HIS C    C  N N 140 
HIS O    O  N N 141 
HIS CB   C  N N 142 
HIS CG   C  Y N 143 
HIS ND1  N  Y N 144 
HIS CD2  C  Y N 145 
HIS CE1  C  Y N 146 
HIS NE2  N  Y N 147 
HIS OXT  O  N N 148 
HIS H    H  N N 149 
HIS H2   H  N N 150 
HIS HA   H  N N 151 
HIS HB2  H  N N 152 
HIS HB3  H  N N 153 
HIS HD1  H  N N 154 
HIS HD2  H  N N 155 
HIS HE1  H  N N 156 
HIS HE2  H  N N 157 
HIS HXT  H  N N 158 
HOH O    O  N N 159 
HOH H1   H  N N 160 
HOH H2   H  N N 161 
ILE N    N  N N 162 
ILE CA   C  N S 163 
ILE C    C  N N 164 
ILE O    O  N N 165 
ILE CB   C  N S 166 
ILE CG1  C  N N 167 
ILE CG2  C  N N 168 
ILE CD1  C  N N 169 
ILE OXT  O  N N 170 
ILE H    H  N N 171 
ILE H2   H  N N 172 
ILE HA   H  N N 173 
ILE HB   H  N N 174 
ILE HG12 H  N N 175 
ILE HG13 H  N N 176 
ILE HG21 H  N N 177 
ILE HG22 H  N N 178 
ILE HG23 H  N N 179 
ILE HD11 H  N N 180 
ILE HD12 H  N N 181 
ILE HD13 H  N N 182 
ILE HXT  H  N N 183 
LEU N    N  N N 184 
LEU CA   C  N S 185 
LEU C    C  N N 186 
LEU O    O  N N 187 
LEU CB   C  N N 188 
LEU CG   C  N N 189 
LEU CD1  C  N N 190 
LEU CD2  C  N N 191 
LEU OXT  O  N N 192 
LEU H    H  N N 193 
LEU H2   H  N N 194 
LEU HA   H  N N 195 
LEU HB2  H  N N 196 
LEU HB3  H  N N 197 
LEU HG   H  N N 198 
LEU HD11 H  N N 199 
LEU HD12 H  N N 200 
LEU HD13 H  N N 201 
LEU HD21 H  N N 202 
LEU HD22 H  N N 203 
LEU HD23 H  N N 204 
LEU HXT  H  N N 205 
LYS N    N  N N 206 
LYS CA   C  N S 207 
LYS C    C  N N 208 
LYS O    O  N N 209 
LYS CB   C  N N 210 
LYS CG   C  N N 211 
LYS CD   C  N N 212 
LYS CE   C  N N 213 
LYS NZ   N  N N 214 
LYS OXT  O  N N 215 
LYS H    H  N N 216 
LYS H2   H  N N 217 
LYS HA   H  N N 218 
LYS HB2  H  N N 219 
LYS HB3  H  N N 220 
LYS HG2  H  N N 221 
LYS HG3  H  N N 222 
LYS HD2  H  N N 223 
LYS HD3  H  N N 224 
LYS HE2  H  N N 225 
LYS HE3  H  N N 226 
LYS HZ1  H  N N 227 
LYS HZ2  H  N N 228 
LYS HZ3  H  N N 229 
LYS HXT  H  N N 230 
MET N    N  N N 231 
MET CA   C  N S 232 
MET C    C  N N 233 
MET O    O  N N 234 
MET CB   C  N N 235 
MET CG   C  N N 236 
MET SD   S  N N 237 
MET CE   C  N N 238 
MET OXT  O  N N 239 
MET H    H  N N 240 
MET H2   H  N N 241 
MET HA   H  N N 242 
MET HB2  H  N N 243 
MET HB3  H  N N 244 
MET HG2  H  N N 245 
MET HG3  H  N N 246 
MET HE1  H  N N 247 
MET HE2  H  N N 248 
MET HE3  H  N N 249 
MET HXT  H  N N 250 
PHE N    N  N N 251 
PHE CA   C  N S 252 
PHE C    C  N N 253 
PHE O    O  N N 254 
PHE CB   C  N N 255 
PHE CG   C  Y N 256 
PHE CD1  C  Y N 257 
PHE CD2  C  Y N 258 
PHE CE1  C  Y N 259 
PHE CE2  C  Y N 260 
PHE CZ   C  Y N 261 
PHE OXT  O  N N 262 
PHE H    H  N N 263 
PHE H2   H  N N 264 
PHE HA   H  N N 265 
PHE HB2  H  N N 266 
PHE HB3  H  N N 267 
PHE HD1  H  N N 268 
PHE HD2  H  N N 269 
PHE HE1  H  N N 270 
PHE HE2  H  N N 271 
PHE HZ   H  N N 272 
PHE HXT  H  N N 273 
PRO N    N  N N 274 
PRO CA   C  N S 275 
PRO C    C  N N 276 
PRO O    O  N N 277 
PRO CB   C  N N 278 
PRO CG   C  N N 279 
PRO CD   C  N N 280 
PRO OXT  O  N N 281 
PRO H    H  N N 282 
PRO HA   H  N N 283 
PRO HB2  H  N N 284 
PRO HB3  H  N N 285 
PRO HG2  H  N N 286 
PRO HG3  H  N N 287 
PRO HD2  H  N N 288 
PRO HD3  H  N N 289 
PRO HXT  H  N N 290 
SER N    N  N N 291 
SER CA   C  N S 292 
SER C    C  N N 293 
SER O    O  N N 294 
SER CB   C  N N 295 
SER OG   O  N N 296 
SER OXT  O  N N 297 
SER H    H  N N 298 
SER H2   H  N N 299 
SER HA   H  N N 300 
SER HB2  H  N N 301 
SER HB3  H  N N 302 
SER HG   H  N N 303 
SER HXT  H  N N 304 
THR N    N  N N 305 
THR CA   C  N S 306 
THR C    C  N N 307 
THR O    O  N N 308 
THR CB   C  N R 309 
THR OG1  O  N N 310 
THR CG2  C  N N 311 
THR OXT  O  N N 312 
THR H    H  N N 313 
THR H2   H  N N 314 
THR HA   H  N N 315 
THR HB   H  N N 316 
THR HG1  H  N N 317 
THR HG21 H  N N 318 
THR HG22 H  N N 319 
THR HG23 H  N N 320 
THR HXT  H  N N 321 
TRP N    N  N N 322 
TRP CA   C  N S 323 
TRP C    C  N N 324 
TRP O    O  N N 325 
TRP CB   C  N N 326 
TRP CG   C  Y N 327 
TRP CD1  C  Y N 328 
TRP CD2  C  Y N 329 
TRP NE1  N  Y N 330 
TRP CE2  C  Y N 331 
TRP CE3  C  Y N 332 
TRP CZ2  C  Y N 333 
TRP CZ3  C  Y N 334 
TRP CH2  C  Y N 335 
TRP OXT  O  N N 336 
TRP H    H  N N 337 
TRP H2   H  N N 338 
TRP HA   H  N N 339 
TRP HB2  H  N N 340 
TRP HB3  H  N N 341 
TRP HD1  H  N N 342 
TRP HE1  H  N N 343 
TRP HE3  H  N N 344 
TRP HZ2  H  N N 345 
TRP HZ3  H  N N 346 
TRP HH2  H  N N 347 
TRP HXT  H  N N 348 
TYR N    N  N N 349 
TYR CA   C  N S 350 
TYR C    C  N N 351 
TYR O    O  N N 352 
TYR CB   C  N N 353 
TYR CG   C  Y N 354 
TYR CD1  C  Y N 355 
TYR CD2  C  Y N 356 
TYR CE1  C  Y N 357 
TYR CE2  C  Y N 358 
TYR CZ   C  Y N 359 
TYR OH   O  N N 360 
TYR OXT  O  N N 361 
TYR H    H  N N 362 
TYR H2   H  N N 363 
TYR HA   H  N N 364 
TYR HB2  H  N N 365 
TYR HB3  H  N N 366 
TYR HD1  H  N N 367 
TYR HD2  H  N N 368 
TYR HE1  H  N N 369 
TYR HE2  H  N N 370 
TYR HH   H  N N 371 
TYR HXT  H  N N 372 
VAL N    N  N N 373 
VAL CA   C  N S 374 
VAL C    C  N N 375 
VAL O    O  N N 376 
VAL CB   C  N N 377 
VAL CG1  C  N N 378 
VAL CG2  C  N N 379 
VAL OXT  O  N N 380 
VAL H    H  N N 381 
VAL H2   H  N N 382 
VAL HA   H  N N 383 
VAL HB   H  N N 384 
VAL HG11 H  N N 385 
VAL HG12 H  N N 386 
VAL HG13 H  N N 387 
VAL HG21 H  N N 388 
VAL HG22 H  N N 389 
VAL HG23 H  N N 390 
VAL HXT  H  N N 391 
# 
loop_
_chem_comp_bond.comp_id 
_chem_comp_bond.atom_id_1 
_chem_comp_bond.atom_id_2 
_chem_comp_bond.value_order 
_chem_comp_bond.pdbx_aromatic_flag 
_chem_comp_bond.pdbx_stereo_config 
_chem_comp_bond.pdbx_ordinal 
ALA N   CA   sing N N 1   
ALA N   H    sing N N 2   
ALA N   H2   sing N N 3   
ALA CA  C    sing N N 4   
ALA CA  CB   sing N N 5   
ALA CA  HA   sing N N 6   
ALA C   O    doub N N 7   
ALA C   OXT  sing N N 8   
ALA CB  HB1  sing N N 9   
ALA CB  HB2  sing N N 10  
ALA CB  HB3  sing N N 11  
ALA OXT HXT  sing N N 12  
ARG N   CA   sing N N 13  
ARG N   H    sing N N 14  
ARG N   H2   sing N N 15  
ARG CA  C    sing N N 16  
ARG CA  CB   sing N N 17  
ARG CA  HA   sing N N 18  
ARG C   O    doub N N 19  
ARG C   OXT  sing N N 20  
ARG CB  CG   sing N N 21  
ARG CB  HB2  sing N N 22  
ARG CB  HB3  sing N N 23  
ARG CG  CD   sing N N 24  
ARG CG  HG2  sing N N 25  
ARG CG  HG3  sing N N 26  
ARG CD  NE   sing N N 27  
ARG CD  HD2  sing N N 28  
ARG CD  HD3  sing N N 29  
ARG NE  CZ   sing N N 30  
ARG NE  HE   sing N N 31  
ARG CZ  NH1  sing N N 32  
ARG CZ  NH2  doub N N 33  
ARG NH1 HH11 sing N N 34  
ARG NH1 HH12 sing N N 35  
ARG NH2 HH21 sing N N 36  
ARG NH2 HH22 sing N N 37  
ARG OXT HXT  sing N N 38  
ASN N   CA   sing N N 39  
ASN N   H    sing N N 40  
ASN N   H2   sing N N 41  
ASN CA  C    sing N N 42  
ASN CA  CB   sing N N 43  
ASN CA  HA   sing N N 44  
ASN C   O    doub N N 45  
ASN C   OXT  sing N N 46  
ASN CB  CG   sing N N 47  
ASN CB  HB2  sing N N 48  
ASN CB  HB3  sing N N 49  
ASN CG  OD1  doub N N 50  
ASN CG  ND2  sing N N 51  
ASN ND2 HD21 sing N N 52  
ASN ND2 HD22 sing N N 53  
ASN OXT HXT  sing N N 54  
ASP N   CA   sing N N 55  
ASP N   H    sing N N 56  
ASP N   H2   sing N N 57  
ASP CA  C    sing N N 58  
ASP CA  CB   sing N N 59  
ASP CA  HA   sing N N 60  
ASP C   O    doub N N 61  
ASP C   OXT  sing N N 62  
ASP CB  CG   sing N N 63  
ASP CB  HB2  sing N N 64  
ASP CB  HB3  sing N N 65  
ASP CG  OD1  doub N N 66  
ASP CG  OD2  sing N N 67  
ASP OD2 HD2  sing N N 68  
ASP OXT HXT  sing N N 69  
CYS N   CA   sing N N 70  
CYS N   H    sing N N 71  
CYS N   H2   sing N N 72  
CYS CA  C    sing N N 73  
CYS CA  CB   sing N N 74  
CYS CA  HA   sing N N 75  
CYS C   O    doub N N 76  
CYS C   OXT  sing N N 77  
CYS CB  SG   sing N N 78  
CYS CB  HB2  sing N N 79  
CYS CB  HB3  sing N N 80  
CYS SG  HG   sing N N 81  
CYS OXT HXT  sing N N 82  
GLN N   CA   sing N N 83  
GLN N   H    sing N N 84  
GLN N   H2   sing N N 85  
GLN CA  C    sing N N 86  
GLN CA  CB   sing N N 87  
GLN CA  HA   sing N N 88  
GLN C   O    doub N N 89  
GLN C   OXT  sing N N 90  
GLN CB  CG   sing N N 91  
GLN CB  HB2  sing N N 92  
GLN CB  HB3  sing N N 93  
GLN CG  CD   sing N N 94  
GLN CG  HG2  sing N N 95  
GLN CG  HG3  sing N N 96  
GLN CD  OE1  doub N N 97  
GLN CD  NE2  sing N N 98  
GLN NE2 HE21 sing N N 99  
GLN NE2 HE22 sing N N 100 
GLN OXT HXT  sing N N 101 
GLU N   CA   sing N N 102 
GLU N   H    sing N N 103 
GLU N   H2   sing N N 104 
GLU CA  C    sing N N 105 
GLU CA  CB   sing N N 106 
GLU CA  HA   sing N N 107 
GLU C   O    doub N N 108 
GLU C   OXT  sing N N 109 
GLU CB  CG   sing N N 110 
GLU CB  HB2  sing N N 111 
GLU CB  HB3  sing N N 112 
GLU CG  CD   sing N N 113 
GLU CG  HG2  sing N N 114 
GLU CG  HG3  sing N N 115 
GLU CD  OE1  doub N N 116 
GLU CD  OE2  sing N N 117 
GLU OE2 HE2  sing N N 118 
GLU OXT HXT  sing N N 119 
GLY N   CA   sing N N 120 
GLY N   H    sing N N 121 
GLY N   H2   sing N N 122 
GLY CA  C    sing N N 123 
GLY CA  HA2  sing N N 124 
GLY CA  HA3  sing N N 125 
GLY C   O    doub N N 126 
GLY C   OXT  sing N N 127 
GLY OXT HXT  sing N N 128 
HIS N   CA   sing N N 129 
HIS N   H    sing N N 130 
HIS N   H2   sing N N 131 
HIS CA  C    sing N N 132 
HIS CA  CB   sing N N 133 
HIS CA  HA   sing N N 134 
HIS C   O    doub N N 135 
HIS C   OXT  sing N N 136 
HIS CB  CG   sing N N 137 
HIS CB  HB2  sing N N 138 
HIS CB  HB3  sing N N 139 
HIS CG  ND1  sing Y N 140 
HIS CG  CD2  doub Y N 141 
HIS ND1 CE1  doub Y N 142 
HIS ND1 HD1  sing N N 143 
HIS CD2 NE2  sing Y N 144 
HIS CD2 HD2  sing N N 145 
HIS CE1 NE2  sing Y N 146 
HIS CE1 HE1  sing N N 147 
HIS NE2 HE2  sing N N 148 
HIS OXT HXT  sing N N 149 
HOH O   H1   sing N N 150 
HOH O   H2   sing N N 151 
ILE N   CA   sing N N 152 
ILE N   H    sing N N 153 
ILE N   H2   sing N N 154 
ILE CA  C    sing N N 155 
ILE CA  CB   sing N N 156 
ILE CA  HA   sing N N 157 
ILE C   O    doub N N 158 
ILE C   OXT  sing N N 159 
ILE CB  CG1  sing N N 160 
ILE CB  CG2  sing N N 161 
ILE CB  HB   sing N N 162 
ILE CG1 CD1  sing N N 163 
ILE CG1 HG12 sing N N 164 
ILE CG1 HG13 sing N N 165 
ILE CG2 HG21 sing N N 166 
ILE CG2 HG22 sing N N 167 
ILE CG2 HG23 sing N N 168 
ILE CD1 HD11 sing N N 169 
ILE CD1 HD12 sing N N 170 
ILE CD1 HD13 sing N N 171 
ILE OXT HXT  sing N N 172 
LEU N   CA   sing N N 173 
LEU N   H    sing N N 174 
LEU N   H2   sing N N 175 
LEU CA  C    sing N N 176 
LEU CA  CB   sing N N 177 
LEU CA  HA   sing N N 178 
LEU C   O    doub N N 179 
LEU C   OXT  sing N N 180 
LEU CB  CG   sing N N 181 
LEU CB  HB2  sing N N 182 
LEU CB  HB3  sing N N 183 
LEU CG  CD1  sing N N 184 
LEU CG  CD2  sing N N 185 
LEU CG  HG   sing N N 186 
LEU CD1 HD11 sing N N 187 
LEU CD1 HD12 sing N N 188 
LEU CD1 HD13 sing N N 189 
LEU CD2 HD21 sing N N 190 
LEU CD2 HD22 sing N N 191 
LEU CD2 HD23 sing N N 192 
LEU OXT HXT  sing N N 193 
LYS N   CA   sing N N 194 
LYS N   H    sing N N 195 
LYS N   H2   sing N N 196 
LYS CA  C    sing N N 197 
LYS CA  CB   sing N N 198 
LYS CA  HA   sing N N 199 
LYS C   O    doub N N 200 
LYS C   OXT  sing N N 201 
LYS CB  CG   sing N N 202 
LYS CB  HB2  sing N N 203 
LYS CB  HB3  sing N N 204 
LYS CG  CD   sing N N 205 
LYS CG  HG2  sing N N 206 
LYS CG  HG3  sing N N 207 
LYS CD  CE   sing N N 208 
LYS CD  HD2  sing N N 209 
LYS CD  HD3  sing N N 210 
LYS CE  NZ   sing N N 211 
LYS CE  HE2  sing N N 212 
LYS CE  HE3  sing N N 213 
LYS NZ  HZ1  sing N N 214 
LYS NZ  HZ2  sing N N 215 
LYS NZ  HZ3  sing N N 216 
LYS OXT HXT  sing N N 217 
MET N   CA   sing N N 218 
MET N   H    sing N N 219 
MET N   H2   sing N N 220 
MET CA  C    sing N N 221 
MET CA  CB   sing N N 222 
MET CA  HA   sing N N 223 
MET C   O    doub N N 224 
MET C   OXT  sing N N 225 
MET CB  CG   sing N N 226 
MET CB  HB2  sing N N 227 
MET CB  HB3  sing N N 228 
MET CG  SD   sing N N 229 
MET CG  HG2  sing N N 230 
MET CG  HG3  sing N N 231 
MET SD  CE   sing N N 232 
MET CE  HE1  sing N N 233 
MET CE  HE2  sing N N 234 
MET CE  HE3  sing N N 235 
MET OXT HXT  sing N N 236 
PHE N   CA   sing N N 237 
PHE N   H    sing N N 238 
PHE N   H2   sing N N 239 
PHE CA  C    sing N N 240 
PHE CA  CB   sing N N 241 
PHE CA  HA   sing N N 242 
PHE C   O    doub N N 243 
PHE C   OXT  sing N N 244 
PHE CB  CG   sing N N 245 
PHE CB  HB2  sing N N 246 
PHE CB  HB3  sing N N 247 
PHE CG  CD1  doub Y N 248 
PHE CG  CD2  sing Y N 249 
PHE CD1 CE1  sing Y N 250 
PHE CD1 HD1  sing N N 251 
PHE CD2 CE2  doub Y N 252 
PHE CD2 HD2  sing N N 253 
PHE CE1 CZ   doub Y N 254 
PHE CE1 HE1  sing N N 255 
PHE CE2 CZ   sing Y N 256 
PHE CE2 HE2  sing N N 257 
PHE CZ  HZ   sing N N 258 
PHE OXT HXT  sing N N 259 
PRO N   CA   sing N N 260 
PRO N   CD   sing N N 261 
PRO N   H    sing N N 262 
PRO CA  C    sing N N 263 
PRO CA  CB   sing N N 264 
PRO CA  HA   sing N N 265 
PRO C   O    doub N N 266 
PRO C   OXT  sing N N 267 
PRO CB  CG   sing N N 268 
PRO CB  HB2  sing N N 269 
PRO CB  HB3  sing N N 270 
PRO CG  CD   sing N N 271 
PRO CG  HG2  sing N N 272 
PRO CG  HG3  sing N N 273 
PRO CD  HD2  sing N N 274 
PRO CD  HD3  sing N N 275 
PRO OXT HXT  sing N N 276 
SER N   CA   sing N N 277 
SER N   H    sing N N 278 
SER N   H2   sing N N 279 
SER CA  C    sing N N 280 
SER CA  CB   sing N N 281 
SER CA  HA   sing N N 282 
SER C   O    doub N N 283 
SER C   OXT  sing N N 284 
SER CB  OG   sing N N 285 
SER CB  HB2  sing N N 286 
SER CB  HB3  sing N N 287 
SER OG  HG   sing N N 288 
SER OXT HXT  sing N N 289 
THR N   CA   sing N N 290 
THR N   H    sing N N 291 
THR N   H2   sing N N 292 
THR CA  C    sing N N 293 
THR CA  CB   sing N N 294 
THR CA  HA   sing N N 295 
THR C   O    doub N N 296 
THR C   OXT  sing N N 297 
THR CB  OG1  sing N N 298 
THR CB  CG2  sing N N 299 
THR CB  HB   sing N N 300 
THR OG1 HG1  sing N N 301 
THR CG2 HG21 sing N N 302 
THR CG2 HG22 sing N N 303 
THR CG2 HG23 sing N N 304 
THR OXT HXT  sing N N 305 
TRP N   CA   sing N N 306 
TRP N   H    sing N N 307 
TRP N   H2   sing N N 308 
TRP CA  C    sing N N 309 
TRP CA  CB   sing N N 310 
TRP CA  HA   sing N N 311 
TRP C   O    doub N N 312 
TRP C   OXT  sing N N 313 
TRP CB  CG   sing N N 314 
TRP CB  HB2  sing N N 315 
TRP CB  HB3  sing N N 316 
TRP CG  CD1  doub Y N 317 
TRP CG  CD2  sing Y N 318 
TRP CD1 NE1  sing Y N 319 
TRP CD1 HD1  sing N N 320 
TRP CD2 CE2  doub Y N 321 
TRP CD2 CE3  sing Y N 322 
TRP NE1 CE2  sing Y N 323 
TRP NE1 HE1  sing N N 324 
TRP CE2 CZ2  sing Y N 325 
TRP CE3 CZ3  doub Y N 326 
TRP CE3 HE3  sing N N 327 
TRP CZ2 CH2  doub Y N 328 
TRP CZ2 HZ2  sing N N 329 
TRP CZ3 CH2  sing Y N 330 
TRP CZ3 HZ3  sing N N 331 
TRP CH2 HH2  sing N N 332 
TRP OXT HXT  sing N N 333 
TYR N   CA   sing N N 334 
TYR N   H    sing N N 335 
TYR N   H2   sing N N 336 
TYR CA  C    sing N N 337 
TYR CA  CB   sing N N 338 
TYR CA  HA   sing N N 339 
TYR C   O    doub N N 340 
TYR C   OXT  sing N N 341 
TYR CB  CG   sing N N 342 
TYR CB  HB2  sing N N 343 
TYR CB  HB3  sing N N 344 
TYR CG  CD1  doub Y N 345 
TYR CG  CD2  sing Y N 346 
TYR CD1 CE1  sing Y N 347 
TYR CD1 HD1  sing N N 348 
TYR CD2 CE2  doub Y N 349 
TYR CD2 HD2  sing N N 350 
TYR CE1 CZ   doub Y N 351 
TYR CE1 HE1  sing N N 352 
TYR CE2 CZ   sing Y N 353 
TYR CE2 HE2  sing N N 354 
TYR CZ  OH   sing N N 355 
TYR OH  HH   sing N N 356 
TYR OXT HXT  sing N N 357 
VAL N   CA   sing N N 358 
VAL N   H    sing N N 359 
VAL N   H2   sing N N 360 
VAL CA  C    sing N N 361 
VAL CA  CB   sing N N 362 
VAL CA  HA   sing N N 363 
VAL C   O    doub N N 364 
VAL C   OXT  sing N N 365 
VAL CB  CG1  sing N N 366 
VAL CB  CG2  sing N N 367 
VAL CB  HB   sing N N 368 
VAL CG1 HG11 sing N N 369 
VAL CG1 HG12 sing N N 370 
VAL CG1 HG13 sing N N 371 
VAL CG2 HG21 sing N N 372 
VAL CG2 HG22 sing N N 373 
VAL CG2 HG23 sing N N 374 
VAL OXT HXT  sing N N 375 
# 
_atom_sites.entry_id                    2BCX 
_atom_sites.fract_transf_matrix[1][1]   0.01858963 
_atom_sites.fract_transf_matrix[1][2]   0.01793123 
_atom_sites.fract_transf_matrix[1][3]   0.00466920 
_atom_sites.fract_transf_matrix[2][1]   -0.00994345 
_atom_sites.fract_transf_matrix[2][2]   0.01413212 
_atom_sites.fract_transf_matrix[2][3]   -0.01468374 
_atom_sites.fract_transf_matrix[3][1]   -0.00612672 
_atom_sites.fract_transf_matrix[3][2]   0.00421501 
_atom_sites.fract_transf_matrix[3][3]   0.00820552 
_atom_sites.fract_transf_vector[1]      -1.144465 
_atom_sites.fract_transf_vector[2]      0.136883 
_atom_sites.fract_transf_vector[3]      -0.295665 
# 
loop_
_atom_type.symbol 
C  
CA 
N  
O  
S  
# 
loop_
_atom_site.group_PDB 
_atom_site.id 
_atom_site.type_symbol 
_atom_site.label_atom_id 
_atom_site.label_alt_id 
_atom_site.label_comp_id 
_atom_site.label_asym_id 
_atom_site.label_entity_id 
_atom_site.label_seq_id 
_atom_site.pdbx_PDB_ins_code 
_atom_site.Cartn_x 
_atom_site.Cartn_y 
_atom_site.Cartn_z 
_atom_site.occupancy 
_atom_site.B_iso_or_equiv 
_atom_site.pdbx_formal_charge 
_atom_site.auth_seq_id 
_atom_site.auth_comp_id 
_atom_site.auth_asym_id 
_atom_site.auth_atom_id 
_atom_site.pdbx_PDB_model_num 
ATOM   1    N  N   . LEU A 1 4   ? -17.395 0.729   10.380  1.00 44.59 ? 4    LEU A N   1 
ATOM   2    C  CA  . LEU A 1 4   ? -16.436 -0.229  9.853   1.00 43.89 ? 4    LEU A CA  1 
ATOM   3    C  C   . LEU A 1 4   ? -16.460 -1.524  10.649  1.00 42.54 ? 4    LEU A C   1 
ATOM   4    O  O   . LEU A 1 4   ? -16.584 -1.512  11.872  1.00 41.57 ? 4    LEU A O   1 
ATOM   5    C  CB  . LEU A 1 4   ? -15.029 0.370   9.848   1.00 44.54 ? 4    LEU A CB  1 
ATOM   6    C  CG  . LEU A 1 4   ? -14.835 1.638   9.016   1.00 45.43 ? 4    LEU A CG  1 
ATOM   7    C  CD1 . LEU A 1 4   ? -13.395 2.121   9.101   1.00 46.42 ? 4    LEU A CD1 1 
ATOM   8    C  CD2 . LEU A 1 4   ? -15.233 1.395   7.568   1.00 46.54 ? 4    LEU A CD2 1 
ATOM   9    N  N   . THR A 1 5   ? -16.329 -2.642  9.946   1.00 42.04 ? 5    THR A N   1 
ATOM   10   C  CA  . THR A 1 5   ? -16.325 -3.948  10.586  1.00 40.97 ? 5    THR A CA  1 
ATOM   11   C  C   . THR A 1 5   ? -15.011 -4.166  11.307  1.00 40.35 ? 5    THR A C   1 
ATOM   12   O  O   . THR A 1 5   ? -14.058 -3.405  11.133  1.00 39.71 ? 5    THR A O   1 
ATOM   13   C  CB  . THR A 1 5   ? -16.483 -5.080  9.563   1.00 42.12 ? 5    THR A CB  1 
ATOM   14   O  OG1 . THR A 1 5   ? -15.381 -5.049  8.646   1.00 42.17 ? 5    THR A OG1 1 
ATOM   15   C  CG2 . THR A 1 5   ? -17.791 -4.936  8.802   1.00 42.00 ? 5    THR A CG2 1 
ATOM   16   N  N   . GLU A 1 6   ? -14.959 -5.222  12.109  1.00 39.53 ? 6    GLU A N   1 
ATOM   17   C  CA  . GLU A 1 6   ? -13.754 -5.549  12.848  1.00 38.79 ? 6    GLU A CA  1 
ATOM   18   C  C   . GLU A 1 6   ? -12.636 -5.995  11.904  1.00 37.82 ? 6    GLU A C   1 
ATOM   19   O  O   . GLU A 1 6   ? -11.454 -5.710  12.142  1.00 36.53 ? 6    GLU A O   1 
ATOM   20   C  CB  . GLU A 1 6   ? -14.057 -6.633  13.886  1.00 39.54 ? 6    GLU A CB  1 
ATOM   21   C  CG  . GLU A 1 6   ? -14.814 -6.108  15.103  1.00 40.45 ? 6    GLU A CG  1 
ATOM   22   C  CD  . GLU A 1 6   ? -13.991 -5.110  15.912  1.00 41.36 ? 6    GLU A CD  1 
ATOM   23   O  OE1 . GLU A 1 6   ? -12.939 -5.502  16.462  1.00 42.45 ? 6    GLU A OE1 1 
ATOM   24   O  OE2 . GLU A 1 6   ? -14.387 -3.932  15.996  1.00 43.26 ? 6    GLU A OE2 1 
ATOM   25   N  N   . GLU A 1 7   ? -13.007 -6.688  10.833  1.00 37.15 ? 7    GLU A N   1 
ATOM   26   C  CA  . GLU A 1 7   ? -12.019 -7.142  9.862   1.00 36.89 ? 7    GLU A CA  1 
ATOM   27   C  C   . GLU A 1 7   ? -11.392 -5.935  9.160   1.00 34.84 ? 7    GLU A C   1 
ATOM   28   O  O   . GLU A 1 7   ? -10.201 -5.935  8.861   1.00 34.59 ? 7    GLU A O   1 
ATOM   29   C  CB  . GLU A 1 7   ? -12.662 -8.086  8.837   1.00 38.66 ? 7    GLU A CB  1 
ATOM   30   C  CG  . GLU A 1 7   ? -12.558 -9.570  9.204   1.00 41.94 ? 7    GLU A CG  1 
ATOM   31   C  CD  . GLU A 1 7   ? -13.242 -10.480 8.191   1.00 44.56 ? 7    GLU A CD  1 
ATOM   32   O  OE1 . GLU A 1 7   ? -13.094 -10.234 6.973   1.00 46.39 ? 7    GLU A OE1 1 
ATOM   33   O  OE2 . GLU A 1 7   ? -13.917 -11.451 8.606   1.00 45.79 ? 7    GLU A OE2 1 
ATOM   34   N  N   . GLN A 1 8   ? -12.197 -4.910  8.904   1.00 33.32 ? 8    GLN A N   1 
ATOM   35   C  CA  . GLN A 1 8   ? -11.712 -3.697  8.253   1.00 32.32 ? 8    GLN A CA  1 
ATOM   36   C  C   . GLN A 1 8   ? -10.753 -2.960  9.186   1.00 29.94 ? 8    GLN A C   1 
ATOM   37   O  O   . GLN A 1 8   ? -9.714  -2.441  8.750   1.00 27.61 ? 8    GLN A O   1 
ATOM   38   C  CB  . GLN A 1 8   ? -12.885 -2.814  7.823   1.00 34.26 ? 8    GLN A CB  1 
ATOM   39   C  CG  . GLN A 1 8   ? -13.834 -3.480  6.842   1.00 38.27 ? 8    GLN A CG  1 
ATOM   40   C  CD  . GLN A 1 8   ? -14.983 -2.576  6.439   1.00 39.45 ? 8    GLN A CD  1 
ATOM   41   O  OE1 . GLN A 1 8   ? -15.077 -1.438  6.893   1.00 41.44 ? 8    GLN A OE1 1 
ATOM   42   N  NE2 . GLN A 1 8   ? -15.967 -2.880  5.601   1.00 41.42 ? 8    GLN A NE2 1 
ATOM   43   N  N   . ILE A 1 9   ? -11.113 -2.920  10.470  1.00 26.85 ? 9    ILE A N   1 
ATOM   44   C  CA  . ILE A 1 9   ? -10.293 -2.261  11.478  1.00 26.19 ? 9    ILE A CA  1 
ATOM   45   C  C   . ILE A 1 9   ? -8.953  -2.987  11.534  1.00 24.57 ? 9    ILE A C   1 
ATOM   46   O  O   . ILE A 1 9   ? -7.906  -2.362  11.611  1.00 24.02 ? 9    ILE A O   1 
ATOM   47   C  CB  . ILE A 1 9   ? -10.954 -2.315  12.883  1.00 27.18 ? 9    ILE A CB  1 
ATOM   48   C  CG1 . ILE A 1 9   ? -12.338 -1.652  12.848  1.00 28.86 ? 9    ILE A CG1 1 
ATOM   49   C  CG2 . ILE A 1 9   ? -10.077 -1.638  13.922  1.00 25.90 ? 9    ILE A CG2 1 
ATOM   50   C  CD1 . ILE A 1 9   ? -12.311 -0.179  12.498  1.00 30.50 ? 9    ILE A CD1 1 
ATOM   51   N  N   . ALA A 1 10  ? -8.985  -4.313  11.479  1.00 25.15 ? 10   ALA A N   1 
ATOM   52   C  CA  . ALA A 1 10  ? -7.748  -5.098  11.524  1.00 25.08 ? 10   ALA A CA  1 
ATOM   53   C  C   . ALA A 1 10  ? -6.841  -4.804  10.331  1.00 24.85 ? 10   ALA A C   1 
ATOM   54   O  O   . ALA A 1 10  ? -5.616  -4.758  10.460  1.00 21.44 ? 10   ALA A O   1 
ATOM   55   C  CB  . ALA A 1 10  ? -8.075  -6.587  11.568  1.00 26.01 ? 10   ALA A CB  1 
ATOM   56   N  N   . GLU A 1 11  ? -7.442  -4.626  9.155   1.00 24.38 ? 11   GLU A N   1 
ATOM   57   C  CA  . GLU A 1 11  ? -6.654  -4.339  7.960   1.00 24.69 ? 11   GLU A CA  1 
ATOM   58   C  C   . GLU A 1 11  ? -5.943  -3.001  8.118   1.00 22.76 ? 11   GLU A C   1 
ATOM   59   O  O   . GLU A 1 11  ? -4.759  -2.880  7.813   1.00 22.11 ? 11   GLU A O   1 
ATOM   60   C  CB  . GLU A 1 11  ? -7.556  -4.317  6.722   1.00 27.25 ? 11   GLU A CB  1 
ATOM   61   C  CG  . GLU A 1 11  ? -8.190  -5.674  6.436   1.00 34.28 ? 11   GLU A CG  1 
ATOM   62   C  CD  . GLU A 1 11  ? -9.228  -5.643  5.309   1.00 37.01 ? 11   GLU A CD  1 
ATOM   63   O  OE1 . GLU A 1 11  ? -9.953  -6.650  5.157   1.00 39.87 ? 11   GLU A OE1 1 
ATOM   64   O  OE2 . GLU A 1 11  ? -9.313  -4.631  4.579   1.00 37.88 ? 11   GLU A OE2 1 
ATOM   65   N  N   . PHE A 1 12  ? -6.665  -2.000  8.604   1.00 21.86 ? 12   PHE A N   1 
ATOM   66   C  CA  . PHE A 1 12  ? -6.070  -0.682  8.793   1.00 23.22 ? 12   PHE A CA  1 
ATOM   67   C  C   . PHE A 1 12  ? -4.991  -0.709  9.874   1.00 22.60 ? 12   PHE A C   1 
ATOM   68   O  O   . PHE A 1 12  ? -4.083  0.126   9.877   1.00 20.61 ? 12   PHE A O   1 
ATOM   69   C  CB  . PHE A 1 12  ? -7.149  0.352   9.117   1.00 22.74 ? 12   PHE A CB  1 
ATOM   70   C  CG  . PHE A 1 12  ? -8.148  0.535   8.010   1.00 25.23 ? 12   PHE A CG  1 
ATOM   71   C  CD1 . PHE A 1 12  ? -7.742  0.466   6.673   1.00 26.63 ? 12   PHE A CD1 1 
ATOM   72   C  CD2 . PHE A 1 12  ? -9.481  0.806   8.293   1.00 25.07 ? 12   PHE A CD2 1 
ATOM   73   C  CE1 . PHE A 1 12  ? -8.654  0.667   5.628   1.00 26.51 ? 12   PHE A CE1 1 
ATOM   74   C  CE2 . PHE A 1 12  ? -10.401 1.009   7.258   1.00 26.22 ? 12   PHE A CE2 1 
ATOM   75   C  CZ  . PHE A 1 12  ? -9.981  0.938   5.923   1.00 26.01 ? 12   PHE A CZ  1 
ATOM   76   N  N   . LYS A 1 13  ? -5.085  -1.675  10.788  1.00 22.81 ? 13   LYS A N   1 
ATOM   77   C  CA  . LYS A 1 13  ? -4.064  -1.804  11.819  1.00 23.94 ? 13   LYS A CA  1 
ATOM   78   C  C   . LYS A 1 13  ? -2.774  -2.239  11.130  1.00 23.11 ? 13   LYS A C   1 
ATOM   79   O  O   . LYS A 1 13  ? -1.681  -1.779  11.468  1.00 21.98 ? 13   LYS A O   1 
ATOM   80   C  CB  . LYS A 1 13  ? -4.451  -2.855  12.856  1.00 26.96 ? 13   LYS A CB  1 
ATOM   81   C  CG  . LYS A 1 13  ? -3.548  -2.858  14.073  1.00 30.67 ? 13   LYS A CG  1 
ATOM   82   C  CD  . LYS A 1 13  ? -3.488  -1.462  14.671  1.00 33.56 ? 13   LYS A CD  1 
ATOM   83   C  CE  . LYS A 1 13  ? -2.487  -1.399  15.806  1.00 36.77 ? 13   LYS A CE  1 
ATOM   84   N  NZ  . LYS A 1 13  ? -2.772  -0.273  16.732  1.00 37.26 ? 13   LYS A NZ  1 
ATOM   85   N  N   . GLU A 1 14  ? -2.926  -3.132  10.157  1.00 21.39 ? 14   GLU A N   1 
ATOM   86   C  CA  . GLU A 1 14  ? -1.802  -3.628  9.367   1.00 22.02 ? 14   GLU A CA  1 
ATOM   87   C  C   . GLU A 1 14  ? -1.114  -2.464  8.660   1.00 19.21 ? 14   GLU A C   1 
ATOM   88   O  O   . GLU A 1 14  ? 0.113   -2.351  8.661   1.00 17.59 ? 14   GLU A O   1 
ATOM   89   C  CB  . GLU A 1 14  ? -2.271  -4.699  8.383   1.00 27.05 ? 14   GLU A CB  1 
ATOM   90   C  CG  . GLU A 1 14  ? -1.141  -5.442  7.690   1.00 35.69 ? 14   GLU A CG  1 
ATOM   91   C  CD  . GLU A 1 14  ? -0.380  -6.355  8.631   1.00 39.67 ? 14   GLU A CD  1 
ATOM   92   O  OE1 . GLU A 1 14  ? -0.716  -6.385  9.831   1.00 41.89 ? 14   GLU A OE1 1 
ATOM   93   O  OE2 . GLU A 1 14  ? 0.560   -7.032  8.168   1.00 43.00 ? 14   GLU A OE2 1 
ATOM   94   N  N   . ALA A 1 15  ? -1.921  -1.604  8.046   1.00 16.70 ? 15   ALA A N   1 
ATOM   95   C  CA  . ALA A 1 15  ? -1.394  -0.446  7.330   1.00 15.95 ? 15   ALA A CA  1 
ATOM   96   C  C   . ALA A 1 15  ? -0.633  0.463   8.298   1.00 15.36 ? 15   ALA A C   1 
ATOM   97   O  O   . ALA A 1 15  ? 0.485   0.888   8.017   1.00 15.97 ? 15   ALA A O   1 
ATOM   98   C  CB  . ALA A 1 15  ? -2.521  0.306   6.648   1.00 14.82 ? 15   ALA A CB  1 
ATOM   99   N  N   . PHE A 1 16  ? -1.262  0.753   9.434   1.00 15.47 ? 16   PHE A N   1 
ATOM   100  C  CA  . PHE A 1 16  ? -0.670  1.596   10.469  1.00 15.88 ? 16   PHE A CA  1 
ATOM   101  C  C   . PHE A 1 16  ? 0.696   1.041   10.884  1.00 14.82 ? 16   PHE A C   1 
ATOM   102  O  O   . PHE A 1 16  ? 1.656   1.796   11.049  1.00 13.53 ? 16   PHE A O   1 
ATOM   103  C  CB  . PHE A 1 16  ? -1.599  1.662   11.680  1.00 15.24 ? 16   PHE A CB  1 
ATOM   104  C  CG  . PHE A 1 16  ? -1.176  2.567   12.784  1.00 15.27 ? 16   PHE A CG  1 
ATOM   105  C  CD1 . PHE A 1 16  ? -0.281  2.131   13.771  1.00 15.23 ? 16   PHE A CD1 1 
ATOM   106  C  CD2 . PHE A 1 16  ? -1.670  3.864   12.851  1.00 14.79 ? 16   PHE A CD2 1 
ATOM   107  C  CE1 . PHE A 1 16  ? 0.094   3.009   14.802  1.00 14.73 ? 16   PHE A CE1 1 
ATOM   108  C  CE2 . PHE A 1 16  ? -1.298  4.742   13.887  1.00 14.15 ? 16   PHE A CE2 1 
ATOM   109  C  CZ  . PHE A 1 16  ? -0.407  4.305   14.879  1.00 14.95 ? 16   PHE A CZ  1 
ATOM   110  N  N   . SER A 1 17  ? 0.764   -0.275  11.044  1.00 15.61 ? 17   SER A N   1 
ATOM   111  C  CA  . SER A 1 17  ? 1.991   -0.931  11.455  1.00 18.36 ? 17   SER A CA  1 
ATOM   112  C  C   . SER A 1 17  ? 3.088   -0.870  10.394  1.00 18.02 ? 17   SER A C   1 
ATOM   113  O  O   . SER A 1 17  ? 4.256   -1.143  10.687  1.00 17.88 ? 17   SER A O   1 
ATOM   114  C  CB  . SER A 1 17  ? 1.709   -2.393  11.852  1.00 20.01 ? 17   SER A CB  1 
ATOM   115  O  OG  . SER A 1 17  ? 1.615   -3.223  10.699  1.00 24.35 ? 17   SER A OG  1 
ATOM   116  N  N   . LEU A 1 18  ? 2.730   -0.510  9.163   1.00 17.11 ? 18   LEU A N   1 
ATOM   117  C  CA  . LEU A 1 18  ? 3.748   -0.396  8.111   1.00 17.03 ? 18   LEU A CA  1 
ATOM   118  C  C   . LEU A 1 18  ? 4.453   0.951   8.236   1.00 15.54 ? 18   LEU A C   1 
ATOM   119  O  O   . LEU A 1 18  ? 5.462   1.206   7.576   1.00 14.90 ? 18   LEU A O   1 
ATOM   120  C  CB  . LEU A 1 18  ? 3.114   -0.502  6.725   1.00 17.25 ? 18   LEU A CB  1 
ATOM   121  C  CG  . LEU A 1 18  ? 2.422   -1.827  6.421   1.00 18.46 ? 18   LEU A CG  1 
ATOM   122  C  CD1 . LEU A 1 18  ? 1.678   -1.747  5.099   1.00 18.75 ? 18   LEU A CD1 1 
ATOM   123  C  CD2 . LEU A 1 18  ? 3.432   -2.978  6.395   1.00 20.85 ? 18   LEU A CD2 1 
ATOM   124  N  N   . PHE A 1 19  ? 3.921   1.808   9.102   1.00 15.32 ? 19   PHE A N   1 
ATOM   125  C  CA  . PHE A 1 19  ? 4.487   3.144   9.314   1.00 16.37 ? 19   PHE A CA  1 
ATOM   126  C  C   . PHE A 1 19  ? 5.128   3.298   10.696  1.00 16.40 ? 19   PHE A C   1 
ATOM   127  O  O   . PHE A 1 19  ? 6.123   4.012   10.876  1.00 16.12 ? 19   PHE A O   1 
ATOM   128  C  CB  . PHE A 1 19  ? 3.374   4.194   9.162   1.00 14.62 ? 19   PHE A CB  1 
ATOM   129  C  CG  . PHE A 1 19  ? 3.039   4.487   7.708   1.00 16.25 ? 19   PHE A CG  1 
ATOM   130  C  CD1 . PHE A 1 19  ? 3.566   5.612   7.069   1.00 16.86 ? 19   PHE A CD1 1 
ATOM   131  C  CD2 . PHE A 1 19  ? 2.215   3.644   6.977   1.00 17.05 ? 19   PHE A CD2 1 
ATOM   132  C  CE1 . PHE A 1 19  ? 3.298   5.867   5.732   1.00 18.64 ? 19   PHE A CE1 1 
ATOM   133  C  CE2 . PHE A 1 19  ? 1.970   3.861   5.635   1.00 17.66 ? 19   PHE A CE2 1 
ATOM   134  C  CZ  . PHE A 1 19  ? 2.507   4.979   5.004   1.00 17.19 ? 19   PHE A CZ  1 
ATOM   135  N  N   . ASP A 1 20  ? 4.533   2.626   11.674  1.00 17.17 ? 20   ASP A N   1 
ATOM   136  C  CA  . ASP A 1 20  ? 4.984   2.715   13.051  1.00 16.64 ? 20   ASP A CA  1 
ATOM   137  C  C   . ASP A 1 20  ? 6.289   1.968   13.274  1.00 17.14 ? 20   ASP A C   1 
ATOM   138  O  O   . ASP A 1 20  ? 6.312   0.825   13.725  1.00 16.18 ? 20   ASP A O   1 
ATOM   139  C  CB  . ASP A 1 20  ? 3.883   2.207   13.971  1.00 17.40 ? 20   ASP A CB  1 
ATOM   140  C  CG  . ASP A 1 20  ? 4.186   2.465   15.432  1.00 16.18 ? 20   ASP A CG  1 
ATOM   141  O  OD1 . ASP A 1 20  ? 5.084   3.289   15.717  1.00 14.14 ? 20   ASP A OD1 1 
ATOM   142  O  OD2 . ASP A 1 20  ? 3.517   1.839   16.282  1.00 13.51 ? 20   ASP A OD2 1 
ATOM   143  N  N   . LYS A 1 21  ? 7.382   2.653   12.959  1.00 16.34 ? 21   LYS A N   1 
ATOM   144  C  CA  . LYS A 1 21  ? 8.730   2.105   13.062  1.00 18.52 ? 21   LYS A CA  1 
ATOM   145  C  C   . LYS A 1 21  ? 9.139   1.556   14.419  1.00 18.92 ? 21   LYS A C   1 
ATOM   146  O  O   . LYS A 1 21  ? 9.838   0.546   14.484  1.00 18.10 ? 21   LYS A O   1 
ATOM   147  C  CB  . LYS A 1 21  ? 9.761   3.159   12.634  1.00 19.10 ? 21   LYS A CB  1 
ATOM   148  C  CG  . LYS A 1 21  ? 11.192  2.697   12.752  1.00 25.48 ? 21   LYS A CG  1 
ATOM   149  C  CD  . LYS A 1 21  ? 12.171  3.867   12.748  1.00 28.12 ? 21   LYS A CD  1 
ATOM   150  C  CE  . LYS A 1 21  ? 12.384  4.387   11.335  1.00 30.70 ? 21   LYS A CE  1 
ATOM   151  N  NZ  . LYS A 1 21  ? 13.259  5.593   11.311  1.00 32.76 ? 21   LYS A NZ  1 
ATOM   152  N  N   . ASP A 1 22  ? 8.728   2.216   15.500  1.00 17.91 ? 22   ASP A N   1 
ATOM   153  C  CA  . ASP A 1 22  ? 9.110   1.747   16.829  1.00 19.70 ? 22   ASP A CA  1 
ATOM   154  C  C   . ASP A 1 22  ? 7.989   0.926   17.486  1.00 20.19 ? 22   ASP A C   1 
ATOM   155  O  O   . ASP A 1 22  ? 8.128   0.429   18.611  1.00 19.74 ? 22   ASP A O   1 
ATOM   156  C  CB  . ASP A 1 22  ? 9.523   2.925   17.730  1.00 17.07 ? 22   ASP A CB  1 
ATOM   157  C  CG  . ASP A 1 22  ? 8.497   4.043   17.760  1.00 18.25 ? 22   ASP A CG  1 
ATOM   158  O  OD1 . ASP A 1 22  ? 7.377   3.839   17.260  1.00 15.44 ? 22   ASP A OD1 1 
ATOM   159  O  OD2 . ASP A 1 22  ? 8.831   5.131   18.281  1.00 17.93 ? 22   ASP A OD2 1 
ATOM   160  N  N   . GLY A 1 23  ? 6.878   0.788   16.775  1.00 18.73 ? 23   GLY A N   1 
ATOM   161  C  CA  . GLY A 1 23  ? 5.751   0.025   17.276  1.00 20.33 ? 23   GLY A CA  1 
ATOM   162  C  C   . GLY A 1 23  ? 5.124   0.594   18.532  1.00 20.51 ? 23   GLY A C   1 
ATOM   163  O  O   . GLY A 1 23  ? 4.526   -0.129  19.320  1.00 21.71 ? 23   GLY A O   1 
ATOM   164  N  N   . ASP A 1 24  ? 5.256   1.894   18.737  1.00 20.13 ? 24   ASP A N   1 
ATOM   165  C  CA  . ASP A 1 24  ? 4.717   2.501   19.943  1.00 20.81 ? 24   ASP A CA  1 
ATOM   166  C  C   . ASP A 1 24  ? 3.270   2.981   19.860  1.00 20.56 ? 24   ASP A C   1 
ATOM   167  O  O   . ASP A 1 24  ? 2.790   3.630   20.783  1.00 21.47 ? 24   ASP A O   1 
ATOM   168  C  CB  . ASP A 1 24  ? 5.627   3.653   20.370  1.00 21.52 ? 24   ASP A CB  1 
ATOM   169  C  CG  . ASP A 1 24  ? 5.286   4.960   19.682  1.00 21.58 ? 24   ASP A CG  1 
ATOM   170  O  OD1 . ASP A 1 24  ? 4.826   4.921   18.526  1.00 18.31 ? 24   ASP A OD1 1 
ATOM   171  O  OD2 . ASP A 1 24  ? 5.476   6.021   20.310  1.00 21.21 ? 24   ASP A OD2 1 
ATOM   172  N  N   . GLY A 1 25  ? 2.584   2.686   18.756  1.00 19.94 ? 25   GLY A N   1 
ATOM   173  C  CA  . GLY A 1 25  ? 1.191   3.089   18.635  1.00 18.67 ? 25   GLY A CA  1 
ATOM   174  C  C   . GLY A 1 25  ? 0.933   4.477   18.086  1.00 19.16 ? 25   GLY A C   1 
ATOM   175  O  O   . GLY A 1 25  ? -0.216  4.922   18.010  1.00 17.84 ? 25   GLY A O   1 
ATOM   176  N  N   . THR A 1 26  ? 1.993   5.180   17.706  1.00 16.28 ? 26   THR A N   1 
ATOM   177  C  CA  . THR A 1 26  ? 1.819   6.511   17.156  1.00 17.40 ? 26   THR A CA  1 
ATOM   178  C  C   . THR A 1 26  ? 2.666   6.632   15.909  1.00 15.83 ? 26   THR A C   1 
ATOM   179  O  O   . THR A 1 26  ? 3.680   5.955   15.755  1.00 14.98 ? 26   THR A O   1 
ATOM   180  C  CB  . THR A 1 26  ? 2.283   7.622   18.128  1.00 19.59 ? 26   THR A CB  1 
ATOM   181  O  OG1 . THR A 1 26  ? 3.698   7.521   18.308  1.00 21.02 ? 26   THR A OG1 1 
ATOM   182  C  CG2 . THR A 1 26  ? 1.591   7.473   19.477  1.00 18.64 ? 26   THR A CG2 1 
ATOM   183  N  N   . ILE A 1 27  ? 2.257   7.505   15.005  1.00 14.74 ? 27   ILE A N   1 
ATOM   184  C  CA  . ILE A 1 27  ? 3.030   7.750   13.788  1.00 14.48 ? 27   ILE A CA  1 
ATOM   185  C  C   . ILE A 1 27  ? 3.526   9.163   13.932  1.00 16.14 ? 27   ILE A C   1 
ATOM   186  O  O   . ILE A 1 27  ? 2.714   10.093  14.046  1.00 16.96 ? 27   ILE A O   1 
ATOM   187  C  CB  . ILE A 1 27  ? 2.202   7.578   12.520  1.00 13.89 ? 27   ILE A CB  1 
ATOM   188  C  CG1 . ILE A 1 27  ? 1.679   6.148   12.425  1.00 13.75 ? 27   ILE A CG1 1 
ATOM   189  C  CG2 . ILE A 1 27  ? 3.024   7.952   11.286  1.00 14.46 ? 27   ILE A CG2 1 
ATOM   190  C  CD1 . ILE A 1 27  ? 0.771   5.927   11.234  1.00 15.88 ? 27   ILE A CD1 1 
ATOM   191  N  N   . THR A 1 28  ? 4.840   9.345   13.936  1.00 15.85 ? 28   THR A N   1 
ATOM   192  C  CA  . THR A 1 28  ? 5.406   10.685  14.030  1.00 14.71 ? 28   THR A CA  1 
ATOM   193  C  C   . THR A 1 28  ? 5.747   11.243  12.659  1.00 16.52 ? 28   THR A C   1 
ATOM   194  O  O   . THR A 1 28  ? 5.710   10.537  11.642  1.00 14.96 ? 28   THR A O   1 
ATOM   195  C  CB  . THR A 1 28  ? 6.692   10.693  14.859  1.00 15.42 ? 28   THR A CB  1 
ATOM   196  O  OG1 . THR A 1 28  ? 7.670   9.864   14.216  1.00 15.48 ? 28   THR A OG1 1 
ATOM   197  C  CG2 . THR A 1 28  ? 6.421   10.187  16.260  1.00 15.67 ? 28   THR A CG2 1 
ATOM   198  N  N   . THR A 1 29  ? 6.088   12.525  12.635  1.00 16.18 ? 29   THR A N   1 
ATOM   199  C  CA  . THR A 1 29  ? 6.482   13.201  11.393  1.00 17.56 ? 29   THR A CA  1 
ATOM   200  C  C   . THR A 1 29  ? 7.697   12.484  10.841  1.00 17.30 ? 29   THR A C   1 
ATOM   201  O  O   . THR A 1 29  ? 7.846   12.299  9.631   1.00 18.01 ? 29   THR A O   1 
ATOM   202  C  CB  . THR A 1 29  ? 6.810   14.664  11.624  1.00 18.85 ? 29   THR A CB  1 
ATOM   203  O  OG1 . THR A 1 29  ? 7.795   14.751  12.661  1.00 19.44 ? 29   THR A OG1 1 
ATOM   204  C  CG2 . THR A 1 29  ? 5.568   15.446  12.043  1.00 18.79 ? 29   THR A CG2 1 
ATOM   205  N  N   . LYS A 1 30  ? 8.580   12.082  11.744  1.00 17.63 ? 30   LYS A N   1 
ATOM   206  C  CA  . LYS A 1 30  ? 9.810   11.423  11.330  1.00 20.18 ? 30   LYS A CA  1 
ATOM   207  C  C   . LYS A 1 30  ? 9.515   10.065  10.682  1.00 19.00 ? 30   LYS A C   1 
ATOM   208  O  O   . LYS A 1 30  ? 10.111  9.709   9.651   1.00 17.67 ? 30   LYS A O   1 
ATOM   209  C  CB  . LYS A 1 30  ? 10.742  11.257  12.535  1.00 23.39 ? 30   LYS A CB  1 
ATOM   210  C  CG  . LYS A 1 30  ? 12.160  10.785  12.192  1.00 26.66 ? 30   LYS A CG  1 
ATOM   211  C  CD  . LYS A 1 30  ? 13.091  10.935  13.392  1.00 30.19 ? 30   LYS A CD  1 
ATOM   212  C  CE  . LYS A 1 30  ? 14.523  10.506  13.083  1.00 31.01 ? 30   LYS A CE  1 
ATOM   213  N  NZ  . LYS A 1 30  ? 15.433  10.714  14.251  1.00 31.89 ? 30   LYS A NZ  1 
ATOM   214  N  N   . GLU A 1 31  ? 8.590   9.312   11.276  1.00 17.31 ? 31   GLU A N   1 
ATOM   215  C  CA  . GLU A 1 31  ? 8.229   7.998   10.732  1.00 17.81 ? 31   GLU A CA  1 
ATOM   216  C  C   . GLU A 1 31  ? 7.548   8.149   9.385   1.00 16.82 ? 31   GLU A C   1 
ATOM   217  O  O   . GLU A 1 31  ? 7.834   7.388   8.461   1.00 17.91 ? 31   GLU A O   1 
ATOM   218  C  CB  . GLU A 1 31  ? 7.335   7.239   11.716  1.00 16.28 ? 31   GLU A CB  1 
ATOM   219  C  CG  . GLU A 1 31  ? 8.073   6.898   12.982  1.00 17.35 ? 31   GLU A CG  1 
ATOM   220  C  CD  . GLU A 1 31  ? 7.198   6.262   14.039  1.00 17.80 ? 31   GLU A CD  1 
ATOM   221  O  OE1 . GLU A 1 31  ? 6.080   6.764   14.265  1.00 20.29 ? 31   GLU A OE1 1 
ATOM   222  O  OE2 . GLU A 1 31  ? 7.640   5.275   14.661  1.00 17.87 ? 31   GLU A OE2 1 
ATOM   223  N  N   . LEU A 1 32  ? 6.651   9.125   9.267   1.00 15.52 ? 32   LEU A N   1 
ATOM   224  C  CA  . LEU A 1 32  ? 5.980   9.372   7.993   1.00 15.58 ? 32   LEU A CA  1 
ATOM   225  C  C   . LEU A 1 32  ? 7.049   9.680   6.939   1.00 15.54 ? 32   LEU A C   1 
ATOM   226  O  O   . LEU A 1 32  ? 7.007   9.159   5.827   1.00 15.11 ? 32   LEU A O   1 
ATOM   227  C  CB  . LEU A 1 32  ? 5.007   10.555  8.096   1.00 14.18 ? 32   LEU A CB  1 
ATOM   228  C  CG  . LEU A 1 32  ? 4.356   11.011  6.775   1.00 13.59 ? 32   LEU A CG  1 
ATOM   229  C  CD1 . LEU A 1 32  ? 3.617   9.846   6.107   1.00 17.30 ? 32   LEU A CD1 1 
ATOM   230  C  CD2 . LEU A 1 32  ? 3.374   12.150  7.070   1.00 15.13 ? 32   LEU A CD2 1 
ATOM   231  N  N   . GLY A 1 33  ? 8.035   10.501  7.302   1.00 15.99 ? 33   GLY A N   1 
ATOM   232  C  CA  . GLY A 1 33  ? 9.086   10.889  6.394   1.00 17.01 ? 33   GLY A CA  1 
ATOM   233  C  C   . GLY A 1 33  ? 9.961   9.721   5.942   1.00 16.24 ? 33   GLY A C   1 
ATOM   234  O  O   . GLY A 1 33  ? 10.406  9.677   4.798   1.00 17.57 ? 33   GLY A O   1 
ATOM   235  N  N   . THR A 1 34  ? 10.214  8.770   6.831   1.00 18.03 ? 34   THR A N   1 
ATOM   236  C  CA  . THR A 1 34  ? 11.032  7.615   6.484   1.00 18.39 ? 34   THR A CA  1 
ATOM   237  C  C   . THR A 1 34  ? 10.349  6.801   5.406   1.00 18.55 ? 34   THR A C   1 
ATOM   238  O  O   . THR A 1 34  ? 10.979  6.384   4.432   1.00 18.78 ? 34   THR A O   1 
ATOM   239  C  CB  . THR A 1 34  ? 11.290  6.731   7.716   1.00 19.85 ? 34   THR A CB  1 
ATOM   240  O  OG1 . THR A 1 34  ? 12.052  7.475   8.683   1.00 19.18 ? 34   THR A OG1 1 
ATOM   241  C  CG2 . THR A 1 34  ? 12.047  5.470   7.332   1.00 21.57 ? 34   THR A CG2 1 
ATOM   242  N  N   . VAL A 1 35  ? 9.048   6.579   5.568   1.00 17.52 ? 35   VAL A N   1 
ATOM   243  C  CA  . VAL A 1 35  ? 8.307   5.830   4.566   1.00 18.47 ? 35   VAL A CA  1 
ATOM   244  C  C   . VAL A 1 35  ? 8.283   6.590   3.248   1.00 17.87 ? 35   VAL A C   1 
ATOM   245  O  O   . VAL A 1 35  ? 8.459   6.023   2.175   1.00 18.03 ? 35   VAL A O   1 
ATOM   246  C  CB  . VAL A 1 35  ? 6.854   5.569   5.007   1.00 17.89 ? 35   VAL A CB  1 
ATOM   247  C  CG1 . VAL A 1 35  ? 6.011   5.065   3.834   1.00 18.18 ? 35   VAL A CG1 1 
ATOM   248  C  CG2 . VAL A 1 35  ? 6.816   4.586   6.166   1.00 15.94 ? 35   VAL A CG2 1 
ATOM   249  N  N   . MET A 1 36  ? 8.070   7.897   3.328   1.00 18.28 ? 36   MET A N   1 
ATOM   250  C  CA  . MET A 1 36  ? 8.036   8.712   2.117   1.00 18.38 ? 36   MET A CA  1 
ATOM   251  C  C   . MET A 1 36  ? 9.390   8.709   1.422   1.00 17.84 ? 36   MET A C   1 
ATOM   252  O  O   . MET A 1 36  ? 9.465   8.654   0.198   1.00 18.21 ? 36   MET A O   1 
ATOM   253  C  CB  . MET A 1 36  ? 7.597   10.119  2.467   1.00 16.10 ? 36   MET A CB  1 
ATOM   254  C  CG  . MET A 1 36  ? 6.071   10.235  2.581   1.00 16.52 ? 36   MET A CG  1 
ATOM   255  S  SD  . MET A 1 36  ? 5.537   11.842  3.184   1.00 16.76 ? 36   MET A SD  1 
ATOM   256  C  CE  . MET A 1 36  ? 5.562   12.795  1.674   1.00 13.20 ? 36   MET A CE  1 
ATOM   257  N  N   . ARG A 1 37  ? 10.461  8.749   2.203   1.00 19.63 ? 37   ARG A N   1 
ATOM   258  C  CA  . ARG A 1 37  ? 11.802  8.728   1.629   1.00 19.61 ? 37   ARG A CA  1 
ATOM   259  C  C   . ARG A 1 37  ? 12.045  7.407   0.914   1.00 20.12 ? 37   ARG A C   1 
ATOM   260  O  O   . ARG A 1 37  ? 12.638  7.361   -0.158  1.00 20.23 ? 37   ARG A O   1 
ATOM   261  C  CB  . ARG A 1 37  ? 12.846  8.962   2.727   1.00 21.61 ? 37   ARG A CB  1 
ATOM   262  C  CG  . ARG A 1 37  ? 13.006  10.444  3.081   1.00 24.13 ? 37   ARG A CG  1 
ATOM   263  C  CD  . ARG A 1 37  ? 13.955  10.687  4.255   1.00 27.38 ? 37   ARG A CD  1 
ATOM   264  N  NE  . ARG A 1 37  ? 15.254  10.048  4.065   1.00 31.39 ? 37   ARG A NE  1 
ATOM   265  C  CZ  . ARG A 1 37  ? 15.596  8.875   4.591   1.00 33.65 ? 37   ARG A CZ  1 
ATOM   266  N  NH1 . ARG A 1 37  ? 14.735  8.208   5.349   1.00 34.91 ? 37   ARG A NH1 1 
ATOM   267  N  NH2 . ARG A 1 37  ? 16.799  8.366   4.358   1.00 34.92 ? 37   ARG A NH2 1 
ATOM   268  N  N   . SER A 1 38  ? 11.581  6.314   1.516   1.00 19.63 ? 38   SER A N   1 
ATOM   269  C  CA  . SER A 1 38  ? 11.734  4.981   0.937   1.00 20.70 ? 38   SER A CA  1 
ATOM   270  C  C   . SER A 1 38  ? 10.992  4.858   -0.381  1.00 22.45 ? 38   SER A C   1 
ATOM   271  O  O   . SER A 1 38  ? 11.349  4.026   -1.208  1.00 22.74 ? 38   SER A O   1 
ATOM   272  C  CB  . SER A 1 38  ? 11.194  3.911   1.883   1.00 21.40 ? 38   SER A CB  1 
ATOM   273  O  OG  . SER A 1 38  ? 9.779   3.873   1.829   1.00 22.38 ? 38   SER A OG  1 
ATOM   274  N  N   . LEU A 1 39  ? 9.976   5.692   -0.575  1.00 22.19 ? 39   LEU A N   1 
ATOM   275  C  CA  . LEU A 1 39  ? 9.202   5.642   -1.808  1.00 23.92 ? 39   LEU A CA  1 
ATOM   276  C  C   . LEU A 1 39  ? 9.696   6.629   -2.855  1.00 24.59 ? 39   LEU A C   1 
ATOM   277  O  O   . LEU A 1 39  ? 9.087   6.778   -3.917  1.00 24.75 ? 39   LEU A O   1 
ATOM   278  C  CB  . LEU A 1 39  ? 7.721   5.908   -1.529  1.00 25.06 ? 39   LEU A CB  1 
ATOM   279  C  CG  . LEU A 1 39  ? 6.977   4.881   -0.675  1.00 25.98 ? 39   LEU A CG  1 
ATOM   280  C  CD1 . LEU A 1 39  ? 5.532   5.321   -0.484  1.00 26.22 ? 39   LEU A CD1 1 
ATOM   281  C  CD2 . LEU A 1 39  ? 7.041   3.499   -1.320  1.00 27.48 ? 39   LEU A CD2 1 
ATOM   282  N  N   . GLY A 1 40  ? 10.781  7.331   -2.573  1.00 24.83 ? 40   GLY A N   1 
ATOM   283  C  CA  . GLY A 1 40  ? 11.353  8.251   -3.530  1.00 25.17 ? 40   GLY A CA  1 
ATOM   284  C  C   . GLY A 1 40  ? 10.925  9.693   -3.305  1.00 26.00 ? 40   GLY A C   1 
ATOM   285  O  O   . GLY A 1 40  ? 11.190  10.547  -4.147  1.00 24.94 ? 40   GLY A O   1 
ATOM   286  N  N   . GLN A 1 41  ? 10.268  9.966   -2.179  1.00 25.62 ? 41   GLN A N   1 
ATOM   287  C  CA  . GLN A 1 41  ? 9.815   11.320  -1.871  1.00 27.44 ? 41   GLN A CA  1 
ATOM   288  C  C   . GLN A 1 41  ? 10.617  11.934  -0.721  1.00 27.23 ? 41   GLN A C   1 
ATOM   289  O  O   . GLN A 1 41  ? 10.913  11.259  0.267   1.00 26.91 ? 41   GLN A O   1 
ATOM   290  C  CB  . GLN A 1 41  ? 8.325   11.306  -1.501  1.00 29.84 ? 41   GLN A CB  1 
ATOM   291  C  CG  . GLN A 1 41  ? 7.409   10.806  -2.605  1.00 31.53 ? 41   GLN A CG  1 
ATOM   292  C  CD  . GLN A 1 41  ? 5.957   10.710  -2.154  1.00 35.37 ? 41   GLN A CD  1 
ATOM   293  O  OE1 . GLN A 1 41  ? 5.405   11.660  -1.584  1.00 36.57 ? 41   GLN A OE1 1 
ATOM   294  N  NE2 . GLN A 1 41  ? 5.325   9.560   -2.415  1.00 34.24 ? 41   GLN A NE2 1 
ATOM   295  N  N   . ASN A 1 42  ? 10.972  13.212  -0.840  1.00 26.37 ? 42   ASN A N   1 
ATOM   296  C  CA  . ASN A 1 42  ? 11.735  13.873  0.224   1.00 27.24 ? 42   ASN A CA  1 
ATOM   297  C  C   . ASN A 1 42  ? 10.997  15.107  0.721   1.00 27.78 ? 42   ASN A C   1 
ATOM   298  O  O   . ASN A 1 42  ? 11.434  16.228  0.494   1.00 26.71 ? 42   ASN A O   1 
ATOM   299  C  CB  . ASN A 1 42  ? 13.133  14.286  -0.263  1.00 28.39 ? 42   ASN A CB  1 
ATOM   300  C  CG  . ASN A 1 42  ? 14.098  13.116  -0.361  1.00 28.68 ? 42   ASN A CG  1 
ATOM   301  O  OD1 . ASN A 1 42  ? 14.692  12.681  0.637   1.00 30.99 ? 42   ASN A OD1 1 
ATOM   302  N  ND2 . ASN A 1 42  ? 14.268  12.607  -1.569  1.00 30.85 ? 42   ASN A ND2 1 
ATOM   303  N  N   . PRO A 1 43  ? 9.860   14.919  1.402   1.00 27.00 ? 43   PRO A N   1 
ATOM   304  C  CA  . PRO A 1 43  ? 9.111   16.035  1.937   1.00 27.34 ? 43   PRO A CA  1 
ATOM   305  C  C   . PRO A 1 43  ? 9.933   16.829  2.946   1.00 27.44 ? 43   PRO A C   1 
ATOM   306  O  O   . PRO A 1 43  ? 10.838  16.292  3.593   1.00 26.49 ? 43   PRO A O   1 
ATOM   307  C  CB  . PRO A 1 43  ? 7.925   15.381  2.633   1.00 26.31 ? 43   PRO A CB  1 
ATOM   308  C  CG  . PRO A 1 43  ? 8.473   14.068  3.099   1.00 26.90 ? 43   PRO A CG  1 
ATOM   309  C  CD  . PRO A 1 43  ? 9.477   13.649  2.065   1.00 27.05 ? 43   PRO A CD  1 
ATOM   310  N  N   . THR A 1 44  ? 9.612   18.110  3.078   1.00 28.84 ? 44   THR A N   1 
ATOM   311  C  CA  . THR A 1 44  ? 10.303  18.970  4.028   1.00 29.58 ? 44   THR A CA  1 
ATOM   312  C  C   . THR A 1 44  ? 9.674   18.742  5.402   1.00 29.90 ? 44   THR A C   1 
ATOM   313  O  O   . THR A 1 44  ? 8.601   18.145  5.506   1.00 29.39 ? 44   THR A O   1 
ATOM   314  C  CB  . THR A 1 44  ? 10.107  20.451  3.686   1.00 30.51 ? 44   THR A CB  1 
ATOM   315  O  OG1 . THR A 1 44  ? 8.750   20.807  3.956   1.00 32.13 ? 44   THR A OG1 1 
ATOM   316  C  CG2 . THR A 1 44  ? 10.410  20.714  2.213   1.00 29.72 ? 44   THR A CG2 1 
ATOM   317  N  N   . GLU A 1 45  ? 10.333  19.227  6.449   1.00 29.42 ? 45   GLU A N   1 
ATOM   318  C  CA  . GLU A 1 45  ? 9.810   19.087  7.802   1.00 31.51 ? 45   GLU A CA  1 
ATOM   319  C  C   . GLU A 1 45  ? 8.440   19.750  7.980   1.00 31.36 ? 45   GLU A C   1 
ATOM   320  O  O   . GLU A 1 45  ? 7.557   19.204  8.639   1.00 31.13 ? 45   GLU A O   1 
ATOM   321  C  CB  . GLU A 1 45  ? 10.787  19.688  8.816   1.00 33.05 ? 45   GLU A CB  1 
ATOM   322  C  CG  . GLU A 1 45  ? 11.901  18.747  9.244   1.00 36.13 ? 45   GLU A CG  1 
ATOM   323  C  CD  . GLU A 1 45  ? 11.360  17.459  9.843   1.00 38.59 ? 45   GLU A CD  1 
ATOM   324  O  OE1 . GLU A 1 45  ? 10.433  17.542  10.682  1.00 38.93 ? 45   GLU A OE1 1 
ATOM   325  O  OE2 . GLU A 1 45  ? 11.866  16.371  9.479   1.00 38.24 ? 45   GLU A OE2 1 
ATOM   326  N  N   . ALA A 1 46  ? 8.267   20.929  7.395   1.00 31.35 ? 46   ALA A N   1 
ATOM   327  C  CA  . ALA A 1 46  ? 6.997   21.641  7.517   1.00 31.06 ? 46   ALA A CA  1 
ATOM   328  C  C   . ALA A 1 46  ? 5.913   20.880  6.764   1.00 30.12 ? 46   ALA A C   1 
ATOM   329  O  O   . ALA A 1 46  ? 4.766   20.844  7.190   1.00 31.26 ? 46   ALA A O   1 
ATOM   330  C  CB  . ALA A 1 46  ? 7.130   23.062  7.004   1.00 30.46 ? 46   ALA A CB  1 
ATOM   331  N  N   . GLU A 1 47  ? 6.293   20.267  5.643   1.00 29.68 ? 47   GLU A N   1 
ATOM   332  C  CA  . GLU A 1 47  ? 5.390   19.479  4.833   1.00 28.60 ? 47   GLU A CA  1 
ATOM   333  C  C   . GLU A 1 47  ? 4.902   18.274  5.636   1.00 27.89 ? 47   GLU A C   1 
ATOM   334  O  O   . GLU A 1 47  ? 3.712   17.952  5.632   1.00 28.66 ? 47   GLU A O   1 
ATOM   335  C  CB  . GLU A 1 47  ? 6.121   19.007  3.586   1.00 30.41 ? 47   GLU A CB  1 
ATOM   336  C  CG  . GLU A 1 47  ? 5.248   18.686  2.398   1.00 33.02 ? 47   GLU A CG  1 
ATOM   337  C  CD  . GLU A 1 47  ? 6.072   18.167  1.237   1.00 35.33 ? 47   GLU A CD  1 
ATOM   338  O  OE1 . GLU A 1 47  ? 7.214   18.660  1.065   1.00 33.49 ? 47   GLU A OE1 1 
ATOM   339  O  OE2 . GLU A 1 47  ? 5.578   17.279  0.502   1.00 35.93 ? 47   GLU A OE2 1 
ATOM   340  N  N   . LEU A 1 48  ? 5.829   17.599  6.311   1.00 25.69 ? 48   LEU A N   1 
ATOM   341  C  CA  . LEU A 1 48  ? 5.474   16.449  7.134   1.00 25.09 ? 48   LEU A CA  1 
ATOM   342  C  C   . LEU A 1 48  ? 4.584   16.937  8.264   1.00 24.38 ? 48   LEU A C   1 
ATOM   343  O  O   . LEU A 1 48  ? 3.638   16.249  8.676   1.00 21.61 ? 48   LEU A O   1 
ATOM   344  C  CB  . LEU A 1 48  ? 6.708   15.766  7.706   1.00 25.33 ? 48   LEU A CB  1 
ATOM   345  C  CG  . LEU A 1 48  ? 7.535   14.987  6.686   1.00 23.50 ? 48   LEU A CG  1 
ATOM   346  C  CD1 . LEU A 1 48  ? 8.908   14.638  7.218   1.00 21.95 ? 48   LEU A CD1 1 
ATOM   347  C  CD2 . LEU A 1 48  ? 6.790   13.720  6.252   1.00 21.81 ? 48   LEU A CD2 1 
ATOM   348  N  N   . GLN A 1 49  ? 4.889   18.127  8.771   1.00 25.08 ? 49   GLN A N   1 
ATOM   349  C  CA  . GLN A 1 49  ? 4.091   18.673  9.851   1.00 27.04 ? 49   GLN A CA  1 
ATOM   350  C  C   . GLN A 1 49  ? 2.656   18.957  9.423   1.00 26.51 ? 49   GLN A C   1 
ATOM   351  O  O   . GLN A 1 49  ? 1.734   18.705  10.193  1.00 25.94 ? 49   GLN A O   1 
ATOM   352  C  CB  . GLN A 1 49  ? 4.726   19.940  10.421  1.00 29.79 ? 49   GLN A CB  1 
ATOM   353  C  CG  . GLN A 1 49  ? 4.061   20.378  11.719  1.00 34.84 ? 49   GLN A CG  1 
ATOM   354  C  CD  . GLN A 1 49  ? 3.869   19.217  12.688  1.00 36.99 ? 49   GLN A CD  1 
ATOM   355  O  OE1 . GLN A 1 49  ? 4.839   18.631  13.173  1.00 39.51 ? 49   GLN A OE1 1 
ATOM   356  N  NE2 . GLN A 1 49  ? 2.614   18.872  12.962  1.00 37.38 ? 49   GLN A NE2 1 
ATOM   357  N  N   . ASP A 1 50  ? 2.460   19.463  8.206   1.00 25.87 ? 50   ASP A N   1 
ATOM   358  C  CA  . ASP A 1 50  ? 1.103   19.745  7.744   1.00 27.03 ? 50   ASP A CA  1 
ATOM   359  C  C   . ASP A 1 50  ? 0.319   18.455  7.485   1.00 26.08 ? 50   ASP A C   1 
ATOM   360  O  O   . ASP A 1 50  ? -0.876  18.383  7.765   1.00 25.09 ? 50   ASP A O   1 
ATOM   361  C  CB  . ASP A 1 50  ? 1.118   20.613  6.478   1.00 30.82 ? 50   ASP A CB  1 
ATOM   362  C  CG  . ASP A 1 50  ? 1.679   22.009  6.728   1.00 35.24 ? 50   ASP A CG  1 
ATOM   363  O  OD1 . ASP A 1 50  ? 1.403   22.580  7.804   1.00 36.56 ? 50   ASP A OD1 1 
ATOM   364  O  OD2 . ASP A 1 50  ? 2.401   22.527  5.862   1.00 38.04 ? 50   ASP A OD2 1 
ATOM   365  N  N   . MET A 1 51  ? 0.989   17.430  6.960   1.00 24.14 ? 51   MET A N   1 
ATOM   366  C  CA  . MET A 1 51  ? 0.316   16.156  6.694   1.00 23.68 ? 51   MET A CA  1 
ATOM   367  C  C   . MET A 1 51  ? -0.190  15.548  7.994   1.00 21.88 ? 51   MET A C   1 
ATOM   368  O  O   . MET A 1 51  ? -1.302  15.042  8.063   1.00 22.18 ? 51   MET A O   1 
ATOM   369  C  CB  . MET A 1 51  ? 1.275   15.174  5.999   1.00 23.44 ? 51   MET A CB  1 
ATOM   370  C  CG  . MET A 1 51  ? 1.618   15.577  4.570   1.00 26.69 ? 51   MET A CG  1 
ATOM   371  S  SD  . MET A 1 51  ? 2.763   14.442  3.761   1.00 29.73 ? 51   MET A SD  1 
ATOM   372  C  CE  . MET A 1 51  ? 1.630   13.242  3.068   1.00 27.90 ? 51   MET A CE  1 
ATOM   373  N  N   . ILE A 1 52  ? 0.641   15.592  9.025   1.00 21.87 ? 52   ILE A N   1 
ATOM   374  C  CA  . ILE A 1 52  ? 0.258   15.061  10.322  1.00 22.59 ? 52   ILE A CA  1 
ATOM   375  C  C   . ILE A 1 52  ? -0.840  15.937  10.926  1.00 21.96 ? 52   ILE A C   1 
ATOM   376  O  O   . ILE A 1 52  ? -1.843  15.439  11.423  1.00 20.74 ? 52   ILE A O   1 
ATOM   377  C  CB  . ILE A 1 52  ? 1.467   15.027  11.289  1.00 22.34 ? 52   ILE A CB  1 
ATOM   378  C  CG1 . ILE A 1 52  ? 2.584   14.164  10.698  1.00 25.13 ? 52   ILE A CG1 1 
ATOM   379  C  CG2 . ILE A 1 52  ? 1.056   14.498  12.661  1.00 25.08 ? 52   ILE A CG2 1 
ATOM   380  C  CD1 . ILE A 1 52  ? 2.259   12.691  10.651  1.00 24.26 ? 52   ILE A CD1 1 
ATOM   381  N  N   . ASN A 1 53  ? -0.639  17.249  10.879  1.00 23.59 ? 53   ASN A N   1 
ATOM   382  C  CA  . ASN A 1 53  ? -1.595  18.182  11.449  1.00 24.50 ? 53   ASN A CA  1 
ATOM   383  C  C   . ASN A 1 53  ? -3.034  18.023  10.935  1.00 24.57 ? 53   ASN A C   1 
ATOM   384  O  O   . ASN A 1 53  ? -3.982  18.067  11.722  1.00 23.86 ? 53   ASN A O   1 
ATOM   385  C  CB  . ASN A 1 53  ? -1.209  19.589  11.115  1.00 27.05 ? 53   ASN A CB  1 
ATOM   386  C  CG  . ASN A 1 53  ? -0.410  20.235  12.206  1.00 30.68 ? 53   ASN A CG  1 
ATOM   387  O  OD1 . ASN A 1 53  ? 0.783   20.473  12.032  1.00 34.41 ? 53   ASN A OD1 1 
ATOM   388  N  ND2 . ASN A 1 53  ? -1.062  20.509  13.320  1.00 31.48 ? 53   ASN A ND2 1 
ATOM   389  N  N   . GLU A 1 54  ? -3.180  17.834  9.629   1.00 26.35 ? 54   GLU A N   1 
ATOM   390  C  CA  . GLU A 1 54  ? -4.491  17.684  9.023   1.00 28.39 ? 54   GLU A CA  1 
ATOM   391  C  C   . GLU A 1 54  ? -5.252  16.489  9.568   1.00 28.54 ? 54   GLU A C   1 
ATOM   392  O  O   . GLU A 1 54  ? -6.472  16.433  9.457   1.00 28.49 ? 54   GLU A O   1 
ATOM   393  C  CB  . GLU A 1 54  ? -4.350  17.544  7.508   1.00 32.16 ? 54   GLU A CB  1 
ATOM   394  C  CG  . GLU A 1 54  ? -3.624  18.705  6.850   1.00 38.15 ? 54   GLU A CG  1 
ATOM   395  C  CD  . GLU A 1 54  ? -4.509  19.924  6.700   1.00 41.21 ? 54   GLU A CD  1 
ATOM   396  O  OE1 . GLU A 1 54  ? -5.298  20.196  7.629   1.00 45.31 ? 54   GLU A OE1 1 
ATOM   397  O  OE2 . GLU A 1 54  ? -4.414  20.613  5.662   1.00 42.07 ? 54   GLU A OE2 1 
ATOM   398  N  N   . VAL A 1 55  ? -4.532  15.543  10.163  1.00 27.36 ? 55   VAL A N   1 
ATOM   399  C  CA  . VAL A 1 55  ? -5.150  14.331  10.693  1.00 26.53 ? 55   VAL A CA  1 
ATOM   400  C  C   . VAL A 1 55  ? -5.016  14.212  12.209  1.00 25.19 ? 55   VAL A C   1 
ATOM   401  O  O   . VAL A 1 55  ? -5.619  13.342  12.840  1.00 24.27 ? 55   VAL A O   1 
ATOM   402  C  CB  . VAL A 1 55  ? -4.533  13.101  10.003  1.00 26.10 ? 55   VAL A CB  1 
ATOM   403  C  CG1 . VAL A 1 55  ? -4.967  11.820  10.676  1.00 29.31 ? 55   VAL A CG1 1 
ATOM   404  C  CG2 . VAL A 1 55  ? -4.882  13.087  8.524   1.00 28.58 ? 55   VAL A CG2 1 
ATOM   405  N  N   . ASP A 1 56  ? -4.204  15.077  12.790  1.00 23.40 ? 56   ASP A N   1 
ATOM   406  C  CA  . ASP A 1 56  ? -4.001  15.096  14.231  1.00 22.81 ? 56   ASP A CA  1 
ATOM   407  C  C   . ASP A 1 56  ? -5.187  15.726  14.957  1.00 24.40 ? 56   ASP A C   1 
ATOM   408  O  O   . ASP A 1 56  ? -5.105  16.860  15.426  1.00 23.01 ? 56   ASP A O   1 
ATOM   409  C  CB  . ASP A 1 56  ? -2.726  15.876  14.522  1.00 23.94 ? 56   ASP A CB  1 
ATOM   410  C  CG  . ASP A 1 56  ? -2.272  15.739  15.944  1.00 23.07 ? 56   ASP A CG  1 
ATOM   411  O  OD1 . ASP A 1 56  ? -2.821  14.879  16.673  1.00 22.34 ? 56   ASP A OD1 1 
ATOM   412  O  OD2 . ASP A 1 56  ? -1.367  16.500  16.351  1.00 25.48 ? 56   ASP A OD2 1 
ATOM   413  N  N   . ALA A 1 57  ? -6.283  14.974  15.057  1.00 24.36 ? 57   ALA A N   1 
ATOM   414  C  CA  . ALA A 1 57  ? -7.496  15.469  15.693  1.00 25.45 ? 57   ALA A CA  1 
ATOM   415  C  C   . ALA A 1 57  ? -7.287  16.097  17.073  1.00 26.77 ? 57   ALA A C   1 
ATOM   416  O  O   . ALA A 1 57  ? -7.762  17.199  17.311  1.00 26.03 ? 57   ALA A O   1 
ATOM   417  C  CB  . ALA A 1 57  ? -8.522  14.337  15.791  1.00 24.79 ? 57   ALA A CB  1 
ATOM   418  N  N   . ASP A 1 58  ? -6.585  15.423  17.981  1.00 27.02 ? 58   ASP A N   1 
ATOM   419  C  CA  . ASP A 1 58  ? -6.393  16.008  19.309  1.00 27.78 ? 58   ASP A CA  1 
ATOM   420  C  C   . ASP A 1 58  ? -5.262  17.028  19.374  1.00 28.04 ? 58   ASP A C   1 
ATOM   421  O  O   . ASP A 1 58  ? -5.113  17.737  20.358  1.00 28.92 ? 58   ASP A O   1 
ATOM   422  C  CB  . ASP A 1 58  ? -6.193  14.889  20.345  1.00 26.81 ? 58   ASP A CB  1 
ATOM   423  C  CG  . ASP A 1 58  ? -4.901  14.136  20.192  1.00 26.80 ? 58   ASP A CG  1 
ATOM   424  O  OD1 . ASP A 1 58  ? -4.082  14.547  19.338  1.00 24.53 ? 58   ASP A OD1 1 
ATOM   425  O  OD2 . ASP A 1 58  ? -4.703  13.144  20.915  1.00 24.05 ? 58   ASP A OD2 1 
ATOM   426  N  N   . GLY A 1 59  ? -4.470  17.091  18.320  1.00 28.48 ? 59   GLY A N   1 
ATOM   427  C  CA  . GLY A 1 59  ? -3.390  18.073  18.182  1.00 28.16 ? 59   GLY A CA  1 
ATOM   428  C  C   . GLY A 1 59  ? -2.162  17.855  19.089  1.00 28.11 ? 59   GLY A C   1 
ATOM   429  O  O   . GLY A 1 59  ? -1.421  18.801  19.380  1.00 27.53 ? 59   GLY A O   1 
ATOM   430  N  N   . ASN A 1 60  ? -1.918  16.628  19.538  1.00 27.14 ? 60   ASN A N   1 
ATOM   431  C  CA  . ASN A 1 60  ? -0.746  16.371  20.368  1.00 27.20 ? 60   ASN A CA  1 
ATOM   432  C  C   . ASN A 1 60  ? 0.537   16.205  19.536  1.00 27.10 ? 60   ASN A C   1 
ATOM   433  O  O   . ASN A 1 60  ? 1.603   15.911  20.086  1.00 27.86 ? 60   ASN A O   1 
ATOM   434  C  CB  . ASN A 1 60  ? -0.978  15.135  21.252  1.00 26.98 ? 60   ASN A CB  1 
ATOM   435  C  CG  . ASN A 1 60  ? -0.965  13.840  20.462  1.00 27.31 ? 60   ASN A CG  1 
ATOM   436  O  OD1 . ASN A 1 60  ? -1.152  13.839  19.243  1.00 26.03 ? 60   ASN A OD1 1 
ATOM   437  N  ND2 . ASN A 1 60  ? -0.759  12.727  21.156  1.00 27.03 ? 60   ASN A ND2 1 
ATOM   438  N  N   . GLY A 1 61  ? 0.440   16.332  18.210  1.00 26.69 ? 61   GLY A N   1 
ATOM   439  C  CA  . GLY A 1 61  ? 1.609   16.288  17.363  1.00 24.26 ? 61   GLY A CA  1 
ATOM   440  C  C   . GLY A 1 61  ? 1.926   14.958  16.692  1.00 23.28 ? 61   GLY A C   1 
ATOM   441  O  O   . GLY A 1 61  ? 2.768   14.925  15.795  1.00 21.81 ? 61   GLY A O   1 
ATOM   442  N  N   . THR A 1 62  ? 1.269   13.879  17.108  1.00 23.29 ? 62   THR A N   1 
ATOM   443  C  CA  . THR A 1 62  ? 1.498   12.576  16.488  1.00 21.47 ? 62   THR A CA  1 
ATOM   444  C  C   . THR A 1 62  ? 0.138   11.983  16.144  1.00 20.96 ? 62   THR A C   1 
ATOM   445  O  O   . THR A 1 62  ? -0.878  12.441  16.651  1.00 18.44 ? 62   THR A O   1 
ATOM   446  C  CB  . THR A 1 62  ? 2.258   11.603  17.418  1.00 20.71 ? 62   THR A CB  1 
ATOM   447  O  OG1 . THR A 1 62  ? 1.433   11.245  18.530  1.00 21.44 ? 62   THR A OG1 1 
ATOM   448  C  CG2 . THR A 1 62  ? 3.547   12.247  17.929  1.00 23.07 ? 62   THR A CG2 1 
ATOM   449  N  N   . ILE A 1 63  ? 0.129   10.963  15.293  1.00 17.52 ? 63   ILE A N   1 
ATOM   450  C  CA  . ILE A 1 63  ? -1.126  10.326  14.905  1.00 17.18 ? 63   ILE A CA  1 
ATOM   451  C  C   . ILE A 1 63  ? -1.286  8.976   15.596  1.00 17.63 ? 63   ILE A C   1 
ATOM   452  O  O   . ILE A 1 63  ? -0.451  8.093   15.435  1.00 18.28 ? 63   ILE A O   1 
ATOM   453  C  CB  . ILE A 1 63  ? -1.178  10.135  13.373  1.00 16.19 ? 63   ILE A CB  1 
ATOM   454  C  CG1 . ILE A 1 63  ? -1.235  11.503  12.707  1.00 19.09 ? 63   ILE A CG1 1 
ATOM   455  C  CG2 . ILE A 1 63  ? -2.359  9.280   12.961  1.00 15.35 ? 63   ILE A CG2 1 
ATOM   456  C  CD1 . ILE A 1 63  ? -1.410  11.444  11.203  1.00 22.79 ? 63   ILE A CD1 1 
ATOM   457  N  N   . ASP A 1 64  ? -2.345  8.822   16.386  1.00 20.26 ? 64   ASP A N   1 
ATOM   458  C  CA  . ASP A 1 64  ? -2.601  7.549   17.059  1.00 20.38 ? 64   ASP A CA  1 
ATOM   459  C  C   . ASP A 1 64  ? -3.511  6.739   16.124  1.00 19.82 ? 64   ASP A C   1 
ATOM   460  O  O   . ASP A 1 64  ? -3.958  7.266   15.105  1.00 21.17 ? 64   ASP A O   1 
ATOM   461  C  CB  . ASP A 1 64  ? -3.253  7.769   18.445  1.00 21.10 ? 64   ASP A CB  1 
ATOM   462  C  CG  . ASP A 1 64  ? -4.493  8.667   18.402  1.00 21.58 ? 64   ASP A CG  1 
ATOM   463  O  OD1 . ASP A 1 64  ? -5.280  8.538   17.441  1.00 17.57 ? 64   ASP A OD1 1 
ATOM   464  O  OD2 . ASP A 1 64  ? -4.680  9.486   19.332  1.00 22.01 ? 64   ASP A OD2 1 
ATOM   465  N  N   . PHE A 1 65  ? -3.798  5.482   16.449  1.00 20.18 ? 65   PHE A N   1 
ATOM   466  C  CA  . PHE A 1 65  ? -4.643  4.672   15.569  1.00 19.87 ? 65   PHE A CA  1 
ATOM   467  C  C   . PHE A 1 65  ? -6.046  5.236   15.365  1.00 20.17 ? 65   PHE A C   1 
ATOM   468  O  O   . PHE A 1 65  ? -6.559  5.248   14.240  1.00 19.06 ? 65   PHE A O   1 
ATOM   469  C  CB  . PHE A 1 65  ? -4.728  3.227   16.064  1.00 22.66 ? 65   PHE A CB  1 
ATOM   470  C  CG  . PHE A 1 65  ? -5.410  2.293   15.095  1.00 23.09 ? 65   PHE A CG  1 
ATOM   471  C  CD1 . PHE A 1 65  ? -4.946  2.168   13.782  1.00 21.72 ? 65   PHE A CD1 1 
ATOM   472  C  CD2 . PHE A 1 65  ? -6.520  1.545   15.492  1.00 22.32 ? 65   PHE A CD2 1 
ATOM   473  C  CE1 . PHE A 1 65  ? -5.573  1.320   12.881  1.00 21.10 ? 65   PHE A CE1 1 
ATOM   474  C  CE2 . PHE A 1 65  ? -7.157  0.692   14.601  1.00 22.13 ? 65   PHE A CE2 1 
ATOM   475  C  CZ  . PHE A 1 65  ? -6.682  0.578   13.287  1.00 23.67 ? 65   PHE A CZ  1 
ATOM   476  N  N   . PRO A 1 66  ? -6.707  5.731   16.426  1.00 19.14 ? 66   PRO A N   1 
ATOM   477  C  CA  . PRO A 1 66  ? -8.039  6.262   16.257  1.00 18.34 ? 66   PRO A CA  1 
ATOM   478  C  C   . PRO A 1 66  ? -8.058  7.372   15.216  1.00 18.16 ? 66   PRO A C   1 
ATOM   479  O  O   . PRO A 1 66  ? -8.970  7.458   14.402  1.00 18.80 ? 66   PRO A O   1 
ATOM   480  C  CB  . PRO A 1 66  ? -8.401  6.762   17.651  1.00 18.34 ? 66   PRO A CB  1 
ATOM   481  C  CG  . PRO A 1 66  ? -7.716  5.764   18.549  1.00 19.85 ? 66   PRO A CG  1 
ATOM   482  C  CD  . PRO A 1 66  ? -6.462  5.347   17.841  1.00 18.72 ? 66   PRO A CD  1 
ATOM   483  N  N   . GLU A 1 67  ? -7.060  8.235   15.257  1.00 17.83 ? 67   GLU A N   1 
ATOM   484  C  CA  . GLU A 1 67  ? -6.997  9.308   14.269  1.00 17.25 ? 67   GLU A CA  1 
ATOM   485  C  C   . GLU A 1 67  ? -6.715  8.738   12.881  1.00 17.04 ? 67   GLU A C   1 
ATOM   486  O  O   . GLU A 1 67  ? -7.240  9.233   11.887  1.00 17.95 ? 67   GLU A O   1 
ATOM   487  C  CB  . GLU A 1 67  ? -5.934  10.332  14.696  1.00 18.70 ? 67   GLU A CB  1 
ATOM   488  C  CG  . GLU A 1 67  ? -6.188  10.918  16.086  1.00 16.95 ? 67   GLU A CG  1 
ATOM   489  C  CD  . GLU A 1 67  ? -5.010  11.727  16.635  1.00 18.14 ? 67   GLU A CD  1 
ATOM   490  O  OE1 . GLU A 1 67  ? -3.857  11.430  16.276  1.00 17.74 ? 67   GLU A OE1 1 
ATOM   491  O  OE2 . GLU A 1 67  ? -5.248  12.672  17.418  1.00 16.61 ? 67   GLU A OE2 1 
ATOM   492  N  N   . PHE A 1 68  ? -5.888  7.700   12.824  1.00 16.62 ? 68   PHE A N   1 
ATOM   493  C  CA  . PHE A 1 68  ? -5.525  7.059   11.554  1.00 18.27 ? 68   PHE A CA  1 
ATOM   494  C  C   . PHE A 1 68  ? -6.759  6.421   10.938  1.00 19.86 ? 68   PHE A C   1 
ATOM   495  O  O   . PHE A 1 68  ? -6.998  6.490   9.739   1.00 18.60 ? 68   PHE A O   1 
ATOM   496  C  CB  . PHE A 1 68  ? -4.465  5.981   11.795  1.00 15.49 ? 68   PHE A CB  1 
ATOM   497  C  CG  . PHE A 1 68  ? -4.002  5.283   10.536  1.00 15.45 ? 68   PHE A CG  1 
ATOM   498  C  CD1 . PHE A 1 68  ? -3.063  5.881   9.702   1.00 14.42 ? 68   PHE A CD1 1 
ATOM   499  C  CD2 . PHE A 1 68  ? -4.492  4.045   10.192  1.00 13.47 ? 68   PHE A CD2 1 
ATOM   500  C  CE1 . PHE A 1 68  ? -2.629  5.240   8.532   1.00 13.89 ? 68   PHE A CE1 1 
ATOM   501  C  CE2 . PHE A 1 68  ? -4.075  3.396   9.034   1.00 14.44 ? 68   PHE A CE2 1 
ATOM   502  C  CZ  . PHE A 1 68  ? -3.145  3.987   8.191   1.00 15.42 ? 68   PHE A CZ  1 
ATOM   503  N  N   . LEU A 1 69  ? -7.546  5.793   11.807  1.00 21.04 ? 69   LEU A N   1 
ATOM   504  C  CA  . LEU A 1 69  ? -8.784  5.141   11.428  1.00 22.68 ? 69   LEU A CA  1 
ATOM   505  C  C   . LEU A 1 69  ? -9.783  6.161   10.896  1.00 24.39 ? 69   LEU A C   1 
ATOM   506  O  O   . LEU A 1 69  ? -10.412 5.929   9.868   1.00 24.44 ? 69   LEU A O   1 
ATOM   507  C  CB  . LEU A 1 69  ? -9.376  4.415   12.639  1.00 23.58 ? 69   LEU A CB  1 
ATOM   508  C  CG  . LEU A 1 69  ? -10.699 3.679   12.444  1.00 26.80 ? 69   LEU A CG  1 
ATOM   509  C  CD1 . LEU A 1 69  ? -10.539 2.559   11.437  1.00 27.16 ? 69   LEU A CD1 1 
ATOM   510  C  CD2 . LEU A 1 69  ? -11.196 3.134   13.774  1.00 28.30 ? 69   LEU A CD2 1 
ATOM   511  N  N   . THR A 1 70  ? -9.940  7.283   11.599  1.00 24.68 ? 70   THR A N   1 
ATOM   512  C  CA  . THR A 1 70  ? -10.875 8.315   11.161  1.00 25.68 ? 70   THR A CA  1 
ATOM   513  C  C   . THR A 1 70  ? -10.536 8.682   9.720   1.00 26.29 ? 70   THR A C   1 
ATOM   514  O  O   . THR A 1 70  ? -11.419 8.823   8.875   1.00 24.79 ? 70   THR A O   1 
ATOM   515  C  CB  . THR A 1 70  ? -10.769 9.587   12.025  1.00 25.87 ? 70   THR A CB  1 
ATOM   516  O  OG1 . THR A 1 70  ? -11.179 9.296   13.365  1.00 23.50 ? 70   THR A OG1 1 
ATOM   517  C  CG2 . THR A 1 70  ? -11.636 10.688  11.434  1.00 26.21 ? 70   THR A CG2 1 
ATOM   518  N  N   . MET A 1 71  ? -9.241  8.838   9.457   1.00 26.52 ? 71   MET A N   1 
ATOM   519  C  CA  . MET A 1 71  ? -8.760  9.180   8.131   1.00 26.96 ? 71   MET A CA  1 
ATOM   520  C  C   . MET A 1 71  ? -9.090  8.090   7.131   1.00 27.28 ? 71   MET A C   1 
ATOM   521  O  O   . MET A 1 71  ? -9.669  8.355   6.070   1.00 27.01 ? 71   MET A O   1 
ATOM   522  C  CB  . MET A 1 71  ? -7.257  9.413   8.123   1.00 26.59 ? 71   MET A CB  1 
ATOM   523  C  CG  . MET A 1 71  ? -6.668  9.482   6.711   1.00 26.98 ? 71   MET A CG  1 
ATOM   524  S  SD  . MET A 1 71  ? -4.895  9.793   6.670   1.00 27.77 ? 71   MET A SD  1 
ATOM   525  C  CE  . MET A 1 71  ? -4.251  8.151   6.946   1.00 25.20 ? 71   MET A CE  1 
ATOM   526  N  N   . MET A 1 72  ? -8.701  6.867   7.465   1.00 27.59 ? 72   MET A N   1 
ATOM   527  C  CA  . MET A 1 72  ? -8.933  5.723   6.598   1.00 29.13 ? 72   MET A CA  1 
ATOM   528  C  C   . MET A 1 72  ? -10.429 5.487   6.394   1.00 30.60 ? 72   MET A C   1 
ATOM   529  O  O   . MET A 1 72  ? -10.870 5.176   5.285   1.00 30.73 ? 72   MET A O   1 
ATOM   530  C  CB  . MET A 1 72  ? -8.265  4.473   7.170   1.00 29.14 ? 72   MET A CB  1 
ATOM   531  C  CG  . MET A 1 72  ? -6.760  4.593   7.332   1.00 31.38 ? 72   MET A CG  1 
ATOM   532  S  SD  . MET A 1 72  ? -5.915  4.911   5.772   1.00 30.56 ? 72   MET A SD  1 
ATOM   533  C  CE  . MET A 1 72  ? -6.038  3.305   4.982   1.00 34.43 ? 72   MET A CE  1 
ATOM   534  N  N   . ALA A 1 73  ? -11.201 5.640   7.465   1.00 31.25 ? 73   ALA A N   1 
ATOM   535  C  CA  . ALA A 1 73  ? -12.649 5.432   7.409   1.00 33.16 ? 73   ALA A CA  1 
ATOM   536  C  C   . ALA A 1 73  ? -13.298 6.466   6.507   1.00 34.51 ? 73   ALA A C   1 
ATOM   537  O  O   . ALA A 1 73  ? -14.222 6.162   5.752   1.00 34.43 ? 73   ALA A O   1 
ATOM   538  C  CB  . ALA A 1 73  ? -13.240 5.460   8.806   1.00 32.69 ? 73   ALA A CB  1 
ATOM   539  N  N   . ARG A 1 74  ? -12.803 7.694   6.597   1.00 35.77 ? 74   ARG A N   1 
ATOM   540  C  CA  . ARG A 1 74  ? -13.299 8.771   5.767   1.00 38.68 ? 74   ARG A CA  1 
ATOM   541  C  C   . ARG A 1 74  ? -13.098 8.436   4.314   1.00 39.77 ? 74   ARG A C   1 
ATOM   542  O  O   . ARG A 1 74  ? -13.955 8.701   3.474   1.00 40.04 ? 74   ARG A O   1 
ATOM   543  C  CB  . ARG A 1 74  ? -12.583 10.081  6.136   1.00 39.39 ? 74   ARG A CB  1 
ATOM   544  C  CG  . ARG A 1 74  ? -13.261 11.345  5.627   1.00 42.19 ? 74   ARG A CG  1 
ATOM   545  C  CD  . ARG A 1 74  ? -14.468 11.676  6.485   1.00 45.45 ? 74   ARG A CD  1 
ATOM   546  N  NE  . ARG A 1 74  ? -14.097 11.917  7.882   1.00 47.66 ? 74   ARG A NE  1 
ATOM   547  C  CZ  . ARG A 1 74  ? -14.971 11.977  8.885   1.00 48.69 ? 74   ARG A CZ  1 
ATOM   548  N  NH1 . ARG A 1 74  ? -16.267 11.810  8.648   1.00 48.34 ? 74   ARG A NH1 1 
ATOM   549  N  NH2 . ARG A 1 74  ? -14.554 12.201  10.123  1.00 47.59 ? 74   ARG A NH2 1 
ATOM   550  N  N   . LYS A 1 75  ? -11.952 7.838   4.002   1.00 41.05 ? 75   LYS A N   1 
ATOM   551  C  CA  . LYS A 1 75  ? -11.657 7.468   2.621   1.00 43.13 ? 75   LYS A CA  1 
ATOM   552  C  C   . LYS A 1 75  ? -12.630 6.391   2.145   1.00 44.39 ? 75   LYS A C   1 
ATOM   553  O  O   . LYS A 1 75  ? -13.261 6.533   1.100   1.00 43.82 ? 75   LYS A O   1 
ATOM   554  C  CB  . LYS A 1 75  ? -10.216 6.960   2.486   1.00 42.82 ? 75   LYS A CB  1 
ATOM   555  C  CG  . LYS A 1 75  ? -9.872  6.492   1.077   1.00 41.89 ? 75   LYS A CG  1 
ATOM   556  C  CD  . LYS A 1 75  ? -8.468  5.936   0.970   1.00 40.71 ? 75   LYS A CD  1 
ATOM   557  C  CE  . LYS A 1 75  ? -8.142  5.526   -0.459  1.00 39.63 ? 75   LYS A CE  1 
ATOM   558  N  NZ  . LYS A 1 75  ? -6.784  4.920   -0.565  1.00 39.57 ? 75   LYS A NZ  1 
ATOM   559  N  N   . MET A 1 76  ? -12.754 5.321   2.925   1.00 47.59 ? 76   MET A N   1 
ATOM   560  C  CA  . MET A 1 76  ? -13.648 4.220   2.579   1.00 51.12 ? 76   MET A CA  1 
ATOM   561  C  C   . MET A 1 76  ? -15.092 4.678   2.409   1.00 52.93 ? 76   MET A C   1 
ATOM   562  O  O   . MET A 1 76  ? -15.746 4.341   1.419   1.00 53.94 ? 76   MET A O   1 
ATOM   563  C  CB  . MET A 1 76  ? -13.579 3.121   3.642   1.00 51.25 ? 76   MET A CB  1 
ATOM   564  C  CG  . MET A 1 76  ? -12.210 2.472   3.756   1.00 53.19 ? 76   MET A CG  1 
ATOM   565  S  SD  . MET A 1 76  ? -11.470 2.080   2.156   1.00 53.79 ? 76   MET A SD  1 
ATOM   566  C  CE  . MET A 1 76  ? -9.986  3.084   2.214   1.00 54.60 ? 76   MET A CE  1 
ATOM   567  N  N   . LYS A 1 77  ? -15.589 5.440   3.376   1.00 54.63 ? 77   LYS A N   1 
ATOM   568  C  CA  . LYS A 1 77  ? -16.952 5.940   3.307   1.00 56.09 ? 77   LYS A CA  1 
ATOM   569  C  C   . LYS A 1 77  ? -17.061 6.997   2.214   1.00 56.59 ? 77   LYS A C   1 
ATOM   570  O  O   . LYS A 1 77  ? -17.309 8.174   2.481   1.00 56.94 ? 77   LYS A O   1 
ATOM   571  C  CB  . LYS A 1 77  ? -17.403 6.483   4.661   1.00 57.31 ? 77   LYS A CB  1 
ATOM   572  C  CG  . LYS A 1 77  ? -17.479 5.428   5.750   1.00 60.13 ? 77   LYS A CG  1 
ATOM   573  C  CD  . LYS A 1 77  ? -18.192 5.925   6.998   1.00 61.33 ? 77   LYS A CD  1 
ATOM   574  C  CE  . LYS A 1 77  ? -18.432 4.783   7.967   1.00 61.95 ? 77   LYS A CE  1 
ATOM   575  N  NZ  . LYS A 1 77  ? -19.242 5.217   9.143   1.00 62.92 ? 77   LYS A NZ  1 
ATOM   576  N  N   . ASP A 1 78  ? -16.852 6.547   0.980   1.00 56.26 ? 78   ASP A N   1 
ATOM   577  C  CA  . ASP A 1 78  ? -16.921 7.384   -0.210  1.00 55.54 ? 78   ASP A CA  1 
ATOM   578  C  C   . ASP A 1 78  ? -17.126 6.461   -1.408  1.00 54.95 ? 78   ASP A C   1 
ATOM   579  O  O   . ASP A 1 78  ? -16.428 5.452   -1.549  1.00 54.42 ? 78   ASP A O   1 
ATOM   580  C  CB  . ASP A 1 78  ? -15.635 8.191   -0.378  1.00 56.93 ? 78   ASP A CB  1 
ATOM   581  C  CG  . ASP A 1 78  ? -15.666 9.076   -1.607  1.00 57.99 ? 78   ASP A CG  1 
ATOM   582  O  OD1 . ASP A 1 78  ? -15.521 8.541   -2.728  1.00 57.02 ? 78   ASP A OD1 1 
ATOM   583  O  OD2 . ASP A 1 78  ? -15.850 10.303  -1.451  1.00 58.81 ? 78   ASP A OD2 1 
ATOM   584  N  N   . THR A 1 79  ? -18.086 6.798   -2.236  1.00 53.49 ? 79   THR A N   1 
ATOM   585  C  CA  . THR A 1 79  ? -18.506 6.008   -3.395  1.00 52.28 ? 79   THR A CA  1 
ATOM   586  C  C   . THR A 1 79  ? -17.409 5.346   -4.231  1.00 50.77 ? 79   THR A C   1 
ATOM   587  O  O   . THR A 1 79  ? -17.517 4.170   -4.573  1.00 50.30 ? 79   THR A O   1 
ATOM   588  C  CB  . THR A 1 79  ? -19.364 6.862   -4.354  1.00 52.72 ? 79   THR A CB  1 
ATOM   589  O  OG1 . THR A 1 79  ? -20.509 7.366   -3.653  1.00 53.04 ? 79   THR A OG1 1 
ATOM   590  C  CG2 . THR A 1 79  ? -19.822 6.032   -5.542  1.00 52.28 ? 79   THR A CG2 1 
ATOM   591  N  N   . ASP A 1 80  ? -16.349 6.072   -4.547  1.00 49.20 ? 80   ASP A N   1 
ATOM   592  C  CA  . ASP A 1 80  ? -15.302 5.543   -5.408  1.00 47.74 ? 80   ASP A CA  1 
ATOM   593  C  C   . ASP A 1 80  ? -14.190 4.766   -4.708  1.00 46.67 ? 80   ASP A C   1 
ATOM   594  O  O   . ASP A 1 80  ? -13.320 4.201   -5.373  1.00 46.86 ? 80   ASP A O   1 
ATOM   595  C  CB  . ASP A 1 80  ? -14.700 6.671   -6.235  1.00 47.88 ? 80   ASP A CB  1 
ATOM   596  C  CG  . ASP A 1 80  ? -15.677 7.271   -7.239  1.00 48.44 ? 80   ASP A CG  1 
ATOM   597  O  OD1 . ASP A 1 80  ? -16.356 6.507   -7.959  1.00 47.95 ? 80   ASP A OD1 1 
ATOM   598  O  OD2 . ASP A 1 80  ? -15.771 8.516   -7.297  1.00 47.29 ? 80   ASP A OD2 1 
ATOM   599  N  N   . SER A 1 81  ? -14.215 4.720   -3.380  1.00 44.67 ? 81   SER A N   1 
ATOM   600  C  CA  . SER A 1 81  ? -13.175 4.003   -2.649  1.00 43.70 ? 81   SER A CA  1 
ATOM   601  C  C   . SER A 1 81  ? -13.421 2.502   -2.527  1.00 42.23 ? 81   SER A C   1 
ATOM   602  O  O   . SER A 1 81  ? -14.495 2.065   -2.104  1.00 42.45 ? 81   SER A O   1 
ATOM   603  C  CB  . SER A 1 81  ? -12.988 4.612   -1.256  1.00 44.37 ? 81   SER A CB  1 
ATOM   604  O  OG  . SER A 1 81  ? -12.319 5.863   -1.340  1.00 44.63 ? 81   SER A OG  1 
ATOM   605  N  N   . GLU A 1 82  ? -12.411 1.724   -2.909  1.00 39.22 ? 82   GLU A N   1 
ATOM   606  C  CA  . GLU A 1 82  ? -12.474 0.269   -2.847  1.00 37.94 ? 82   GLU A CA  1 
ATOM   607  C  C   . GLU A 1 82  ? -11.631 -0.244  -1.679  1.00 35.75 ? 82   GLU A C   1 
ATOM   608  O  O   . GLU A 1 82  ? -10.955 0.532   -1.003  1.00 35.29 ? 82   GLU A O   1 
ATOM   609  C  CB  . GLU A 1 82  ? -11.975 -0.356  -4.167  1.00 37.65 ? 82   GLU A CB  1 
ATOM   610  C  CG  . GLU A 1 82  ? -12.860 -0.089  -5.365  1.00 40.07 ? 82   GLU A CG  1 
ATOM   611  C  CD  . GLU A 1 82  ? -12.245 -0.542  -6.683  1.00 40.27 ? 82   GLU A CD  1 
ATOM   612  O  OE1 . GLU A 1 82  ? -11.244 0.066   -7.113  1.00 40.23 ? 82   GLU A OE1 1 
ATOM   613  O  OE2 . GLU A 1 82  ? -12.763 -1.505  -7.289  1.00 41.09 ? 82   GLU A OE2 1 
ATOM   614  N  N   . GLU A 1 83  ? -11.687 -1.552  -1.442  1.00 34.13 ? 83   GLU A N   1 
ATOM   615  C  CA  . GLU A 1 83  ? -10.906 -2.192  -0.380  1.00 32.08 ? 83   GLU A CA  1 
ATOM   616  C  C   . GLU A 1 83  ? -9.437  -2.090  -0.798  1.00 29.49 ? 83   GLU A C   1 
ATOM   617  O  O   . GLU A 1 83  ? -9.126  -2.121  -1.984  1.00 27.89 ? 83   GLU A O   1 
ATOM   618  C  CB  . GLU A 1 83  ? -11.289 -3.649  -0.157  1.00 34.07 ? 83   GLU A CB  1 
ATOM   619  C  CG  . GLU A 1 83  ? -12.774 -3.928  -0.256  1.00 37.95 ? 83   GLU A CG  1 
ATOM   620  C  CD  . GLU A 1 83  ? -13.097 -5.406  -0.346  1.00 40.53 ? 83   GLU A CD  1 
ATOM   621  O  OE1 . GLU A 1 83  ? -12.636 -6.166  0.538   1.00 44.21 ? 83   GLU A OE1 1 
ATOM   622  O  OE2 . GLU A 1 83  ? -13.801 -5.809  -1.297  1.00 42.31 ? 83   GLU A OE2 1 
ATOM   623  N  N   . GLU A 1 84  ? -8.523  -1.965  0.166   1.00 27.41 ? 84   GLU A N   1 
ATOM   624  C  CA  . GLU A 1 84  ? -7.089  -1.843  -0.131  1.00 26.64 ? 84   GLU A CA  1 
ATOM   625  C  C   . GLU A 1 84  ? -6.599  -2.886  -1.128  1.00 23.95 ? 84   GLU A C   1 
ATOM   626  O  O   . GLU A 1 84  ? -5.875  -2.560  -2.069  1.00 24.12 ? 84   GLU A O   1 
ATOM   627  C  CB  . GLU A 1 84  ? -6.270  -1.986  1.160   1.00 27.86 ? 84   GLU A CB  1 
ATOM   628  C  CG  . GLU A 1 84  ? -6.268  -0.800  2.113   1.00 29.55 ? 84   GLU A CG  1 
ATOM   629  C  CD  . GLU A 1 84  ? -5.302  -0.984  3.289   1.00 30.17 ? 84   GLU A CD  1 
ATOM   630  O  OE1 . GLU A 1 84  ? -4.095  -0.707  3.119   1.00 25.19 ? 84   GLU A OE1 1 
ATOM   631  O  OE2 . GLU A 1 84  ? -5.764  -1.400  4.373   1.00 31.12 ? 84   GLU A OE2 1 
ATOM   632  N  N   . ILE A 1 85  ? -6.986  -4.138  -0.907  1.00 22.14 ? 85   ILE A N   1 
ATOM   633  C  CA  . ILE A 1 85  ? -6.574  -5.246  -1.779  1.00 23.39 ? 85   ILE A CA  1 
ATOM   634  C  C   . ILE A 1 85  ? -7.021  -5.049  -3.229  1.00 20.75 ? 85   ILE A C   1 
ATOM   635  O  O   . ILE A 1 85  ? -6.280  -5.363  -4.163  1.00 19.79 ? 85   ILE A O   1 
ATOM   636  C  CB  . ILE A 1 85  ? -7.100  -6.584  -1.224  1.00 25.43 ? 85   ILE A CB  1 
ATOM   637  C  CG1 . ILE A 1 85  ? -5.965  -7.387  -0.596  1.00 28.73 ? 85   ILE A CG1 1 
ATOM   638  C  CG2 . ILE A 1 85  ? -7.793  -7.396  -2.305  1.00 28.50 ? 85   ILE A CG2 1 
ATOM   639  C  CD1 . ILE A 1 85  ? -4.942  -7.892  -1.587  1.00 29.09 ? 85   ILE A CD1 1 
ATOM   640  N  N   . ARG A 1 86  ? -8.236  -4.552  -3.402  1.00 20.22 ? 86   ARG A N   1 
ATOM   641  C  CA  . ARG A 1 86  ? -8.769  -4.333  -4.736  1.00 21.25 ? 86   ARG A CA  1 
ATOM   642  C  C   . ARG A 1 86  ? -8.079  -3.123  -5.371  1.00 20.62 ? 86   ARG A C   1 
ATOM   643  O  O   . ARG A 1 86  ? -7.722  -3.141  -6.554  1.00 20.82 ? 86   ARG A O   1 
ATOM   644  C  CB  . ARG A 1 86  ? -10.296 -4.153  -4.696  1.00 24.92 ? 86   ARG A CB  1 
ATOM   645  C  CG  . ARG A 1 86  ? -11.045 -5.111  -3.761  1.00 30.11 ? 86   ARG A CG  1 
ATOM   646  C  CD  . ARG A 1 86  ? -12.527 -5.183  -4.115  1.00 32.46 ? 86   ARG A CD  1 
ATOM   647  N  NE  . ARG A 1 86  ? -12.739 -5.809  -5.414  1.00 35.56 ? 86   ARG A NE  1 
ATOM   648  C  CZ  . ARG A 1 86  ? -13.156 -7.060  -5.579  1.00 36.05 ? 86   ARG A CZ  1 
ATOM   649  N  NH1 . ARG A 1 86  ? -13.422 -7.815  -4.521  1.00 35.77 ? 86   ARG A NH1 1 
ATOM   650  N  NH2 . ARG A 1 86  ? -13.322 -7.556  -6.804  1.00 36.19 ? 86   ARG A NH2 1 
ATOM   651  N  N   . GLU A 1 87  ? -7.880  -2.089  -4.566  1.00 18.47 ? 87   GLU A N   1 
ATOM   652  C  CA  . GLU A 1 87  ? -7.191  -0.904  -5.062  1.00 18.90 ? 87   GLU A CA  1 
ATOM   653  C  C   . GLU A 1 87  ? -5.782  -1.286  -5.510  1.00 15.83 ? 87   GLU A C   1 
ATOM   654  O  O   . GLU A 1 87  ? -5.280  -0.803  -6.526  1.00 17.01 ? 87   GLU A O   1 
ATOM   655  C  CB  . GLU A 1 87  ? -7.137  0.202   -3.990  1.00 21.09 ? 87   GLU A CB  1 
ATOM   656  C  CG  . GLU A 1 87  ? -6.579  1.546   -4.484  1.00 25.07 ? 87   GLU A CG  1 
ATOM   657  C  CD  . GLU A 1 87  ? -6.584  2.636   -3.411  1.00 26.28 ? 87   GLU A CD  1 
ATOM   658  O  OE1 . GLU A 1 87  ? -7.667  3.179   -3.110  1.00 29.25 ? 87   GLU A OE1 1 
ATOM   659  O  OE2 . GLU A 1 87  ? -5.506  2.945   -2.866  1.00 25.20 ? 87   GLU A OE2 1 
ATOM   660  N  N   . ALA A 1 88  ? -5.139  -2.171  -4.746  1.00 14.00 ? 88   ALA A N   1 
ATOM   661  C  CA  . ALA A 1 88  ? -3.771  -2.606  -5.076  1.00 13.38 ? 88   ALA A CA  1 
ATOM   662  C  C   . ALA A 1 88  ? -3.758  -3.429  -6.353  1.00 13.12 ? 88   ALA A C   1 
ATOM   663  O  O   . ALA A 1 88  ? -2.869  -3.270  -7.193  1.00 12.41 ? 88   ALA A O   1 
ATOM   664  C  CB  . ALA A 1 88  ? -3.163  -3.420  -3.934  1.00 12.59 ? 88   ALA A CB  1 
ATOM   665  N  N   . PHE A 1 89  ? -4.728  -4.327  -6.497  1.00 12.92 ? 89   PHE A N   1 
ATOM   666  C  CA  . PHE A 1 89  ? -4.785  -5.124  -7.711  1.00 13.66 ? 89   PHE A CA  1 
ATOM   667  C  C   . PHE A 1 89  ? -4.876  -4.192  -8.930  1.00 14.71 ? 89   PHE A C   1 
ATOM   668  O  O   . PHE A 1 89  ? -4.249  -4.449  -9.964  1.00 14.52 ? 89   PHE A O   1 
ATOM   669  C  CB  . PHE A 1 89  ? -5.978  -6.074  -7.682  1.00 14.33 ? 89   PHE A CB  1 
ATOM   670  C  CG  . PHE A 1 89  ? -6.140  -6.850  -8.966  1.00 15.02 ? 89   PHE A CG  1 
ATOM   671  C  CD1 . PHE A 1 89  ? -5.317  -7.948  -9.210  1.00 15.74 ? 89   PHE A CD1 1 
ATOM   672  C  CD2 . PHE A 1 89  ? -7.072  -6.483  -9.929  1.00 15.09 ? 89   PHE A CD2 1 
ATOM   673  C  CE1 . PHE A 1 89  ? -5.422  -8.673  -10.409 1.00 14.62 ? 89   PHE A CE1 1 
ATOM   674  C  CE2 . PHE A 1 89  ? -7.183  -7.202  -11.125 1.00 16.64 ? 89   PHE A CE2 1 
ATOM   675  C  CZ  . PHE A 1 89  ? -6.354  -8.296  -11.360 1.00 15.19 ? 89   PHE A CZ  1 
ATOM   676  N  N   . ARG A 1 90  ? -5.652  -3.109  -8.805  1.00 15.06 ? 90   ARG A N   1 
ATOM   677  C  CA  . ARG A 1 90  ? -5.820  -2.162  -9.916  1.00 15.52 ? 90   ARG A CA  1 
ATOM   678  C  C   . ARG A 1 90  ? -4.559  -1.402  -10.271 1.00 16.34 ? 90   ARG A C   1 
ATOM   679  O  O   . ARG A 1 90  ? -4.380  -0.972  -11.399 1.00 17.97 ? 90   ARG A O   1 
ATOM   680  C  CB  . ARG A 1 90  ? -6.971  -1.192  -9.621  1.00 17.58 ? 90   ARG A CB  1 
ATOM   681  C  CG  . ARG A 1 90  ? -8.340  -1.825  -9.855  1.00 23.56 ? 90   ARG A CG  1 
ATOM   682  C  CD  . ARG A 1 90  ? -9.465  -0.869  -9.490  1.00 30.68 ? 90   ARG A CD  1 
ATOM   683  N  NE  . ARG A 1 90  ? -10.750 -1.270  -10.068 1.00 35.22 ? 90   ARG A NE  1 
ATOM   684  C  CZ  . ARG A 1 90  ? -11.347 -2.436  -9.840  1.00 37.34 ? 90   ARG A CZ  1 
ATOM   685  N  NH1 . ARG A 1 90  ? -10.780 -3.330  -9.042  1.00 38.98 ? 90   ARG A NH1 1 
ATOM   686  N  NH2 . ARG A 1 90  ? -12.514 -2.707  -10.412 1.00 38.27 ? 90   ARG A NH2 1 
ATOM   687  N  N   . VAL A 1 91  ? -3.670  -1.241  -9.295  1.00 13.97 ? 91   VAL A N   1 
ATOM   688  C  CA  . VAL A 1 91  ? -2.392  -0.579  -9.552  1.00 13.74 ? 91   VAL A CA  1 
ATOM   689  C  C   . VAL A 1 91  ? -1.567  -1.499  -10.430 1.00 13.25 ? 91   VAL A C   1 
ATOM   690  O  O   . VAL A 1 91  ? -0.809  -1.055  -11.292 1.00 14.35 ? 91   VAL A O   1 
ATOM   691  C  CB  . VAL A 1 91  ? -1.625  -0.294  -8.223  1.00 14.25 ? 91   VAL A CB  1 
ATOM   692  C  CG1 . VAL A 1 91  ? -0.154  -0.010  -8.512  1.00 13.19 ? 91   VAL A CG1 1 
ATOM   693  C  CG2 . VAL A 1 91  ? -2.260  0.856   -7.456  1.00 14.14 ? 91   VAL A CG2 1 
ATOM   694  N  N   . PHE A 1 92  ? -1.696  -2.799  -10.205 1.00 13.14 ? 92   PHE A N   1 
ATOM   695  C  CA  . PHE A 1 92  ? -0.951  -3.755  -11.014 1.00 14.65 ? 92   PHE A CA  1 
ATOM   696  C  C   . PHE A 1 92  ? -1.595  -3.876  -12.397 1.00 14.95 ? 92   PHE A C   1 
ATOM   697  O  O   . PHE A 1 92  ? -0.916  -3.733  -13.411 1.00 16.90 ? 92   PHE A O   1 
ATOM   698  C  CB  . PHE A 1 92  ? -0.925  -5.130  -10.338 1.00 13.43 ? 92   PHE A CB  1 
ATOM   699  C  CG  . PHE A 1 92  ? 0.052   -5.252  -9.210  1.00 14.22 ? 92   PHE A CG  1 
ATOM   700  C  CD1 . PHE A 1 92  ? 1.300   -5.853  -9.412  1.00 15.64 ? 92   PHE A CD1 1 
ATOM   701  C  CD2 . PHE A 1 92  ? -0.272  -4.794  -7.936  1.00 15.51 ? 92   PHE A CD2 1 
ATOM   702  C  CE1 . PHE A 1 92  ? 2.203   -5.994  -8.364  1.00 16.66 ? 92   PHE A CE1 1 
ATOM   703  C  CE2 . PHE A 1 92  ? 0.642   -4.937  -6.892  1.00 14.51 ? 92   PHE A CE2 1 
ATOM   704  C  CZ  . PHE A 1 92  ? 1.887   -5.542  -7.106  1.00 15.81 ? 92   PHE A CZ  1 
ATOM   705  N  N   . ASP A 1 93  ? -2.907  -4.126  -12.429 1.00 15.34 ? 93   ASP A N   1 
ATOM   706  C  CA  . ASP A 1 93  ? -3.671  -4.291  -13.681 1.00 15.63 ? 93   ASP A CA  1 
ATOM   707  C  C   . ASP A 1 93  ? -4.070  -2.959  -14.311 1.00 15.97 ? 93   ASP A C   1 
ATOM   708  O  O   . ASP A 1 93  ? -5.243  -2.591  -14.327 1.00 16.02 ? 93   ASP A O   1 
ATOM   709  C  CB  . ASP A 1 93  ? -4.932  -5.124  -13.414 1.00 15.46 ? 93   ASP A CB  1 
ATOM   710  C  CG  . ASP A 1 93  ? -5.807  -5.279  -14.654 1.00 16.53 ? 93   ASP A CG  1 
ATOM   711  O  OD1 . ASP A 1 93  ? -5.253  -5.308  -15.775 1.00 18.25 ? 93   ASP A OD1 1 
ATOM   712  O  OD2 . ASP A 1 93  ? -7.047  -5.385  -14.508 1.00 15.61 ? 93   ASP A OD2 1 
ATOM   713  N  N   . LYS A 1 94  ? -3.084  -2.214  -14.819 1.00 18.04 ? 94   LYS A N   1 
ATOM   714  C  CA  . LYS A 1 94  ? -3.333  -0.904  -15.391 1.00 19.77 ? 94   LYS A CA  1 
ATOM   715  C  C   . LYS A 1 94  ? -4.279  -0.873  -16.595 1.00 20.01 ? 94   LYS A C   1 
ATOM   716  O  O   . LYS A 1 94  ? -5.000  0.115   -16.736 1.00 20.91 ? 94   LYS A O   1 
ATOM   717  C  CB  . LYS A 1 94  ? -2.022  -0.249  -15.787 1.00 23.34 ? 94   LYS A CB  1 
ATOM   718  C  CG  . LYS A 1 94  ? -1.106  0.059   -14.601 1.00 25.51 ? 94   LYS A CG  1 
ATOM   719  C  CD  . LYS A 1 94  ? -1.803  0.847   -13.496 1.00 27.89 ? 94   LYS A CD  1 
ATOM   720  C  CE  . LYS A 1 94  ? -0.820  1.679   -12.687 1.00 29.65 ? 94   LYS A CE  1 
ATOM   721  N  NZ  . LYS A 1 94  ? 0.296   0.865   -12.137 1.00 27.02 ? 94   LYS A NZ  1 
ATOM   722  N  N   . ASP A 1 95  ? -4.309  -1.891  -17.450 1.00 19.94 ? 95   ASP A N   1 
ATOM   723  C  CA  . ASP A 1 95  ? -5.235  -1.770  -18.570 1.00 20.31 ? 95   ASP A CA  1 
ATOM   724  C  C   . ASP A 1 95  ? -6.633  -2.244  -18.205 1.00 20.13 ? 95   ASP A C   1 
ATOM   725  O  O   . ASP A 1 95  ? -7.527  -2.278  -19.042 1.00 18.78 ? 95   ASP A O   1 
ATOM   726  C  CB  . ASP A 1 95  ? -4.707  -2.433  -19.823 1.00 18.81 ? 95   ASP A CB  1 
ATOM   727  C  CG  . ASP A 1 95  ? -4.564  -3.944  -19.744 1.00 18.64 ? 95   ASP A CG  1 
ATOM   728  O  OD1 . ASP A 1 95  ? -4.959  -4.554  -18.729 1.00 16.76 ? 95   ASP A OD1 1 
ATOM   729  O  OD2 . ASP A 1 95  ? -4.052  -4.520  -20.729 1.00 18.32 ? 95   ASP A OD2 1 
ATOM   730  N  N   . GLY A 1 96  ? -6.806  -2.622  -16.957 1.00 19.48 ? 96   GLY A N   1 
ATOM   731  C  CA  . GLY A 1 96  ? -8.074  -3.016  -16.377 1.00 20.75 ? 96   GLY A CA  1 
ATOM   732  C  C   . GLY A 1 96  ? -8.827  -4.194  -16.981 1.00 21.18 ? 96   GLY A C   1 
ATOM   733  O  O   . GLY A 1 96  ? -10.057 -4.249  -16.856 1.00 22.04 ? 96   GLY A O   1 
ATOM   734  N  N   . ASN A 1 97  ? -8.126  -5.127  -17.624 1.00 19.74 ? 97   ASN A N   1 
ATOM   735  C  CA  . ASN A 1 97  ? -8.801  -6.292  -18.197 1.00 18.00 ? 97   ASN A CA  1 
ATOM   736  C  C   . ASN A 1 97  ? -8.968  -7.435  -17.173 1.00 17.95 ? 97   ASN A C   1 
ATOM   737  O  O   . ASN A 1 97  ? -9.424  -8.514  -17.514 1.00 16.70 ? 97   ASN A O   1 
ATOM   738  C  CB  . ASN A 1 97  ? -8.048  -6.781  -19.451 1.00 16.86 ? 97   ASN A CB  1 
ATOM   739  C  CG  . ASN A 1 97  ? -6.679  -7.366  -19.130 1.00 13.90 ? 97   ASN A CG  1 
ATOM   740  O  OD1 . ASN A 1 97  ? -6.194  -7.255  -18.004 1.00 15.13 ? 97   ASN A OD1 1 
ATOM   741  N  ND2 . ASN A 1 97  ? -6.043  -7.986  -20.127 1.00 12.28 ? 97   ASN A ND2 1 
ATOM   742  N  N   . GLY A 1 98  ? -8.584  -7.179  -15.929 1.00 17.49 ? 98   GLY A N   1 
ATOM   743  C  CA  . GLY A 1 98  ? -8.726  -8.192  -14.891 1.00 15.22 ? 98   GLY A CA  1 
ATOM   744  C  C   . GLY A 1 98  ? -7.563  -9.172  -14.784 1.00 15.55 ? 98   GLY A C   1 
ATOM   745  O  O   . GLY A 1 98  ? -7.619  -10.121 -13.990 1.00 14.61 ? 98   GLY A O   1 
ATOM   746  N  N   . TYR A 1 99  ? -6.513  -8.964  -15.579 1.00 14.69 ? 99   TYR A N   1 
ATOM   747  C  CA  . TYR A 1 99  ? -5.344  -9.844  -15.536 1.00 15.03 ? 99   TYR A CA  1 
ATOM   748  C  C   . TYR A 1 99  ? -4.066  -9.036  -15.412 1.00 13.99 ? 99   TYR A C   1 
ATOM   749  O  O   . TYR A 1 99  ? -3.949  -7.974  -16.012 1.00 16.56 ? 99   TYR A O   1 
ATOM   750  C  CB  . TYR A 1 99  ? -5.233  -10.697 -16.809 1.00 14.75 ? 99   TYR A CB  1 
ATOM   751  C  CG  . TYR A 1 99  ? -6.426  -11.605 -17.013 1.00 14.43 ? 99   TYR A CG  1 
ATOM   752  C  CD1 . TYR A 1 99  ? -7.501  -11.217 -17.807 1.00 15.30 ? 99   TYR A CD1 1 
ATOM   753  C  CD2 . TYR A 1 99  ? -6.464  -12.852 -16.413 1.00 16.65 ? 99   TYR A CD2 1 
ATOM   754  C  CE1 . TYR A 1 99  ? -8.589  -12.053 -17.998 1.00 17.13 ? 99   TYR A CE1 1 
ATOM   755  C  CE2 . TYR A 1 99  ? -7.565  -13.685 -16.572 1.00 17.65 ? 99   TYR A CE2 1 
ATOM   756  C  CZ  . TYR A 1 99  ? -8.620  -13.282 -17.363 1.00 17.18 ? 99   TYR A CZ  1 
ATOM   757  O  OH  . TYR A 1 99  ? -9.705  -14.101 -17.531 1.00 16.99 ? 99   TYR A OH  1 
ATOM   758  N  N   . ILE A 1 100 ? -3.102  -9.538  -14.647 1.00 13.00 ? 100  ILE A N   1 
ATOM   759  C  CA  . ILE A 1 100 ? -1.836  -8.829  -14.518 1.00 12.76 ? 100  ILE A CA  1 
ATOM   760  C  C   . ILE A 1 100 ? -0.827  -9.521  -15.412 1.00 11.54 ? 100  ILE A C   1 
ATOM   761  O  O   . ILE A 1 100 ? -0.519  -10.692 -15.207 1.00 10.96 ? 100  ILE A O   1 
ATOM   762  C  CB  . ILE A 1 100 ? -1.261  -8.864  -13.081 1.00 13.65 ? 100  ILE A CB  1 
ATOM   763  C  CG1 . ILE A 1 100 ? -2.285  -8.317  -12.085 1.00 11.78 ? 100  ILE A CG1 1 
ATOM   764  C  CG2 . ILE A 1 100 ? 0.035   -8.077  -12.986 1.00 12.89 ? 100  ILE A CG2 1 
ATOM   765  C  CD1 . ILE A 1 100 ? -1.905  -8.520  -10.634 1.00 12.49 ? 100  ILE A CD1 1 
ATOM   766  N  N   . SER A 1 101 ? -0.306  -8.785  -16.392 1.00 13.36 ? 101  SER A N   1 
ATOM   767  C  CA  . SER A 1 101 ? 0.702   -9.303  -17.320 1.00 12.03 ? 101  SER A CA  1 
ATOM   768  C  C   . SER A 1 101 ? 2.120   -9.113  -16.797 1.00 12.87 ? 101  SER A C   1 
ATOM   769  O  O   . SER A 1 101 ? 2.347   -8.402  -15.821 1.00 10.70 ? 101  SER A O   1 
ATOM   770  C  CB  . SER A 1 101 ? 0.603   -8.583  -18.658 1.00 15.30 ? 101  SER A CB  1 
ATOM   771  O  OG  . SER A 1 101 ? 0.873   -7.202  -18.509 1.00 11.69 ? 101  SER A OG  1 
ATOM   772  N  N   . ALA A 1 102 ? 3.078   -9.763  -17.458 1.00 13.10 ? 102  ALA A N   1 
ATOM   773  C  CA  . ALA A 1 102 ? 4.467   -9.611  -17.079 1.00 14.70 ? 102  ALA A CA  1 
ATOM   774  C  C   . ALA A 1 102 ? 4.837   -8.130  -17.235 1.00 14.40 ? 102  ALA A C   1 
ATOM   775  O  O   . ALA A 1 102 ? 5.481   -7.556  -16.360 1.00 14.12 ? 102  ALA A O   1 
ATOM   776  C  CB  . ALA A 1 102 ? 5.379   -10.467 -17.945 1.00 13.25 ? 102  ALA A CB  1 
ATOM   777  N  N   . ALA A 1 103 ? 4.425   -7.510  -18.341 1.00 13.45 ? 103  ALA A N   1 
ATOM   778  C  CA  . ALA A 1 103 ? 4.734   -6.097  -18.569 1.00 15.20 ? 103  ALA A CA  1 
ATOM   779  C  C   . ALA A 1 103 ? 4.130   -5.224  -17.468 1.00 15.29 ? 103  ALA A C   1 
ATOM   780  O  O   . ALA A 1 103 ? 4.738   -4.242  -17.020 1.00 15.13 ? 103  ALA A O   1 
ATOM   781  C  CB  . ALA A 1 103 ? 4.221   -5.662  -19.927 1.00 16.76 ? 103  ALA A CB  1 
ATOM   782  N  N   . GLU A 1 104 ? 2.926   -5.578  -17.040 1.00 14.94 ? 104  GLU A N   1 
ATOM   783  C  CA  . GLU A 1 104 ? 2.276   -4.828  -15.986 1.00 13.51 ? 104  GLU A CA  1 
ATOM   784  C  C   . GLU A 1 104 ? 2.998   -5.025  -14.673 1.00 12.69 ? 104  GLU A C   1 
ATOM   785  O  O   . GLU A 1 104 ? 3.140   -4.091  -13.879 1.00 11.46 ? 104  GLU A O   1 
ATOM   786  C  CB  . GLU A 1 104 ? 0.809   -5.234  -15.859 1.00 12.99 ? 104  GLU A CB  1 
ATOM   787  C  CG  . GLU A 1 104 ? -0.081  -4.502  -16.868 1.00 12.83 ? 104  GLU A CG  1 
ATOM   788  C  CD  . GLU A 1 104 ? -1.497  -5.007  -16.882 1.00 13.10 ? 104  GLU A CD  1 
ATOM   789  O  OE1 . GLU A 1 104 ? -2.367  -4.270  -17.387 1.00 14.74 ? 104  GLU A OE1 1 
ATOM   790  O  OE2 . GLU A 1 104 ? -1.744  -6.139  -16.398 1.00 12.15 ? 104  GLU A OE2 1 
ATOM   791  N  N   . LEU A 1 105 ? 3.468   -6.251  -14.416 1.00 13.55 ? 105  LEU A N   1 
ATOM   792  C  CA  . LEU A 1 105 ? 4.205   -6.514  -13.185 1.00 12.56 ? 105  LEU A CA  1 
ATOM   793  C  C   . LEU A 1 105 ? 5.532   -5.762  -13.199 1.00 12.45 ? 105  LEU A C   1 
ATOM   794  O  O   . LEU A 1 105 ? 5.920   -5.157  -12.181 1.00 10.08 ? 105  LEU A O   1 
ATOM   795  C  CB  . LEU A 1 105 ? 4.458   -8.015  -12.982 1.00 12.01 ? 105  LEU A CB  1 
ATOM   796  C  CG  . LEU A 1 105 ? 5.271   -8.393  -11.719 1.00 11.20 ? 105  LEU A CG  1 
ATOM   797  C  CD1 . LEU A 1 105 ? 4.578   -7.886  -10.461 1.00 13.55 ? 105  LEU A CD1 1 
ATOM   798  C  CD2 . LEU A 1 105 ? 5.409   -9.918  -11.639 1.00 11.31 ? 105  LEU A CD2 1 
ATOM   799  N  N   . ARG A 1 106 ? 6.249   -5.806  -14.324 1.00 10.96 ? 106  ARG A N   1 
ATOM   800  C  CA  . ARG A 1 106 ? 7.527   -5.081  -14.406 1.00 11.49 ? 106  ARG A CA  1 
ATOM   801  C  C   . ARG A 1 106 ? 7.329   -3.576  -14.143 1.00 11.65 ? 106  ARG A C   1 
ATOM   802  O  O   . ARG A 1 106 ? 8.179   -2.915  -13.535 1.00 12.31 ? 106  ARG A O   1 
ATOM   803  C  CB  . ARG A 1 106 ? 8.174   -5.241  -15.795 1.00 13.60 ? 106  ARG A CB  1 
ATOM   804  C  CG  . ARG A 1 106 ? 8.753   -6.633  -16.089 1.00 14.02 ? 106  ARG A CG  1 
ATOM   805  C  CD  . ARG A 1 106 ? 9.677   -6.591  -17.318 1.00 17.11 ? 106  ARG A CD  1 
ATOM   806  N  NE  . ARG A 1 106 ? 9.024   -6.060  -18.515 1.00 15.89 ? 106  ARG A NE  1 
ATOM   807  C  CZ  . ARG A 1 106 ? 8.280   -6.774  -19.366 1.00 15.09 ? 106  ARG A CZ  1 
ATOM   808  N  NH1 . ARG A 1 106 ? 8.079   -8.069  -19.161 1.00 17.44 ? 106  ARG A NH1 1 
ATOM   809  N  NH2 . ARG A 1 106 ? 7.747   -6.190  -20.439 1.00 14.58 ? 106  ARG A NH2 1 
ATOM   810  N  N   . HIS A 1 107 ? 6.205   -3.041  -14.603 1.00 12.38 ? 107  HIS A N   1 
ATOM   811  C  CA  . HIS A 1 107 ? 5.921   -1.625  -14.423 1.00 14.23 ? 107  HIS A CA  1 
ATOM   812  C  C   . HIS A 1 107 ? 5.788   -1.256  -12.943 1.00 12.07 ? 107  HIS A C   1 
ATOM   813  O  O   . HIS A 1 107 ? 6.365   -0.258  -12.497 1.00 11.47 ? 107  HIS A O   1 
ATOM   814  C  CB  . HIS A 1 107 ? 4.634   -1.233  -15.172 1.00 15.67 ? 107  HIS A CB  1 
ATOM   815  C  CG  . HIS A 1 107 ? 4.495   0.244   -15.397 1.00 19.94 ? 107  HIS A CG  1 
ATOM   816  N  ND1 . HIS A 1 107 ? 3.314   0.832   -15.798 1.00 23.13 ? 107  HIS A ND1 1 
ATOM   817  C  CD2 . HIS A 1 107 ? 5.392   1.253   -15.275 1.00 19.69 ? 107  HIS A CD2 1 
ATOM   818  C  CE1 . HIS A 1 107 ? 3.489   2.138   -15.909 1.00 21.84 ? 107  HIS A CE1 1 
ATOM   819  N  NE2 . HIS A 1 107 ? 4.740   2.420   -15.595 1.00 22.22 ? 107  HIS A NE2 1 
ATOM   820  N  N   . VAL A 1 108 ? 5.041   -2.059  -12.188 1.00 12.03 ? 108  VAL A N   1 
ATOM   821  C  CA  . VAL A 1 108 ? 4.829   -1.802  -10.758 1.00 13.26 ? 108  VAL A CA  1 
ATOM   822  C  C   . VAL A 1 108 ? 6.126   -1.922  -9.980  1.00 14.24 ? 108  VAL A C   1 
ATOM   823  O  O   . VAL A 1 108 ? 6.422   -1.093  -9.111  1.00 14.07 ? 108  VAL A O   1 
ATOM   824  C  CB  . VAL A 1 108 ? 3.787   -2.783  -10.148 1.00 11.73 ? 108  VAL A CB  1 
ATOM   825  C  CG1 . VAL A 1 108 ? 3.746   -2.628  -8.635  1.00 14.77 ? 108  VAL A CG1 1 
ATOM   826  C  CG2 . VAL A 1 108 ? 2.404   -2.531  -10.737 1.00 12.54 ? 108  VAL A CG2 1 
ATOM   827  N  N   . MET A 1 109 ? 6.889   -2.971  -10.279 1.00 14.37 ? 109  MET A N   1 
ATOM   828  C  CA  . MET A 1 109 ? 8.179   -3.186  -9.632  1.00 13.68 ? 109  MET A CA  1 
ATOM   829  C  C   . MET A 1 109 ? 9.087   -1.990  -9.926  1.00 14.59 ? 109  MET A C   1 
ATOM   830  O  O   . MET A 1 109 ? 9.765   -1.474  -9.044  1.00 15.29 ? 109  MET A O   1 
ATOM   831  C  CB  . MET A 1 109 ? 8.839   -4.481  -10.115 1.00 12.72 ? 109  MET A CB  1 
ATOM   832  C  CG  . MET A 1 109 ? 8.016   -5.733  -9.904  1.00 13.04 ? 109  MET A CG  1 
ATOM   833  S  SD  . MET A 1 109 ? 8.882   -7.219  -10.472 1.00 14.62 ? 109  MET A SD  1 
ATOM   834  C  CE  . MET A 1 109 ? 10.114  -7.403  -9.186  1.00 15.36 ? 109  MET A CE  1 
ATOM   835  N  N   . THR A 1 110 ? 9.112   -1.547  -11.173 1.00 15.31 ? 110  THR A N   1 
ATOM   836  C  CA  . THR A 1 110 ? 9.963   -0.416  -11.510 1.00 16.62 ? 110  THR A CA  1 
ATOM   837  C  C   . THR A 1 110 ? 9.484   0.821   -10.743 1.00 16.83 ? 110  THR A C   1 
ATOM   838  O  O   . THR A 1 110 ? 10.277  1.503   -10.092 1.00 16.75 ? 110  THR A O   1 
ATOM   839  C  CB  . THR A 1 110 ? 9.937   -0.142  -13.021 1.00 17.53 ? 110  THR A CB  1 
ATOM   840  O  OG1 . THR A 1 110 ? 10.501  -1.266  -13.711 1.00 18.84 ? 110  THR A OG1 1 
ATOM   841  C  CG2 . THR A 1 110 ? 10.725  1.131   -13.339 1.00 17.87 ? 110  THR A CG2 1 
ATOM   842  N  N   . ASN A 1 111 ? 8.183   1.094   -10.799 1.00 15.75 ? 111  ASN A N   1 
ATOM   843  C  CA  . ASN A 1 111 ? 7.625   2.255   -10.100 1.00 16.56 ? 111  ASN A CA  1 
ATOM   844  C  C   . ASN A 1 111 ? 7.885   2.209   -8.584  1.00 16.46 ? 111  ASN A C   1 
ATOM   845  O  O   . ASN A 1 111 ? 8.019   3.255   -7.943  1.00 14.93 ? 111  ASN A O   1 
ATOM   846  C  CB  . ASN A 1 111 ? 6.133   2.369   -10.384 1.00 17.58 ? 111  ASN A CB  1 
ATOM   847  C  CG  . ASN A 1 111 ? 5.793   2.948   -11.750 1.00 20.37 ? 111  ASN A CG  1 
ATOM   848  O  OD1 . ASN A 1 111 ? 6.652   3.514   -12.422 1.00 23.46 ? 111  ASN A OD1 1 
ATOM   849  N  ND2 . ASN A 1 111 ? 4.542   2.805   -12.173 1.00 22.12 ? 111  ASN A ND2 1 
ATOM   850  N  N   . LEU A 1 112 ? 7.972   1.011   -8.013  1.00 16.67 ? 112  LEU A N   1 
ATOM   851  C  CA  . LEU A 1 112 ? 8.216   0.877   -6.573  1.00 18.65 ? 112  LEU A CA  1 
ATOM   852  C  C   . LEU A 1 112 ? 9.694   0.680   -6.220  1.00 20.29 ? 112  LEU A C   1 
ATOM   853  O  O   . LEU A 1 112 ? 10.028  0.335   -5.085  1.00 20.05 ? 112  LEU A O   1 
ATOM   854  C  CB  . LEU A 1 112 ? 7.372   -0.267  -6.011  1.00 17.32 ? 112  LEU A CB  1 
ATOM   855  C  CG  . LEU A 1 112 ? 5.845   -0.079  -6.009  1.00 17.28 ? 112  LEU A CG  1 
ATOM   856  C  CD1 . LEU A 1 112 ? 5.151   -1.275  -5.395  1.00 13.66 ? 112  LEU A CD1 1 
ATOM   857  C  CD2 . LEU A 1 112 ? 5.463   1.192   -5.282  1.00 14.81 ? 112  LEU A CD2 1 
ATOM   858  N  N   . GLY A 1 113 ? 10.577  0.880   -7.196  1.00 21.17 ? 113  GLY A N   1 
ATOM   859  C  CA  . GLY A 1 113 ? 11.995  0.715   -6.934  1.00 20.69 ? 113  GLY A CA  1 
ATOM   860  C  C   . GLY A 1 113 ? 12.453  -0.710  -6.658  1.00 20.18 ? 113  GLY A C   1 
ATOM   861  O  O   . GLY A 1 113 ? 13.430  -0.926  -5.941  1.00 19.77 ? 113  GLY A O   1 
ATOM   862  N  N   . GLU A 1 114 ? 11.765  -1.694  -7.217  1.00 19.15 ? 114  GLU A N   1 
ATOM   863  C  CA  . GLU A 1 114 ? 12.146  -3.069  -7.028  1.00 22.06 ? 114  GLU A CA  1 
ATOM   864  C  C   . GLU A 1 114 ? 12.910  -3.544  -8.271  1.00 23.02 ? 114  GLU A C   1 
ATOM   865  O  O   . GLU A 1 114 ? 12.343  -3.596  -9.360  1.00 23.50 ? 114  GLU A O   1 
ATOM   866  C  CB  . GLU A 1 114 ? 10.901  -3.927  -6.778  1.00 22.69 ? 114  GLU A CB  1 
ATOM   867  C  CG  . GLU A 1 114 ? 11.160  -5.369  -6.439  1.00 25.88 ? 114  GLU A CG  1 
ATOM   868  C  CD  . GLU A 1 114 ? 11.890  -5.558  -5.126  1.00 26.00 ? 114  GLU A CD  1 
ATOM   869  O  OE1 . GLU A 1 114 ? 11.793  -4.690  -4.249  1.00 25.02 ? 114  GLU A OE1 1 
ATOM   870  O  OE2 . GLU A 1 114 ? 12.562  -6.599  -4.995  1.00 24.91 ? 114  GLU A OE2 1 
ATOM   871  N  N   . LYS A 1 115 ? 14.203  -3.915  -8.123  1.00 22.29 ? 115  LYS A N   1 
ATOM   872  C  CA  . LYS A 1 115 ? 14.992  -4.392  -9.275  1.00 21.98 ? 115  LYS A CA  1 
ATOM   873  C  C   . LYS A 1 115 ? 14.379  -5.668  -9.832  1.00 20.38 ? 115  LYS A C   1 
ATOM   874  O  O   . LYS A 1 115 ? 13.730  -6.404  -9.078  1.00 19.69 ? 115  LYS A O   1 
ATOM   875  C  CB  . LYS A 1 115 ? 16.441  -4.701  -8.874  1.00 25.42 ? 115  LYS A CB  1 
ATOM   876  C  CG  . LYS A 1 115 ? 17.127  -3.597  -8.086  1.00 29.39 ? 115  LYS A CG  1 
ATOM   877  C  CD  . LYS A 1 115 ? 17.716  -2.540  -9.004  1.00 30.96 ? 115  LYS A CD  1 
ATOM   878  C  CE  . LYS A 1 115 ? 18.554  -1.561  -8.199  1.00 32.77 ? 115  LYS A CE  1 
ATOM   879  N  NZ  . LYS A 1 115 ? 19.519  -0.811  -9.053  1.00 34.67 ? 115  LYS A NZ  1 
ATOM   880  N  N   . LEU A 1 116 ? 14.558  -5.961  -11.123 1.00 18.67 ? 116  LEU A N   1 
ATOM   881  C  CA  . LEU A 1 116 ? 14.005  -7.184  -11.677 1.00 17.83 ? 116  LEU A CA  1 
ATOM   882  C  C   . LEU A 1 116 ? 14.782  -7.751  -12.857 1.00 16.45 ? 116  LEU A C   1 
ATOM   883  O  O   . LEU A 1 116 ? 15.561  -7.074  -13.507 1.00 15.49 ? 116  LEU A O   1 
ATOM   884  C  CB  . LEU A 1 116 ? 12.505  -6.954  -12.019 1.00 19.29 ? 116  LEU A CB  1 
ATOM   885  C  CG  . LEU A 1 116 ? 12.042  -6.319  -13.343 1.00 23.34 ? 116  LEU A CG  1 
ATOM   886  C  CD1 . LEU A 1 116 ? 11.699  -4.848  -13.128 1.00 23.13 ? 116  LEU A CD1 1 
ATOM   887  C  CD2 . LEU A 1 116 ? 13.106  -6.455  -14.424 1.00 21.16 ? 116  LEU A CD2 1 
ATOM   888  N  N   . THR A 1 117 ? 14.547  -9.027  -13.116 1.00 15.39 ? 117  THR A N   1 
ATOM   889  C  CA  . THR A 1 117 ? 15.078  -9.736  -14.246 1.00 15.33 ? 117  THR A CA  1 
ATOM   890  C  C   . THR A 1 117 ? 13.862  -10.443 -14.822 1.00 14.83 ? 117  THR A C   1 
ATOM   891  O  O   . THR A 1 117 ? 12.879  -10.660 -14.106 1.00 13.33 ? 117  THR A O   1 
ATOM   892  C  CB  . THR A 1 117 ? 16.133  -10.797 -13.861 1.00 15.63 ? 117  THR A CB  1 
ATOM   893  O  OG1 . THR A 1 117 ? 15.527  -11.776 -13.021 1.00 14.57 ? 117  THR A OG1 1 
ATOM   894  C  CG2 . THR A 1 117 ? 17.301  -10.156 -13.124 1.00 17.52 ? 117  THR A CG2 1 
ATOM   895  N  N   . ASP A 1 118 ? 13.917  -10.804 -16.099 1.00 15.74 ? 118  ASP A N   1 
ATOM   896  C  CA  . ASP A 1 118 ? 12.799  -11.488 -16.728 1.00 17.11 ? 118  ASP A CA  1 
ATOM   897  C  C   . ASP A 1 118 ? 12.506  -12.832 -16.084 1.00 18.50 ? 118  ASP A C   1 
ATOM   898  O  O   . ASP A 1 118 ? 11.346  -13.221 -15.954 1.00 19.43 ? 118  ASP A O   1 
ATOM   899  C  CB  . ASP A 1 118 ? 13.059  -11.725 -18.218 1.00 16.28 ? 118  ASP A CB  1 
ATOM   900  C  CG  . ASP A 1 118 ? 12.834  -10.490 -19.049 1.00 16.76 ? 118  ASP A CG  1 
ATOM   901  O  OD1 . ASP A 1 118 ? 11.926  -9.695  -18.732 1.00 17.78 ? 118  ASP A OD1 1 
ATOM   902  O  OD2 . ASP A 1 118 ? 13.570  -10.305 -20.033 1.00 16.80 ? 118  ASP A OD2 1 
ATOM   903  N  N   . GLU A 1 119 ? 13.550  -13.554 -15.693 1.00 19.25 ? 119  GLU A N   1 
ATOM   904  C  CA  . GLU A 1 119 ? 13.317  -14.855 -15.090 1.00 19.98 ? 119  GLU A CA  1 
ATOM   905  C  C   . GLU A 1 119 ? 12.547  -14.712 -13.787 1.00 19.31 ? 119  GLU A C   1 
ATOM   906  O  O   . GLU A 1 119 ? 11.601  -15.457 -13.546 1.00 19.20 ? 119  GLU A O   1 
ATOM   907  C  CB  . GLU A 1 119 ? 14.621  -15.612 -14.846 1.00 21.16 ? 119  GLU A CB  1 
ATOM   908  C  CG  . GLU A 1 119 ? 14.382  -17.034 -14.344 1.00 20.80 ? 119  GLU A CG  1 
ATOM   909  C  CD  . GLU A 1 119 ? 13.446  -17.827 -15.229 1.00 20.75 ? 119  GLU A CD  1 
ATOM   910  O  OE1 . GLU A 1 119 ? 12.854  -18.815 -14.736 1.00 23.45 ? 119  GLU A OE1 1 
ATOM   911  O  OE2 . GLU A 1 119 ? 13.299  -17.473 -16.417 1.00 22.48 ? 119  GLU A OE2 1 
ATOM   912  N  N   . GLU A 1 120 ? 12.950  -13.761 -12.947 1.00 18.03 ? 120  GLU A N   1 
ATOM   913  C  CA  . GLU A 1 120 ? 12.246  -13.520 -11.686 1.00 16.34 ? 120  GLU A CA  1 
ATOM   914  C  C   . GLU A 1 120 ? 10.766  -13.215 -11.947 1.00 15.69 ? 120  GLU A C   1 
ATOM   915  O  O   . GLU A 1 120 ? 9.889   -13.782 -11.308 1.00 15.58 ? 120  GLU A O   1 
ATOM   916  C  CB  . GLU A 1 120 ? 12.900  -12.369 -10.914 1.00 16.64 ? 120  GLU A CB  1 
ATOM   917  C  CG  . GLU A 1 120 ? 12.148  -11.922 -9.678  1.00 17.39 ? 120  GLU A CG  1 
ATOM   918  C  CD  . GLU A 1 120 ? 12.692  -10.604 -9.096  1.00 19.22 ? 120  GLU A CD  1 
ATOM   919  O  OE1 . GLU A 1 120 ? 13.222  -9.802  -9.885  1.00 18.82 ? 120  GLU A OE1 1 
ATOM   920  O  OE2 . GLU A 1 120 ? 12.587  -10.407 -7.873  1.00 18.08 ? 120  GLU A OE2 1 
ATOM   921  N  N   . VAL A 1 121 ? 10.508  -12.332 -12.907 1.00 15.33 ? 121  VAL A N   1 
ATOM   922  C  CA  . VAL A 1 121 ? 9.140   -11.951 -13.252 1.00 14.48 ? 121  VAL A CA  1 
ATOM   923  C  C   . VAL A 1 121 ? 8.322   -13.144 -13.743 1.00 15.24 ? 121  VAL A C   1 
ATOM   924  O  O   . VAL A 1 121 ? 7.162   -13.297 -13.359 1.00 14.03 ? 121  VAL A O   1 
ATOM   925  C  CB  . VAL A 1 121 ? 9.146   -10.840 -14.303 1.00 14.90 ? 121  VAL A CB  1 
ATOM   926  C  CG1 . VAL A 1 121 ? 7.767   -10.660 -14.905 1.00 13.93 ? 121  VAL A CG1 1 
ATOM   927  C  CG2 . VAL A 1 121 ? 9.642   -9.527  -13.697 1.00 12.09 ? 121  VAL A CG2 1 
ATOM   928  N  N   . ASP A 1 122 ? 8.923   -13.977 -14.588 1.00 15.20 ? 122  ASP A N   1 
ATOM   929  C  CA  . ASP A 1 122 ? 8.246   -15.170 -15.107 1.00 16.78 ? 122  ASP A CA  1 
ATOM   930  C  C   . ASP A 1 122 ? 7.952   -16.192 -13.997 1.00 16.02 ? 122  ASP A C   1 
ATOM   931  O  O   . ASP A 1 122 ? 6.920   -16.867 -14.009 1.00 14.17 ? 122  ASP A O   1 
ATOM   932  C  CB  . ASP A 1 122 ? 9.099   -15.837 -16.181 1.00 19.46 ? 122  ASP A CB  1 
ATOM   933  C  CG  . ASP A 1 122 ? 9.302   -14.953 -17.394 1.00 25.57 ? 122  ASP A CG  1 
ATOM   934  O  OD1 . ASP A 1 122 ? 8.530   -14.004 -17.573 1.00 26.61 ? 122  ASP A OD1 1 
ATOM   935  O  OD2 . ASP A 1 122 ? 10.247  -15.201 -18.174 1.00 26.06 ? 122  ASP A OD2 1 
ATOM   936  N  N   . GLU A 1 123 ? 8.866   -16.318 -13.045 1.00 14.58 ? 123  GLU A N   1 
ATOM   937  C  CA  . GLU A 1 123 ? 8.635   -17.254 -11.945 1.00 14.50 ? 123  GLU A CA  1 
ATOM   938  C  C   . GLU A 1 123 ? 7.585   -16.673 -10.989 1.00 14.30 ? 123  GLU A C   1 
ATOM   939  O  O   . GLU A 1 123 ? 6.794   -17.409 -10.427 1.00 13.93 ? 123  GLU A O   1 
ATOM   940  C  CB  . GLU A 1 123 ? 9.956   -17.559 -11.229 1.00 17.59 ? 123  GLU A CB  1 
ATOM   941  C  CG  . GLU A 1 123 ? 10.975  -18.224 -12.158 1.00 20.06 ? 123  GLU A CG  1 
ATOM   942  C  CD  . GLU A 1 123 ? 12.257  -18.609 -11.446 1.00 23.83 ? 123  GLU A CD  1 
ATOM   943  O  OE1 . GLU A 1 123 ? 13.236  -18.988 -12.132 1.00 24.24 ? 123  GLU A OE1 1 
ATOM   944  O  OE2 . GLU A 1 123 ? 12.277  -18.550 -10.199 1.00 25.42 ? 123  GLU A OE2 1 
ATOM   945  N  N   . MET A 1 124 ? 7.583   -15.348 -10.798 1.00 13.30 ? 124  MET A N   1 
ATOM   946  C  CA  . MET A 1 124 ? 6.569   -14.726 -9.935  1.00 14.41 ? 124  MET A CA  1 
ATOM   947  C  C   . MET A 1 124 ? 5.169   -15.021 -10.469 1.00 13.27 ? 124  MET A C   1 
ATOM   948  O  O   . MET A 1 124 ? 4.275   -15.389 -9.720  1.00 11.11 ? 124  MET A O   1 
ATOM   949  C  CB  . MET A 1 124 ? 6.774   -13.214 -9.880  1.00 12.11 ? 124  MET A CB  1 
ATOM   950  C  CG  . MET A 1 124 ? 7.913   -12.790 -8.962  1.00 13.99 ? 124  MET A CG  1 
ATOM   951  S  SD  . MET A 1 124 ? 8.211   -11.012 -8.991  1.00 15.76 ? 124  MET A SD  1 
ATOM   952  C  CE  . MET A 1 124 ? 6.902   -10.445 -7.906  1.00 13.32 ? 124  MET A CE  1 
ATOM   953  N  N   . ILE A 1 125 ? 4.991   -14.849 -11.775 1.00 14.16 ? 125  ILE A N   1 
ATOM   954  C  CA  . ILE A 1 125 ? 3.710   -15.092 -12.423 1.00 13.51 ? 125  ILE A CA  1 
ATOM   955  C  C   . ILE A 1 125 ? 3.359   -16.580 -12.351 1.00 15.83 ? 125  ILE A C   1 
ATOM   956  O  O   . ILE A 1 125 ? 2.250   -16.951 -11.956 1.00 14.44 ? 125  ILE A O   1 
ATOM   957  C  CB  . ILE A 1 125 ? 3.758   -14.642 -13.896 1.00 15.83 ? 125  ILE A CB  1 
ATOM   958  C  CG1 . ILE A 1 125 ? 3.988   -13.126 -13.946 1.00 16.45 ? 125  ILE A CG1 1 
ATOM   959  C  CG2 . ILE A 1 125 ? 2.473   -15.010 -14.617 1.00 14.39 ? 125  ILE A CG2 1 
ATOM   960  C  CD1 . ILE A 1 125 ? 4.302   -12.608 -15.331 1.00 19.86 ? 125  ILE A CD1 1 
ATOM   961  N  N   . ARG A 1 126 ? 4.318   -17.419 -12.728 1.00 16.18 ? 126  ARG A N   1 
ATOM   962  C  CA  . ARG A 1 126 ? 4.125   -18.862 -12.719 1.00 18.12 ? 126  ARG A CA  1 
ATOM   963  C  C   . ARG A 1 126 ? 3.664   -19.325 -11.335 1.00 18.12 ? 126  ARG A C   1 
ATOM   964  O  O   . ARG A 1 126 ? 2.712   -20.093 -11.210 1.00 16.92 ? 126  ARG A O   1 
ATOM   965  C  CB  . ARG A 1 126 ? 5.437   -19.547 -13.127 1.00 17.39 ? 126  ARG A CB  1 
ATOM   966  C  CG  . ARG A 1 126 ? 5.473   -21.071 -13.079 1.00 21.44 ? 126  ARG A CG  1 
ATOM   967  C  CD  . ARG A 1 126 ? 6.858   -21.599 -13.402 1.00 22.21 ? 126  ARG A CD  1 
ATOM   968  N  NE  . ARG A 1 126 ? 6.927   -23.051 -13.276 1.00 21.59 ? 126  ARG A NE  1 
ATOM   969  C  CZ  . ARG A 1 126 ? 6.940   -23.695 -12.115 1.00 24.14 ? 126  ARG A CZ  1 
ATOM   970  N  NH1 . ARG A 1 126 ? 6.894   -23.016 -10.971 1.00 25.48 ? 126  ARG A NH1 1 
ATOM   971  N  NH2 . ARG A 1 126 ? 7.001   -25.017 -12.092 1.00 25.34 ? 126  ARG A NH2 1 
ATOM   972  N  N   . GLU A 1 127 ? 4.335   -18.846 -10.296 1.00 18.41 ? 127  GLU A N   1 
ATOM   973  C  CA  . GLU A 1 127 ? 3.973   -19.231 -8.935  1.00 18.58 ? 127  GLU A CA  1 
ATOM   974  C  C   . GLU A 1 127 ? 2.556   -18.770 -8.543  1.00 17.94 ? 127  GLU A C   1 
ATOM   975  O  O   . GLU A 1 127 ? 1.895   -19.443 -7.764  1.00 15.74 ? 127  GLU A O   1 
ATOM   976  C  CB  . GLU A 1 127 ? 5.017   -18.694 -7.949  1.00 20.32 ? 127  GLU A CB  1 
ATOM   977  C  CG  . GLU A 1 127 ? 4.701   -18.996 -6.500  1.00 25.98 ? 127  GLU A CG  1 
ATOM   978  C  CD  . GLU A 1 127 ? 5.914   -18.900 -5.582  1.00 27.26 ? 127  GLU A CD  1 
ATOM   979  O  OE1 . GLU A 1 127 ? 5.714   -18.821 -4.364  1.00 30.39 ? 127  GLU A OE1 1 
ATOM   980  O  OE2 . GLU A 1 127 ? 7.044   -18.913 -6.083  1.00 25.60 ? 127  GLU A OE2 1 
ATOM   981  N  N   . ALA A 1 128 ? 2.090   -17.660 -9.081  1.00 16.48 ? 128  ALA A N   1 
ATOM   982  C  CA  . ALA A 1 128 ? 0.768   -17.156 -8.752  1.00 16.27 ? 128  ALA A CA  1 
ATOM   983  C  C   . ALA A 1 128 ? -0.295  -17.643 -9.726  1.00 15.88 ? 128  ALA A C   1 
ATOM   984  O  O   . ALA A 1 128 ? -1.493  -17.639 -9.404  1.00 15.25 ? 128  ALA A O   1 
ATOM   985  C  CB  . ALA A 1 128 ? 0.795   -15.642 -8.703  1.00 16.15 ? 128  ALA A CB  1 
ATOM   986  N  N   . ASP A 1 129 ? 0.128   -18.056 -10.930 1.00 16.98 ? 129  ASP A N   1 
ATOM   987  C  CA  . ASP A 1 129 ? -0.784  -18.469 -12.002 1.00 16.90 ? 129  ASP A CA  1 
ATOM   988  C  C   . ASP A 1 129 ? -1.407  -19.870 -11.877 1.00 19.52 ? 129  ASP A C   1 
ATOM   989  O  O   . ASP A 1 129 ? -0.931  -20.837 -12.497 1.00 18.30 ? 129  ASP A O   1 
ATOM   990  C  CB  . ASP A 1 129 ? -0.042  -18.358 -13.328 1.00 16.52 ? 129  ASP A CB  1 
ATOM   991  C  CG  . ASP A 1 129 ? -0.958  -18.595 -14.522 1.00 16.62 ? 129  ASP A CG  1 
ATOM   992  O  OD1 . ASP A 1 129 ? -2.185  -18.531 -14.358 1.00 15.18 ? 129  ASP A OD1 1 
ATOM   993  O  OD2 . ASP A 1 129 ? -0.440  -18.838 -15.634 1.00 14.93 ? 129  ASP A OD2 1 
ATOM   994  N  N   . ILE A 1 130 ? -2.491  -19.960 -11.089 1.00 20.19 ? 130  ILE A N   1 
ATOM   995  C  CA  . ILE A 1 130 ? -3.149  -21.239 -10.817 1.00 21.05 ? 130  ILE A CA  1 
ATOM   996  C  C   . ILE A 1 130 ? -3.808  -21.867 -12.045 1.00 21.91 ? 130  ILE A C   1 
ATOM   997  O  O   . ILE A 1 130 ? -3.608  -23.055 -12.296 1.00 23.00 ? 130  ILE A O   1 
ATOM   998  C  CB  . ILE A 1 130 ? -4.236  -21.083 -9.717  1.00 22.45 ? 130  ILE A CB  1 
ATOM   999  C  CG1 . ILE A 1 130 ? -3.583  -20.620 -8.414  1.00 20.16 ? 130  ILE A CG1 1 
ATOM   1000 C  CG2 . ILE A 1 130 ? -4.983  -22.380 -9.490  1.00 23.26 ? 130  ILE A CG2 1 
ATOM   1001 C  CD1 . ILE A 1 130 ? -4.567  -20.095 -7.392  1.00 23.05 ? 130  ILE A CD1 1 
ATOM   1002 N  N   . ASP A 1 131 ? -4.581  -21.093 -12.806 1.00 20.16 ? 131  ASP A N   1 
ATOM   1003 C  CA  . ASP A 1 131 ? -5.244  -21.652 -13.977 1.00 22.20 ? 131  ASP A CA  1 
ATOM   1004 C  C   . ASP A 1 131 ? -4.324  -21.832 -15.183 1.00 22.83 ? 131  ASP A C   1 
ATOM   1005 O  O   . ASP A 1 131 ? -4.743  -22.358 -16.216 1.00 24.82 ? 131  ASP A O   1 
ATOM   1006 C  CB  . ASP A 1 131 ? -6.473  -20.809 -14.366 1.00 19.96 ? 131  ASP A CB  1 
ATOM   1007 C  CG  . ASP A 1 131 ? -6.118  -19.414 -14.854 1.00 18.83 ? 131  ASP A CG  1 
ATOM   1008 O  OD1 . ASP A 1 131 ? -4.912  -19.146 -15.089 1.00 15.83 ? 131  ASP A OD1 1 
ATOM   1009 O  OD2 . ASP A 1 131 ? -7.052  -18.595 -14.991 1.00 19.64 ? 131  ASP A OD2 1 
ATOM   1010 N  N   . GLY A 1 132 ? -3.089  -21.364 -15.073 1.00 22.47 ? 132  GLY A N   1 
ATOM   1011 C  CA  . GLY A 1 132 ? -2.089  -21.515 -16.124 1.00 20.30 ? 132  GLY A CA  1 
ATOM   1012 C  C   . GLY A 1 132 ? -2.319  -20.738 -17.405 1.00 20.60 ? 132  GLY A C   1 
ATOM   1013 O  O   . GLY A 1 132 ? -1.899  -21.183 -18.485 1.00 21.56 ? 132  GLY A O   1 
ATOM   1014 N  N   . ASP A 1 133 ? -2.946  -19.560 -17.311 1.00 20.48 ? 133  ASP A N   1 
ATOM   1015 C  CA  . ASP A 1 133 ? -3.198  -18.785 -18.512 1.00 18.12 ? 133  ASP A CA  1 
ATOM   1016 C  C   . ASP A 1 133 ? -2.094  -17.784 -18.796 1.00 17.70 ? 133  ASP A C   1 
ATOM   1017 O  O   . ASP A 1 133 ? -2.168  -17.041 -19.778 1.00 20.56 ? 133  ASP A O   1 
ATOM   1018 C  CB  . ASP A 1 133 ? -4.569  -18.089 -18.423 1.00 16.23 ? 133  ASP A CB  1 
ATOM   1019 C  CG  . ASP A 1 133 ? -4.641  -16.962 -17.424 1.00 16.74 ? 133  ASP A CG  1 
ATOM   1020 O  OD1 . ASP A 1 133 ? -3.649  -16.737 -16.708 1.00 14.14 ? 133  ASP A OD1 1 
ATOM   1021 O  OD2 . ASP A 1 133 ? -5.689  -16.298 -17.345 1.00 17.89 ? 133  ASP A OD2 1 
ATOM   1022 N  N   . GLY A 1 134 ? -1.070  -17.763 -17.947 1.00 15.47 ? 134  GLY A N   1 
ATOM   1023 C  CA  . GLY A 1 134 ? 0.084   -16.897 -18.175 1.00 14.56 ? 134  GLY A CA  1 
ATOM   1024 C  C   . GLY A 1 134 ? -0.011  -15.492 -17.538 1.00 14.14 ? 134  GLY A C   1 
ATOM   1025 O  O   . GLY A 1 134 ? 0.899   -14.679 -17.705 1.00 14.89 ? 134  GLY A O   1 
ATOM   1026 N  N   . GLN A 1 135 ? -1.093  -15.213 -16.831 1.00 12.36 ? 135  GLN A N   1 
ATOM   1027 C  CA  . GLN A 1 135 ? -1.258  -13.921 -16.170 1.00 13.24 ? 135  GLN A CA  1 
ATOM   1028 C  C   . GLN A 1 135 ? -1.880  -14.195 -14.814 1.00 12.71 ? 135  GLN A C   1 
ATOM   1029 O  O   . GLN A 1 135 ? -2.316  -15.307 -14.548 1.00 13.52 ? 135  GLN A O   1 
ATOM   1030 C  CB  . GLN A 1 135 ? -2.183  -12.997 -16.976 1.00 13.51 ? 135  GLN A CB  1 
ATOM   1031 C  CG  . GLN A 1 135 ? -1.647  -12.647 -18.368 1.00 15.85 ? 135  GLN A CG  1 
ATOM   1032 C  CD  . GLN A 1 135 ? -2.360  -11.450 -18.959 1.00 15.48 ? 135  GLN A CD  1 
ATOM   1033 O  OE1 . GLN A 1 135 ? -2.298  -10.343 -18.416 1.00 15.78 ? 135  GLN A OE1 1 
ATOM   1034 N  NE2 . GLN A 1 135 ? -3.047  -11.659 -20.071 1.00 16.78 ? 135  GLN A NE2 1 
ATOM   1035 N  N   . VAL A 1 136 ? -1.928  -13.170 -13.969 1.00 12.22 ? 136  VAL A N   1 
ATOM   1036 C  CA  . VAL A 1 136 ? -2.475  -13.306 -12.630 1.00 10.00 ? 136  VAL A CA  1 
ATOM   1037 C  C   . VAL A 1 136 ? -3.812  -12.582 -12.555 1.00 10.23 ? 136  VAL A C   1 
ATOM   1038 O  O   . VAL A 1 136 ? -3.881  -11.362 -12.696 1.00 11.56 ? 136  VAL A O   1 
ATOM   1039 C  CB  . VAL A 1 136 ? -1.482  -12.714 -11.579 1.00 9.65  ? 136  VAL A CB  1 
ATOM   1040 C  CG1 . VAL A 1 136 ? -2.005  -12.910 -10.168 1.00 8.74  ? 136  VAL A CG1 1 
ATOM   1041 C  CG2 . VAL A 1 136 ? -0.106  -13.357 -11.745 1.00 9.20  ? 136  VAL A CG2 1 
ATOM   1042 N  N   . ASN A 1 137 ? -4.895  -13.323 -12.320 1.00 11.57 ? 137  ASN A N   1 
ATOM   1043 C  CA  . ASN A 1 137 ? -6.204  -12.687 -12.214 1.00 11.48 ? 137  ASN A CA  1 
ATOM   1044 C  C   . ASN A 1 137 ? -6.410  -12.251 -10.762 1.00 13.35 ? 137  ASN A C   1 
ATOM   1045 O  O   . ASN A 1 137 ? -5.563  -12.495 -9.919  1.00 12.65 ? 137  ASN A O   1 
ATOM   1046 C  CB  . ASN A 1 137 ? -7.337  -13.640 -12.692 1.00 14.55 ? 137  ASN A CB  1 
ATOM   1047 C  CG  . ASN A 1 137 ? -7.538  -14.891 -11.867 1.00 13.69 ? 137  ASN A CG  1 
ATOM   1048 O  OD1 . ASN A 1 137 ? -7.020  -15.014 -10.763 1.00 16.87 ? 137  ASN A OD1 1 
ATOM   1049 N  ND2 . ASN A 1 137 ? -8.309  -15.833 -12.395 1.00 15.04 ? 137  ASN A ND2 1 
ATOM   1050 N  N   . TYR A 1 138 ? -7.537  -11.608 -10.476 1.00 13.78 ? 138  TYR A N   1 
ATOM   1051 C  CA  . TYR A 1 138 ? -7.803  -11.139 -9.128  1.00 15.30 ? 138  TYR A CA  1 
ATOM   1052 C  C   . TYR A 1 138 ? -7.763  -12.252 -8.077  1.00 16.01 ? 138  TYR A C   1 
ATOM   1053 O  O   . TYR A 1 138 ? -7.070  -12.144 -7.064  1.00 17.07 ? 138  TYR A O   1 
ATOM   1054 C  CB  . TYR A 1 138 ? -9.155  -10.398 -9.086  1.00 14.17 ? 138  TYR A CB  1 
ATOM   1055 C  CG  . TYR A 1 138 ? -9.406  -9.804  -7.729  1.00 17.65 ? 138  TYR A CG  1 
ATOM   1056 C  CD1 . TYR A 1 138 ? -8.626  -8.728  -7.304  1.00 18.10 ? 138  TYR A CD1 1 
ATOM   1057 C  CD2 . TYR A 1 138 ? -10.366 -10.322 -6.845  1.00 18.01 ? 138  TYR A CD2 1 
ATOM   1058 C  CE1 . TYR A 1 138 ? -8.787  -8.178  -6.023  1.00 20.25 ? 138  TYR A CE1 1 
ATOM   1059 C  CE2 . TYR A 1 138 ? -10.539 -9.781  -5.559  1.00 18.29 ? 138  TYR A CE2 1 
ATOM   1060 C  CZ  . TYR A 1 138 ? -9.741  -8.705  -5.162  1.00 21.85 ? 138  TYR A CZ  1 
ATOM   1061 O  OH  . TYR A 1 138 ? -9.901  -8.144  -3.911  1.00 24.47 ? 138  TYR A OH  1 
ATOM   1062 N  N   . GLU A 1 139 ? -8.504  -13.326 -8.327  1.00 17.35 ? 139  GLU A N   1 
ATOM   1063 C  CA  . GLU A 1 139 ? -8.547  -14.449 -7.398  1.00 17.76 ? 139  GLU A CA  1 
ATOM   1064 C  C   . GLU A 1 139 ? -7.134  -14.968 -7.100  1.00 17.32 ? 139  GLU A C   1 
ATOM   1065 O  O   . GLU A 1 139 ? -6.810  -15.269 -5.954  1.00 15.10 ? 139  GLU A O   1 
ATOM   1066 C  CB  . GLU A 1 139 ? -9.457  -15.539 -7.975  1.00 19.74 ? 139  GLU A CB  1 
ATOM   1067 C  CG  . GLU A 1 139 ? -9.443  -16.863 -7.252  1.00 20.87 ? 139  GLU A CG  1 
ATOM   1068 C  CD  . GLU A 1 139 ? -9.923  -16.780 -5.810  1.00 22.94 ? 139  GLU A CD  1 
ATOM   1069 O  OE1 . GLU A 1 139 ? -10.533 -15.756 -5.447  1.00 25.18 ? 139  GLU A OE1 1 
ATOM   1070 O  OE2 . GLU A 1 139 ? -9.683  -17.728 -5.042  1.00 23.99 ? 139  GLU A OE2 1 
ATOM   1071 N  N   . GLU A 1 140 ? -6.303  -15.086 -8.132  1.00 15.90 ? 140  GLU A N   1 
ATOM   1072 C  CA  . GLU A 1 140 ? -4.946  -15.577 -7.920  1.00 14.67 ? 140  GLU A CA  1 
ATOM   1073 C  C   . GLU A 1 140 ? -4.129  -14.546 -7.160  1.00 13.38 ? 140  GLU A C   1 
ATOM   1074 O  O   . GLU A 1 140 ? -3.273  -14.880 -6.342  1.00 14.80 ? 140  GLU A O   1 
ATOM   1075 C  CB  . GLU A 1 140 ? -4.286  -15.901 -9.259  1.00 14.33 ? 140  GLU A CB  1 
ATOM   1076 C  CG  . GLU A 1 140 ? -5.063  -16.947 -10.047 1.00 15.00 ? 140  GLU A CG  1 
ATOM   1077 C  CD  . GLU A 1 140 ? -4.592  -17.079 -11.483 1.00 15.34 ? 140  GLU A CD  1 
ATOM   1078 O  OE1 . GLU A 1 140 ? -4.066  -16.089 -12.045 1.00 17.18 ? 140  GLU A OE1 1 
ATOM   1079 O  OE2 . GLU A 1 140 ? -4.761  -18.173 -12.059 1.00 14.14 ? 140  GLU A OE2 1 
ATOM   1080 N  N   . PHE A 1 141 ? -4.403  -13.286 -7.436  1.00 15.39 ? 141  PHE A N   1 
ATOM   1081 C  CA  . PHE A 1 141 ? -3.743  -12.209 -6.752  1.00 16.18 ? 141  PHE A CA  1 
ATOM   1082 C  C   . PHE A 1 141 ? -4.032  -12.271 -5.249  1.00 16.83 ? 141  PHE A C   1 
ATOM   1083 O  O   . PHE A 1 141 ? -3.141  -12.172 -4.417  1.00 17.62 ? 141  PHE A O   1 
ATOM   1084 C  CB  . PHE A 1 141 ? -4.184  -10.867 -7.296  1.00 16.07 ? 141  PHE A CB  1 
ATOM   1085 C  CG  . PHE A 1 141 ? -3.507  -9.649  -6.742  1.00 15.85 ? 141  PHE A CG  1 
ATOM   1086 C  CD1 . PHE A 1 141 ? -4.152  -8.845  -5.802  1.00 15.58 ? 141  PHE A CD1 1 
ATOM   1087 C  CD2 . PHE A 1 141 ? -2.241  -9.249  -7.173  1.00 16.07 ? 141  PHE A CD2 1 
ATOM   1088 C  CE1 . PHE A 1 141 ? -3.593  -7.685  -5.313  1.00 14.65 ? 141  PHE A CE1 1 
ATOM   1089 C  CE2 . PHE A 1 141 ? -1.669  -8.090  -6.691  1.00 14.66 ? 141  PHE A CE2 1 
ATOM   1090 C  CZ  . PHE A 1 141 ? -2.359  -7.310  -5.757  1.00 15.74 ? 141  PHE A CZ  1 
ATOM   1091 N  N   . VAL A 1 142 ? -5.301  -12.434 -4.908  1.00 16.89 ? 142  VAL A N   1 
ATOM   1092 C  CA  . VAL A 1 142 ? -5.682  -12.531 -3.505  1.00 19.87 ? 142  VAL A CA  1 
ATOM   1093 C  C   . VAL A 1 142 ? -5.023  -13.744 -2.833  1.00 20.62 ? 142  VAL A C   1 
ATOM   1094 O  O   . VAL A 1 142 ? -4.461  -13.626 -1.750  1.00 21.40 ? 142  VAL A O   1 
ATOM   1095 C  CB  . VAL A 1 142 ? -7.218  -12.613 -3.356  1.00 20.95 ? 142  VAL A CB  1 
ATOM   1096 C  CG1 . VAL A 1 142 ? -7.605  -12.802 -1.892  1.00 21.84 ? 142  VAL A CG1 1 
ATOM   1097 C  CG2 . VAL A 1 142 ? -7.870  -11.366 -3.935  1.00 18.71 ? 142  VAL A CG2 1 
ATOM   1098 N  N   . GLN A 1 143 ? -5.080  -14.905 -3.479  1.00 20.58 ? 143  GLN A N   1 
ATOM   1099 C  CA  . GLN A 1 143 ? -4.472  -16.102 -2.914  1.00 21.91 ? 143  GLN A CA  1 
ATOM   1100 C  C   . GLN A 1 143 ? -2.978  -15.913 -2.662  1.00 22.22 ? 143  GLN A C   1 
ATOM   1101 O  O   . GLN A 1 143 ? -2.478  -16.289 -1.610  1.00 24.36 ? 143  GLN A O   1 
ATOM   1102 C  CB  . GLN A 1 143 ? -4.703  -17.316 -3.827  1.00 22.82 ? 143  GLN A CB  1 
ATOM   1103 C  CG  . GLN A 1 143 ? -6.155  -17.785 -3.855  1.00 28.28 ? 143  GLN A CG  1 
ATOM   1104 C  CD  . GLN A 1 143 ? -6.347  -19.122 -4.546  1.00 32.04 ? 143  GLN A CD  1 
ATOM   1105 O  OE1 . GLN A 1 143 ? -5.749  -20.126 -4.155  1.00 33.84 ? 143  GLN A OE1 1 
ATOM   1106 N  NE2 . GLN A 1 143 ? -7.199  -19.145 -5.572  1.00 35.41 ? 143  GLN A NE2 1 
ATOM   1107 N  N   . MET A 1 144 ? -2.263  -15.335 -3.621  1.00 21.56 ? 144  MET A N   1 
ATOM   1108 C  CA  . MET A 1 144 ? -0.831  -15.100 -3.451  1.00 22.18 ? 144  MET A CA  1 
ATOM   1109 C  C   . MET A 1 144 ? -0.546  -14.059 -2.360  1.00 24.00 ? 144  MET A C   1 
ATOM   1110 O  O   . MET A 1 144 ? 0.293   -14.281 -1.498  1.00 22.98 ? 144  MET A O   1 
ATOM   1111 C  CB  . MET A 1 144 ? -0.206  -14.660 -4.783  1.00 22.12 ? 144  MET A CB  1 
ATOM   1112 C  CG  . MET A 1 144 ? 1.226   -14.133 -4.682  1.00 23.63 ? 144  MET A CG  1 
ATOM   1113 S  SD  . MET A 1 144 ? 2.346   -15.368 -3.987  1.00 23.53 ? 144  MET A SD  1 
ATOM   1114 C  CE  . MET A 1 144 ? 2.448   -16.517 -5.352  1.00 18.58 ? 144  MET A CE  1 
ATOM   1115 N  N   . MET A 1 145 ? -1.210  -12.944 -2.407  1.00 25.24 ? 145  MET A N   1 
ATOM   1116 C  CA  . MET A 1 145 ? -1.025  -11.938 -1.398  1.00 29.46 ? 145  MET A CA  1 
ATOM   1117 C  C   . MET A 1 145 ? -1.626  -12.415 -0.077  1.00 32.81 ? 145  MET A C   1 
ATOM   1118 O  O   . MET A 1 145 ? -2.469  -13.299 -0.073  1.00 34.69 ? 145  MET A O   1 
ATOM   1119 C  CB  . MET A 1 145 ? -1.669  -10.635 -1.832  1.00 27.06 ? 145  MET A CB  1 
ATOM   1120 C  CG  . MET A 1 145 ? -1.081  -10.067 -3.105  1.00 25.05 ? 145  MET A CG  1 
ATOM   1121 S  SD  . MET A 1 145 ? 0.717   -10.019 -3.038  1.00 21.65 ? 145  MET A SD  1 
ATOM   1122 C  CE  . MET A 1 145 ? 1.031   -8.474  -3.892  1.00 21.79 ? 145  MET A CE  1 
ATOM   1123 N  N   . LYS B 2 1   ? 13.170  -20.300 -1.398  1.00 42.62 ? 3614 LYS B N   1 
ATOM   1124 C  CA  . LYS B 2 1   ? 13.380  -19.910 -2.827  1.00 41.51 ? 3614 LYS B CA  1 
ATOM   1125 C  C   . LYS B 2 1   ? 12.061  -19.533 -3.515  1.00 40.51 ? 3614 LYS B C   1 
ATOM   1126 O  O   . LYS B 2 1   ? 12.031  -19.263 -4.719  1.00 41.59 ? 3614 LYS B O   1 
ATOM   1127 C  CB  . LYS B 2 1   ? 14.068  -21.038 -3.595  1.00 42.22 ? 3614 LYS B CB  1 
ATOM   1128 C  CG  . LYS B 2 1   ? 13.193  -22.260 -3.820  1.00 43.99 ? 3614 LYS B CG  1 
ATOM   1129 C  CD  . LYS B 2 1   ? 13.939  -23.338 -4.586  1.00 44.83 ? 3614 LYS B CD  1 
ATOM   1130 C  CE  . LYS B 2 1   ? 13.064  -24.560 -4.810  1.00 45.80 ? 3614 LYS B CE  1 
ATOM   1131 N  NZ  . LYS B 2 1   ? 13.782  -25.626 -5.561  1.00 45.94 ? 3614 LYS B NZ  1 
ATOM   1132 N  N   . SER B 2 2   ? 10.972  -19.521 -2.751  1.00 38.92 ? 3615 SER B N   1 
ATOM   1133 C  CA  . SER B 2 2   ? 9.653   -19.150 -3.277  1.00 37.23 ? 3615 SER B CA  1 
ATOM   1134 C  C   . SER B 2 2   ? 9.631   -17.661 -3.643  1.00 35.93 ? 3615 SER B C   1 
ATOM   1135 O  O   . SER B 2 2   ? 10.413  -16.879 -3.104  1.00 37.68 ? 3615 SER B O   1 
ATOM   1136 C  CB  . SER B 2 2   ? 8.567   -19.469 -2.257  1.00 36.73 ? 3615 SER B CB  1 
ATOM   1137 O  OG  . SER B 2 2   ? 7.416   -18.674 -2.481  1.00 37.09 ? 3615 SER B OG  1 
ATOM   1138 N  N   . LYS B 2 3   ? 8.738   -17.281 -4.553  1.00 32.51 ? 3616 LYS B N   1 
ATOM   1139 C  CA  . LYS B 2 3   ? 8.607   -15.891 -4.997  1.00 28.82 ? 3616 LYS B CA  1 
ATOM   1140 C  C   . LYS B 2 3   ? 7.560   -15.103 -4.219  1.00 26.16 ? 3616 LYS B C   1 
ATOM   1141 O  O   . LYS B 2 3   ? 7.382   -13.906 -4.438  1.00 25.61 ? 3616 LYS B O   1 
ATOM   1142 C  CB  . LYS B 2 3   ? 8.267   -15.850 -6.490  1.00 28.21 ? 3616 LYS B CB  1 
ATOM   1143 C  CG  . LYS B 2 3   ? 9.443   -16.100 -7.407  1.00 29.88 ? 3616 LYS B CG  1 
ATOM   1144 C  CD  . LYS B 2 3   ? 10.494  -15.020 -7.222  1.00 31.62 ? 3616 LYS B CD  1 
ATOM   1145 C  CE  . LYS B 2 3   ? 11.818  -15.428 -7.845  1.00 33.96 ? 3616 LYS B CE  1 
ATOM   1146 N  NZ  . LYS B 2 3   ? 12.417  -16.592 -7.141  1.00 34.73 ? 3616 LYS B NZ  1 
ATOM   1147 N  N   . LYS B 2 4   ? 6.869   -15.776 -3.310  1.00 23.93 ? 3617 LYS B N   1 
ATOM   1148 C  CA  . LYS B 2 4   ? 5.852   -15.129 -2.509  1.00 23.58 ? 3617 LYS B CA  1 
ATOM   1149 C  C   . LYS B 2 4   ? 6.352   -13.880 -1.787  1.00 22.45 ? 3617 LYS B C   1 
ATOM   1150 O  O   . LYS B 2 4   ? 5.624   -12.888 -1.686  1.00 21.12 ? 3617 LYS B O   1 
ATOM   1151 C  CB  . LYS B 2 4   ? 5.270   -16.126 -1.498  1.00 26.18 ? 3617 LYS B CB  1 
ATOM   1152 C  CG  . LYS B 2 4   ? 4.410   -15.486 -0.427  1.00 28.67 ? 3617 LYS B CG  1 
ATOM   1153 C  CD  . LYS B 2 4   ? 3.674   -16.524 0.412   1.00 32.83 ? 3617 LYS B CD  1 
ATOM   1154 C  CE  . LYS B 2 4   ? 2.609   -17.226 -0.408  1.00 34.56 ? 3617 LYS B CE  1 
ATOM   1155 N  NZ  . LYS B 2 4   ? 1.666   -17.995 0.443   1.00 37.70 ? 3617 LYS B NZ  1 
ATOM   1156 N  N   . ALA B 2 5   ? 7.588   -13.921 -1.294  1.00 19.65 ? 3618 ALA B N   1 
ATOM   1157 C  CA  . ALA B 2 5   ? 8.155   -12.779 -0.568  1.00 20.59 ? 3618 ALA B CA  1 
ATOM   1158 C  C   . ALA B 2 5   ? 8.213   -11.502 -1.421  1.00 18.17 ? 3618 ALA B C   1 
ATOM   1159 O  O   . ALA B 2 5   ? 7.925   -10.423 -0.938  1.00 19.03 ? 3618 ALA B O   1 
ATOM   1160 C  CB  . ALA B 2 5   ? 9.554   -13.124 -0.054  1.00 20.93 ? 3618 ALA B CB  1 
ATOM   1161 N  N   . VAL B 2 6   ? 8.586   -11.642 -2.686  1.00 17.35 ? 3619 VAL B N   1 
ATOM   1162 C  CA  . VAL B 2 6   ? 8.659   -10.479 -3.559  1.00 16.46 ? 3619 VAL B CA  1 
ATOM   1163 C  C   . VAL B 2 6   ? 7.249   -9.932  -3.760  1.00 14.03 ? 3619 VAL B C   1 
ATOM   1164 O  O   . VAL B 2 6   ? 7.030   -8.733  -3.632  1.00 13.91 ? 3619 VAL B O   1 
ATOM   1165 C  CB  . VAL B 2 6   ? 9.325   -10.828 -4.904  1.00 15.84 ? 3619 VAL B CB  1 
ATOM   1166 C  CG1 . VAL B 2 6   ? 9.396   -9.577  -5.776  1.00 15.21 ? 3619 VAL B CG1 1 
ATOM   1167 C  CG2 . VAL B 2 6   ? 10.722  -11.394 -4.689  1.00 17.63 ? 3619 VAL B CG2 1 
ATOM   1168 N  N   . TRP B 2 7   ? 6.289   -10.806 -4.061  1.00 13.63 ? 3620 TRP B N   1 
ATOM   1169 C  CA  . TRP B 2 7   ? 4.901   -10.371 -4.216  1.00 14.29 ? 3620 TRP B CA  1 
ATOM   1170 C  C   . TRP B 2 7   ? 4.448   -9.610  -2.963  1.00 16.19 ? 3620 TRP B C   1 
ATOM   1171 O  O   . TRP B 2 7   ? 3.906   -8.517  -3.073  1.00 15.12 ? 3620 TRP B O   1 
ATOM   1172 C  CB  . TRP B 2 7   ? 3.986   -11.584 -4.433  1.00 14.12 ? 3620 TRP B CB  1 
ATOM   1173 C  CG  . TRP B 2 7   ? 3.891   -12.101 -5.828  1.00 14.09 ? 3620 TRP B CG  1 
ATOM   1174 C  CD1 . TRP B 2 7   ? 4.419   -13.261 -6.300  1.00 13.63 ? 3620 TRP B CD1 1 
ATOM   1175 C  CD2 . TRP B 2 7   ? 3.186   -11.502 -6.925  1.00 14.29 ? 3620 TRP B CD2 1 
ATOM   1176 N  NE1 . TRP B 2 7   ? 4.079   -13.436 -7.628  1.00 15.10 ? 3620 TRP B NE1 1 
ATOM   1177 C  CE2 . TRP B 2 7   ? 3.324   -12.370 -8.036  1.00 14.17 ? 3620 TRP B CE2 1 
ATOM   1178 C  CE3 . TRP B 2 7   ? 2.451   -10.318 -7.076  1.00 13.45 ? 3620 TRP B CE3 1 
ATOM   1179 C  CZ2 . TRP B 2 7   ? 2.753   -12.092 -9.283  1.00 15.28 ? 3620 TRP B CZ2 1 
ATOM   1180 C  CZ3 . TRP B 2 7   ? 1.878   -10.036 -8.322  1.00 15.44 ? 3620 TRP B CZ3 1 
ATOM   1181 C  CH2 . TRP B 2 7   ? 2.036   -10.926 -9.410  1.00 16.68 ? 3620 TRP B CH2 1 
ATOM   1182 N  N   . HIS B 2 8   ? 4.683   -10.209 -1.792  1.00 15.50 ? 3621 HIS B N   1 
ATOM   1183 C  CA  . HIS B 2 8   ? 4.263   -9.570  -0.516  1.00 18.08 ? 3621 HIS B CA  1 
ATOM   1184 C  C   . HIS B 2 8   ? 4.944   -8.231  -0.297  1.00 17.50 ? 3621 HIS B C   1 
ATOM   1185 O  O   . HIS B 2 8   ? 4.323   -7.322  0.245   1.00 16.67 ? 3621 HIS B O   1 
ATOM   1186 C  CB  . HIS B 2 8   ? 4.560   -10.435 0.728   1.00 20.88 ? 3621 HIS B CB  1 
ATOM   1187 C  CG  . HIS B 2 8   ? 3.443   -11.489 0.846   1.00 26.03 ? 3621 HIS B CG  1 
ATOM   1188 N  ND1 . HIS B 2 8   ? 2.954   -11.947 2.035   1.00 28.35 ? 3621 HIS B ND1 1 
ATOM   1189 C  CD2 . HIS B 2 8   ? 2.785   -12.124 -0.138  1.00 28.06 ? 3621 HIS B CD2 1 
ATOM   1190 C  CE1 . HIS B 2 8   ? 1.982   -12.827 1.755   1.00 26.67 ? 3621 HIS B CE1 1 
ATOM   1191 N  NE2 . HIS B 2 8   ? 1.861   -12.926 0.457   1.00 29.29 ? 3621 HIS B NE2 1 
ATOM   1192 N  N   . LYS B 2 9   ? 6.204   -8.092  -0.698  1.00 18.23 ? 3622 LYS B N   1 
ATOM   1193 C  CA  . LYS B 2 9   ? 6.902   -6.822  -0.491  1.00 17.29 ? 3622 LYS B CA  1 
ATOM   1194 C  C   . LYS B 2 9   ? 6.292   -5.724  -1.365  1.00 17.14 ? 3622 LYS B C   1 
ATOM   1195 O  O   . LYS B 2 9   ? 6.128   -4.580  -0.910  1.00 11.95 ? 3622 LYS B O   1 
ATOM   1196 C  CB  . LYS B 2 9   ? 8.381   -6.951  -0.828  1.00 19.15 ? 3622 LYS B CB  1 
ATOM   1197 C  CG  . LYS B 2 9   ? 9.200   -5.707  -0.486  1.00 22.73 ? 3622 LYS B CG  1 
ATOM   1198 C  CD  . LYS B 2 9   ? 10.442  -5.605  -1.349  1.00 25.82 ? 3622 LYS B CD  1 
ATOM   1199 C  CE  . LYS B 2 9   ? 11.243  -6.899  -1.332  1.00 27.80 ? 3622 LYS B CE  1 
ATOM   1200 N  NZ  . LYS B 2 9   ? 11.707  -7.251  0.039   1.00 32.01 ? 3622 LYS B NZ  1 
ATOM   1201 N  N   . LEU B 2 10  ? 5.958   -6.073  -2.608  1.00 14.35 ? 3623 LEU B N   1 
ATOM   1202 C  CA  . LEU B 2 10  ? 5.335   -5.112  -3.515  1.00 14.28 ? 3623 LEU B CA  1 
ATOM   1203 C  C   . LEU B 2 10  ? 4.016   -4.618  -2.940  1.00 14.69 ? 3623 LEU B C   1 
ATOM   1204 O  O   . LEU B 2 10  ? 3.764   -3.412  -2.924  1.00 14.29 ? 3623 LEU B O   1 
ATOM   1205 C  CB  . LEU B 2 10  ? 5.086   -5.729  -4.896  1.00 13.04 ? 3623 LEU B CB  1 
ATOM   1206 C  CG  . LEU B 2 10  ? 6.316   -6.060  -5.736  1.00 11.84 ? 3623 LEU B CG  1 
ATOM   1207 C  CD1 . LEU B 2 10  ? 5.927   -6.730  -7.037  1.00 12.75 ? 3623 LEU B CD1 1 
ATOM   1208 C  CD2 . LEU B 2 10  ? 7.128   -4.808  -5.998  1.00 12.99 ? 3623 LEU B CD2 1 
ATOM   1209 N  N   . LEU B 2 11  ? 3.176   -5.543  -2.463  1.00 15.02 ? 3624 LEU B N   1 
ATOM   1210 C  CA  . LEU B 2 11  ? 1.895   -5.162  -1.882  1.00 15.02 ? 3624 LEU B CA  1 
ATOM   1211 C  C   . LEU B 2 11  ? 2.116   -4.199  -0.718  1.00 15.79 ? 3624 LEU B C   1 
ATOM   1212 O  O   . LEU B 2 11  ? 1.450   -3.169  -0.620  1.00 14.61 ? 3624 LEU B O   1 
ATOM   1213 C  CB  . LEU B 2 11  ? 1.112   -6.394  -1.388  1.00 17.17 ? 3624 LEU B CB  1 
ATOM   1214 C  CG  . LEU B 2 11  ? -0.204  -6.097  -0.643  1.00 17.96 ? 3624 LEU B CG  1 
ATOM   1215 C  CD1 . LEU B 2 11  ? -1.161  -5.307  -1.520  1.00 18.85 ? 3624 LEU B CD1 1 
ATOM   1216 C  CD2 . LEU B 2 11  ? -0.857  -7.398  -0.166  1.00 19.16 ? 3624 LEU B CD2 1 
ATOM   1217 N  N   . SER B 2 12  ? 3.055   -4.529  0.164   1.00 15.76 ? 3625 SER B N   1 
ATOM   1218 C  CA  . SER B 2 12  ? 3.325   -3.665  1.302   1.00 17.01 ? 3625 SER B CA  1 
ATOM   1219 C  C   . SER B 2 12  ? 3.821   -2.285  0.884   1.00 16.37 ? 3625 SER B C   1 
ATOM   1220 O  O   . SER B 2 12  ? 3.444   -1.270  1.484   1.00 15.74 ? 3625 SER B O   1 
ATOM   1221 C  CB  . SER B 2 12  ? 4.342   -4.316  2.253   1.00 18.21 ? 3625 SER B CB  1 
ATOM   1222 O  OG  . SER B 2 12  ? 3.743   -5.356  3.016   1.00 21.10 ? 3625 SER B OG  1 
ATOM   1223 N  N   . LYS B 2 13  ? 4.669   -2.225  -0.141  1.00 14.66 ? 3626 LYS B N   1 
ATOM   1224 C  CA  . LYS B 2 13  ? 5.173   -0.937  -0.607  1.00 15.78 ? 3626 LYS B CA  1 
ATOM   1225 C  C   . LYS B 2 13  ? 4.022   -0.126  -1.207  1.00 14.50 ? 3626 LYS B C   1 
ATOM   1226 O  O   . LYS B 2 13  ? 3.946   1.082   -1.001  1.00 12.99 ? 3626 LYS B O   1 
ATOM   1227 C  CB  . LYS B 2 13  ? 6.281   -1.117  -1.657  1.00 16.17 ? 3626 LYS B CB  1 
ATOM   1228 C  CG  . LYS B 2 13  ? 7.667   -1.498  -1.140  1.00 21.43 ? 3626 LYS B CG  1 
ATOM   1229 C  CD  . LYS B 2 13  ? 8.665   -1.654  -2.308  1.00 24.21 ? 3626 LYS B CD  1 
ATOM   1230 C  CE  . LYS B 2 13  ? 10.040  -2.170  -1.894  1.00 26.38 ? 3626 LYS B CE  1 
ATOM   1231 N  NZ  . LYS B 2 13  ? 10.864  -2.571  -3.071  1.00 25.18 ? 3626 LYS B NZ  1 
ATOM   1232 N  N   . GLN B 2 14  ? 3.132   -0.795  -1.943  1.00 13.47 ? 3627 GLN B N   1 
ATOM   1233 C  CA  . GLN B 2 14  ? 1.982   -0.120  -2.555  1.00 14.66 ? 3627 GLN B CA  1 
ATOM   1234 C  C   . GLN B 2 14  ? 1.012   0.352   -1.486  1.00 14.11 ? 3627 GLN B C   1 
ATOM   1235 O  O   . GLN B 2 14  ? 0.442   1.445   -1.602  1.00 13.56 ? 3627 GLN B O   1 
ATOM   1236 C  CB  . GLN B 2 14  ? 1.259   -1.047  -3.547  1.00 15.63 ? 3627 GLN B CB  1 
ATOM   1237 C  CG  . GLN B 2 14  ? -0.072  -0.483  -4.108  1.00 18.52 ? 3627 GLN B CG  1 
ATOM   1238 C  CD  . GLN B 2 14  ? 0.046   0.962   -4.596  1.00 20.56 ? 3627 GLN B CD  1 
ATOM   1239 O  OE1 . GLN B 2 14  ? 1.061   1.351   -5.169  1.00 21.76 ? 3627 GLN B OE1 1 
ATOM   1240 N  NE2 . GLN B 2 14  ? -1.001  1.756   -4.380  1.00 22.41 ? 3627 GLN B NE2 1 
ATOM   1241 N  N   . ARG B 2 15  ? 0.810   -0.467  -0.454  1.00 14.42 ? 3628 ARG B N   1 
ATOM   1242 C  CA  . ARG B 2 15  ? -0.085  -0.088  0.639   1.00 14.67 ? 3628 ARG B CA  1 
ATOM   1243 C  C   . ARG B 2 15  ? 0.439   1.168   1.303   1.00 14.94 ? 3628 ARG B C   1 
ATOM   1244 O  O   . ARG B 2 15  ? -0.319  2.057   1.661   1.00 15.59 ? 3628 ARG B O   1 
ATOM   1245 C  CB  . ARG B 2 15  ? -0.185  -1.210  1.675   1.00 16.94 ? 3628 ARG B CB  1 
ATOM   1246 C  CG  . ARG B 2 15  ? -1.039  -2.382  1.248   1.00 19.45 ? 3628 ARG B CG  1 
ATOM   1247 C  CD  . ARG B 2 15  ? -1.207  -3.423  2.346   1.00 19.91 ? 3628 ARG B CD  1 
ATOM   1248 N  NE  . ARG B 2 15  ? -2.209  -3.024  3.332   1.00 24.02 ? 3628 ARG B NE  1 
ATOM   1249 C  CZ  . ARG B 2 15  ? -2.592  -3.786  4.357   1.00 26.22 ? 3628 ARG B CZ  1 
ATOM   1250 N  NH1 . ARG B 2 15  ? -2.049  -4.989  4.531   1.00 23.37 ? 3628 ARG B NH1 1 
ATOM   1251 N  NH2 . ARG B 2 15  ? -3.520  -3.349  5.206   1.00 26.36 ? 3628 ARG B NH2 1 
ATOM   1252 N  N   . ARG B 2 16  ? 1.761   1.257   1.456   1.00 12.74 ? 3629 ARG B N   1 
ATOM   1253 C  CA  . ARG B 2 16  ? 2.361   2.447   2.056   1.00 14.70 ? 3629 ARG B CA  1 
ATOM   1254 C  C   . ARG B 2 16  ? 2.139   3.630   1.117   1.00 13.27 ? 3629 ARG B C   1 
ATOM   1255 O  O   . ARG B 2 16  ? 1.779   4.732   1.555   1.00 13.89 ? 3629 ARG B O   1 
ATOM   1256 C  CB  . ARG B 2 16  ? 3.877   2.272   2.263   1.00 14.88 ? 3629 ARG B CB  1 
ATOM   1257 C  CG  . ARG B 2 16  ? 4.328   1.425   3.444   1.00 17.62 ? 3629 ARG B CG  1 
ATOM   1258 C  CD  . ARG B 2 16  ? 5.833   1.260   3.430   1.00 22.33 ? 3629 ARG B CD  1 
ATOM   1259 N  NE  . ARG B 2 16  ? 6.387   0.880   4.722   1.00 27.82 ? 3629 ARG B NE  1 
ATOM   1260 C  CZ  . ARG B 2 16  ? 7.677   0.970   5.033   1.00 30.59 ? 3629 ARG B CZ  1 
ATOM   1261 N  NH1 . ARG B 2 16  ? 8.547   1.433   4.141   1.00 31.34 ? 3629 ARG B NH1 1 
ATOM   1262 N  NH2 . ARG B 2 16  ? 8.102   0.595   6.233   1.00 32.78 ? 3629 ARG B NH2 1 
ATOM   1263 N  N   . ARG B 2 17  ? 2.351   3.408   -0.180  1.00 12.21 ? 3630 ARG B N   1 
ATOM   1264 C  CA  . ARG B 2 17  ? 2.173   4.492   -1.137  1.00 12.82 ? 3630 ARG B CA  1 
ATOM   1265 C  C   . ARG B 2 17  ? 0.742   5.023   -1.102  1.00 12.77 ? 3630 ARG B C   1 
ATOM   1266 O  O   . ARG B 2 17  ? 0.532   6.222   -1.169  1.00 13.69 ? 3630 ARG B O   1 
ATOM   1267 C  CB  . ARG B 2 17  ? 2.524   4.030   -2.562  1.00 12.91 ? 3630 ARG B CB  1 
ATOM   1268 C  CG  . ARG B 2 17  ? 2.873   5.186   -3.480  1.00 15.87 ? 3630 ARG B CG  1 
ATOM   1269 C  CD  . ARG B 2 17  ? 3.584   4.705   -4.739  1.00 15.14 ? 3630 ARG B CD  1 
ATOM   1270 N  NE  . ARG B 2 17  ? 2.829   3.658   -5.424  1.00 14.99 ? 3630 ARG B NE  1 
ATOM   1271 C  CZ  . ARG B 2 17  ? 3.118   3.226   -6.644  1.00 17.39 ? 3630 ARG B CZ  1 
ATOM   1272 N  NH1 . ARG B 2 17  ? 4.128   3.765   -7.322  1.00 18.44 ? 3630 ARG B NH1 1 
ATOM   1273 N  NH2 . ARG B 2 17  ? 2.412   2.255   -7.201  1.00 15.58 ? 3630 ARG B NH2 1 
ATOM   1274 N  N   . ALA B 2 18  ? -0.239  4.134   -0.980  1.00 12.42 ? 3631 ALA B N   1 
ATOM   1275 C  CA  . ALA B 2 18  ? -1.638  4.550   -0.959  1.00 14.70 ? 3631 ALA B CA  1 
ATOM   1276 C  C   . ALA B 2 18  ? -1.983  5.307   0.327   1.00 13.92 ? 3631 ALA B C   1 
ATOM   1277 O  O   . ALA B 2 18  ? -2.790  6.232   0.310   1.00 14.84 ? 3631 ALA B O   1 
ATOM   1278 C  CB  . ALA B 2 18  ? -2.566  3.341   -1.107  1.00 14.81 ? 3631 ALA B CB  1 
ATOM   1279 N  N   . VAL B 2 19  ? -1.385  4.902   1.432   1.00 14.72 ? 3632 VAL B N   1 
ATOM   1280 C  CA  . VAL B 2 19  ? -1.639  5.583   2.700   1.00 15.45 ? 3632 VAL B CA  1 
ATOM   1281 C  C   . VAL B 2 19  ? -1.038  6.984   2.662   1.00 14.55 ? 3632 VAL B C   1 
ATOM   1282 O  O   . VAL B 2 19  ? -1.588  7.917   3.242   1.00 14.54 ? 3632 VAL B O   1 
ATOM   1283 C  CB  . VAL B 2 19  ? -1.056  4.774   3.877   1.00 15.49 ? 3632 VAL B CB  1 
ATOM   1284 C  CG1 . VAL B 2 19  ? -0.885  5.654   5.106   1.00 16.67 ? 3632 VAL B CG1 1 
ATOM   1285 C  CG2 . VAL B 2 19  ? -1.939  3.581   4.183   1.00 14.46 ? 3632 VAL B CG2 1 
ATOM   1286 N  N   . VAL B 2 20  ? 0.104   7.129   2.003   1.00 12.98 ? 3633 VAL B N   1 
ATOM   1287 C  CA  . VAL B 2 20  ? 0.713   8.455   1.902   1.00 14.63 ? 3633 VAL B CA  1 
ATOM   1288 C  C   . VAL B 2 20  ? -0.234  9.345   1.086   1.00 16.26 ? 3633 VAL B C   1 
ATOM   1289 O  O   . VAL B 2 20  ? -0.495  10.497  1.452   1.00 15.34 ? 3633 VAL B O   1 
ATOM   1290 C  CB  . VAL B 2 20  ? 2.099   8.400   1.223   1.00 14.94 ? 3633 VAL B CB  1 
ATOM   1291 C  CG1 . VAL B 2 20  ? 2.517   9.777   0.747   1.00 14.21 ? 3633 VAL B CG1 1 
ATOM   1292 C  CG2 . VAL B 2 20  ? 3.133   7.819   2.192   1.00 14.60 ? 3633 VAL B CG2 1 
ATOM   1293 N  N   . ALA B 2 21  ? -0.760  8.805   -0.012  1.00 15.62 ? 3634 ALA B N   1 
ATOM   1294 C  CA  . ALA B 2 21  ? -1.695  9.563   -0.832  1.00 17.27 ? 3634 ALA B CA  1 
ATOM   1295 C  C   . ALA B 2 21  ? -2.948  9.937   -0.027  1.00 20.41 ? 3634 ALA B C   1 
ATOM   1296 O  O   . ALA B 2 21  ? -3.530  11.004  -0.235  1.00 19.87 ? 3634 ALA B O   1 
ATOM   1297 C  CB  . ALA B 2 21  ? -2.096  8.782   -2.072  1.00 19.88 ? 3634 ALA B CB  1 
ATOM   1298 N  N   . CYS B 2 22  ? -3.355  9.051   0.881   1.00 20.65 ? 3635 CYS B N   1 
ATOM   1299 C  CA  . CYS B 2 22  ? -4.519  9.278   1.720   1.00 23.14 ? 3635 CYS B CA  1 
ATOM   1300 C  C   . CYS B 2 22  ? -4.269  10.456  2.666   1.00 23.75 ? 3635 CYS B C   1 
ATOM   1301 O  O   . CYS B 2 22  ? -5.177  11.252  2.923   1.00 21.92 ? 3635 CYS B O   1 
ATOM   1302 C  CB  . CYS B 2 22  ? -4.847  8.017   2.517   1.00 25.57 ? 3635 CYS B CB  1 
ATOM   1303 S  SG  . CYS B 2 22  ? -6.306  8.164   3.604   1.00 30.80 ? 3635 CYS B SG  1 
ATOM   1304 N  N   . PHE B 2 23  ? -3.050  10.555  3.193   1.00 23.28 ? 3636 PHE B N   1 
ATOM   1305 C  CA  . PHE B 2 23  ? -2.692  11.669  4.066   1.00 25.88 ? 3636 PHE B CA  1 
ATOM   1306 C  C   . PHE B 2 23  ? -2.859  12.967  3.265   1.00 28.99 ? 3636 PHE B C   1 
ATOM   1307 O  O   . PHE B 2 23  ? -3.135  14.025  3.826   1.00 29.59 ? 3636 PHE B O   1 
ATOM   1308 C  CB  . PHE B 2 23  ? -1.237  11.564  4.526   1.00 23.19 ? 3636 PHE B CB  1 
ATOM   1309 C  CG  . PHE B 2 23  ? -1.051  10.797  5.802   1.00 24.35 ? 3636 PHE B CG  1 
ATOM   1310 C  CD1 . PHE B 2 23  ? -0.535  9.508   5.787   1.00 22.30 ? 3636 PHE B CD1 1 
ATOM   1311 C  CD2 . PHE B 2 23  ? -1.383  11.373  7.026   1.00 24.61 ? 3636 PHE B CD2 1 
ATOM   1312 C  CE1 . PHE B 2 23  ? -0.352  8.802   6.961   1.00 23.27 ? 3636 PHE B CE1 1 
ATOM   1313 C  CE2 . PHE B 2 23  ? -1.202  10.670  8.212   1.00 24.25 ? 3636 PHE B CE2 1 
ATOM   1314 C  CZ  . PHE B 2 23  ? -0.683  9.377   8.179   1.00 24.97 ? 3636 PHE B CZ  1 
ATOM   1315 N  N   . ARG B 2 24  ? -2.697  12.848  1.946   1.00 31.52 ? 3637 ARG B N   1 
ATOM   1316 C  CA  . ARG B 2 24  ? -2.808  14.013  1.053   1.00 34.76 ? 3637 ARG B CA  1 
ATOM   1317 C  C   . ARG B 2 24  ? -4.237  14.261  0.564   1.00 36.84 ? 3637 ARG B C   1 
ATOM   1318 O  O   . ARG B 2 24  ? -4.665  15.407  0.478   1.00 38.19 ? 3637 ARG B O   1 
ATOM   1319 C  CB  . ARG B 2 24  ? -1.870  13.833  -0.144  1.00 34.20 ? 3637 ARG B CB  1 
ATOM   1320 C  CG  . ARG B 2 24  ? -0.453  14.309  0.137   1.00 34.97 ? 3637 ARG B CG  1 
ATOM   1321 C  CD  . ARG B 2 24  ? 0.549   13.814  -0.886  1.00 35.02 ? 3637 ARG B CD  1 
ATOM   1322 N  NE  . ARG B 2 24  ? 1.859   14.429  -0.670  1.00 36.74 ? 3637 ARG B NE  1 
ATOM   1323 C  CZ  . ARG B 2 24  ? 2.990   14.017  -1.231  1.00 36.49 ? 3637 ARG B CZ  1 
ATOM   1324 N  NH1 . ARG B 2 24  ? 2.986   12.976  -2.051  1.00 38.81 ? 3637 ARG B NH1 1 
ATOM   1325 N  NH2 . ARG B 2 24  ? 4.129   14.647  -0.975  1.00 37.10 ? 3637 ARG B NH2 1 
ATOM   1326 N  N   . MET B 2 25  ? -4.977  13.196  0.259   1.00 38.98 ? 3638 MET B N   1 
ATOM   1327 C  CA  . MET B 2 25  ? -6.352  13.319  -0.236  1.00 41.34 ? 3638 MET B CA  1 
ATOM   1328 C  C   . MET B 2 25  ? -7.360  13.687  0.858   1.00 42.43 ? 3638 MET B C   1 
ATOM   1329 O  O   . MET B 2 25  ? -8.349  14.365  0.587   1.00 41.79 ? 3638 MET B O   1 
ATOM   1330 C  CB  . MET B 2 25  ? -6.814  12.008  -0.891  1.00 41.97 ? 3638 MET B CB  1 
ATOM   1331 C  CG  . MET B 2 25  ? -5.836  11.345  -1.861  1.00 44.40 ? 3638 MET B CG  1 
ATOM   1332 S  SD  . MET B 2 25  ? -5.703  12.069  -3.506  1.00 42.35 ? 3638 MET B SD  1 
ATOM   1333 C  CE  . MET B 2 25  ? -4.907  13.588  -3.062  1.00 44.08 ? 3638 MET B CE  1 
ATOM   1334 N  N   . THR B 2 26  ? -7.082  13.243  2.083   1.00 43.81 ? 3639 THR B N   1 
ATOM   1335 C  CA  . THR B 2 26  ? -7.943  13.442  3.272   1.00 46.21 ? 3639 THR B CA  1 
ATOM   1336 C  C   . THR B 2 26  ? -9.207  14.335  3.091   1.00 46.91 ? 3639 THR B C   1 
ATOM   1337 O  O   . THR B 2 26  ? -10.322 13.827  3.173   1.00 45.46 ? 3639 THR B O   1 
ATOM   1338 C  CB  . THR B 2 26  ? -7.119  14.013  4.436   1.00 46.42 ? 3639 THR B CB  1 
ATOM   1339 O  OG1 . THR B 2 26  ? -6.235  13.001  4.928   1.00 46.96 ? 3639 THR B OG1 1 
ATOM   1340 C  CG2 . THR B 2 26  ? -8.037  14.503  5.549   1.00 48.11 ? 3639 THR B CG2 1 
ATOM   1341 N  N   . PRO B 2 27  ? -9.037  15.656  2.867   1.00 48.40 ? 3640 PRO B N   1 
ATOM   1342 C  CA  . PRO B 2 27  ? -10.173 16.577  2.701   1.00 49.33 ? 3640 PRO B CA  1 
ATOM   1343 C  C   . PRO B 2 27  ? -11.279 16.133  1.741   1.00 50.17 ? 3640 PRO B C   1 
ATOM   1344 O  O   . PRO B 2 27  ? -11.424 16.784  0.684   1.00 51.03 ? 3640 PRO B O   1 
ATOM   1345 C  CB  . PRO B 2 27  ? -9.505  17.869  2.240   1.00 48.77 ? 3640 PRO B CB  1 
ATOM   1346 C  CG  . PRO B 2 27  ? -8.254  17.384  1.554   1.00 49.17 ? 3640 PRO B CG  1 
ATOM   1347 C  CD  . PRO B 2 27  ? -7.779  16.345  2.534   1.00 48.29 ? 3640 PRO B CD  1 
HETATM 1348 CA CA  . CA  C 3 .   ? 5.862   5.270   16.387  1.00 15.88 ? 149  CA  A CA  1 
HETATM 1349 CA CA  . CA  D 3 .   ? -2.867  13.085  17.828  1.00 19.24 ? 150  CA  A CA  1 
HETATM 1350 CA CA  . CA  E 3 .   ? -3.974  -6.144  -17.381 1.00 15.60 ? 151  CA  A CA  1 
HETATM 1351 CA CA  . CA  F 3 .   ? -3.887  -17.125 -14.309 1.00 15.85 ? 152  CA  A CA  1 
HETATM 1352 O  O   . HOH G 4 .   ? 3.600   -8.729  -20.776 1.00 15.28 ? 153  HOH A O   1 
HETATM 1353 O  O   . HOH G 4 .   ? -6.009  -15.989 -14.690 1.00 11.04 ? 154  HOH A O   1 
HETATM 1354 O  O   . HOH G 4 .   ? 5.321   13.902  15.333  1.00 20.15 ? 155  HOH A O   1 
HETATM 1355 O  O   . HOH G 4 .   ? 9.523   -10.052 -17.746 1.00 14.10 ? 156  HOH A O   1 
HETATM 1356 O  O   . HOH G 4 .   ? 2.074   -11.961 -19.221 1.00 21.92 ? 157  HOH A O   1 
HETATM 1357 O  O   . HOH G 4 .   ? -3.844  -9.092  -21.964 1.00 19.48 ? 158  HOH A O   1 
HETATM 1358 O  O   . HOH G 4 .   ? -2.013  -17.390 -6.792  1.00 18.40 ? 159  HOH A O   1 
HETATM 1359 O  O   . HOH G 4 .   ? -3.129  -7.694  -19.008 1.00 16.10 ? 160  HOH A O   1 
HETATM 1360 O  O   . HOH G 4 .   ? 1.300   -2.050  -13.984 1.00 15.10 ? 161  HOH A O   1 
HETATM 1361 O  O   . HOH G 4 .   ? 3.769   -2.558  18.243  1.00 25.24 ? 162  HOH A O   1 
HETATM 1362 O  O   . HOH G 4 .   ? -10.438 -13.771 -10.626 1.00 21.99 ? 163  HOH A O   1 
HETATM 1363 O  O   . HOH G 4 .   ? -12.517 -2.532  17.388  1.00 21.32 ? 164  HOH A O   1 
HETATM 1364 O  O   . HOH G 4 .   ? -2.649  4.293   18.795  1.00 21.43 ? 165  HOH A O   1 
HETATM 1365 O  O   . HOH G 4 .   ? -10.153 -15.402 -14.981 1.00 21.07 ? 166  HOH A O   1 
HETATM 1366 O  O   . HOH G 4 .   ? 11.394  5.982   18.527  1.00 26.57 ? 167  HOH A O   1 
HETATM 1367 O  O   . HOH G 4 .   ? -9.535  -10.990 -12.432 1.00 22.27 ? 168  HOH A O   1 
HETATM 1368 O  O   . HOH G 4 .   ? -11.249 -8.573  -19.326 1.00 14.20 ? 169  HOH A O   1 
HETATM 1369 O  O   . HOH G 4 .   ? -7.958  11.847  12.076  1.00 20.11 ? 170  HOH A O   1 
HETATM 1370 O  O   . HOH G 4 .   ? 7.192   7.107   17.530  1.00 20.44 ? 171  HOH A O   1 
HETATM 1371 O  O   . HOH G 4 .   ? 5.086   -1.599  13.343  1.00 22.63 ? 172  HOH A O   1 
HETATM 1372 O  O   . HOH G 4 .   ? 12.936  -2.187  -11.861 1.00 21.08 ? 173  HOH A O   1 
HETATM 1373 O  O   . HOH G 4 .   ? 1.725   -0.209  15.583  1.00 25.00 ? 174  HOH A O   1 
HETATM 1374 O  O   . HOH G 4 .   ? -8.464  -5.157  1.296   1.00 20.17 ? 175  HOH A O   1 
HETATM 1375 O  O   . HOH G 4 .   ? 13.709  9.542   -1.583  1.00 19.34 ? 176  HOH A O   1 
HETATM 1376 O  O   . HOH G 4 .   ? 13.223  -8.039  -7.155  1.00 20.76 ? 177  HOH A O   1 
HETATM 1377 O  O   . HOH G 4 .   ? 14.944  -8.406  -21.117 1.00 27.00 ? 178  HOH A O   1 
HETATM 1378 O  O   . HOH G 4 .   ? 8.513   4.916   9.552   1.00 23.40 ? 179  HOH A O   1 
HETATM 1379 O  O   . HOH G 4 .   ? 9.318   8.313   15.726  1.00 32.17 ? 180  HOH A O   1 
HETATM 1380 O  O   . HOH G 4 .   ? -3.435  1.262   1.212   1.00 29.98 ? 181  HOH A O   1 
HETATM 1381 O  O   . HOH G 4 .   ? -3.867  -0.354  -1.259  1.00 29.78 ? 182  HOH A O   1 
HETATM 1382 O  O   . HOH G 4 .   ? 1.516   -21.649 -13.078 1.00 27.12 ? 183  HOH A O   1 
HETATM 1383 O  O   . HOH G 4 .   ? 0.158   -6.021  -20.780 1.00 29.44 ? 184  HOH A O   1 
HETATM 1384 O  O   . HOH G 4 .   ? -6.832  -23.789 -16.282 1.00 36.99 ? 185  HOH A O   1 
HETATM 1385 O  O   . HOH G 4 .   ? 6.342   -8.625  -21.556 1.00 32.38 ? 186  HOH A O   1 
HETATM 1386 O  O   . HOH G 4 .   ? 3.247   13.966  21.368  1.00 35.91 ? 187  HOH A O   1 
HETATM 1387 O  O   . HOH G 4 .   ? -0.928  -2.751  -19.477 1.00 36.03 ? 188  HOH A O   1 
HETATM 1388 O  O   . HOH G 4 .   ? 6.671   -25.423 -9.263  1.00 28.41 ? 189  HOH A O   1 
HETATM 1389 O  O   . HOH G 4 .   ? -4.055  -14.745 -19.894 1.00 27.82 ? 190  HOH A O   1 
HETATM 1390 O  O   . HOH G 4 .   ? -14.065 9.021   9.398   1.00 30.87 ? 191  HOH A O   1 
HETATM 1391 O  O   . HOH G 4 .   ? -0.622  -23.617 -18.952 1.00 30.58 ? 192  HOH A O   1 
HETATM 1392 O  O   . HOH G 4 .   ? -2.589  -6.704  -21.318 1.00 27.36 ? 193  HOH A O   1 
HETATM 1393 O  O   . HOH G 4 .   ? -1.844  1.678   18.545  1.00 41.73 ? 194  HOH A O   1 
HETATM 1394 O  O   . HOH G 4 .   ? 2.366   -19.390 -16.101 1.00 44.74 ? 195  HOH A O   1 
HETATM 1395 O  O   . HOH G 4 .   ? 1.186   -0.474  -16.563 1.00 34.50 ? 196  HOH A O   1 
HETATM 1396 O  O   . HOH G 4 .   ? 12.098  16.183  6.757   1.00 34.34 ? 197  HOH A O   1 
HETATM 1397 O  O   . HOH G 4 .   ? 14.110  -19.439 -8.833  1.00 44.33 ? 198  HOH A O   1 
HETATM 1398 O  O   . HOH G 4 .   ? 10.477  5.753   15.119  1.00 23.67 ? 199  HOH A O   1 
HETATM 1399 O  O   . HOH G 4 .   ? 0.781   5.127   21.936  1.00 36.13 ? 200  HOH A O   1 
HETATM 1400 O  O   . HOH G 4 .   ? 2.641   11.413  21.036  1.00 29.44 ? 201  HOH A O   1 
HETATM 1401 O  O   . HOH G 4 .   ? -8.589  -4.278  -12.457 1.00 33.18 ? 202  HOH A O   1 
HETATM 1402 O  O   . HOH G 4 .   ? 14.674  14.286  3.361   1.00 31.61 ? 203  HOH A O   1 
HETATM 1403 O  O   . HOH G 4 .   ? -8.059  1.702   -0.573  1.00 26.55 ? 204  HOH A O   1 
HETATM 1404 O  O   . HOH G 4 .   ? 6.775   -16.973 -17.071 1.00 38.16 ? 205  HOH A O   1 
HETATM 1405 O  O   . HOH G 4 .   ? 11.955  13.931  9.422   1.00 37.21 ? 206  HOH A O   1 
HETATM 1406 O  O   . HOH G 4 .   ? 6.393   4.842   -15.626 1.00 34.93 ? 207  HOH A O   1 
HETATM 1407 O  O   . HOH G 4 .   ? -7.521  18.704  7.743   1.00 39.35 ? 208  HOH A O   1 
HETATM 1408 O  O   . HOH G 4 .   ? -11.479 -10.050 -2.377  1.00 41.04 ? 209  HOH A O   1 
HETATM 1409 O  O   . HOH G 4 .   ? 8.765   1.313   1.287   1.00 35.39 ? 210  HOH A O   1 
HETATM 1410 O  O   . HOH G 4 .   ? 7.663   -20.181 -10.509 1.00 26.98 ? 211  HOH A O   1 
HETATM 1411 O  O   . HOH G 4 .   ? 4.326   17.076  15.308  1.00 27.57 ? 212  HOH A O   1 
HETATM 1412 O  O   . HOH G 4 .   ? -0.127  18.689  14.901  1.00 32.62 ? 213  HOH A O   1 
HETATM 1413 O  O   . HOH G 4 .   ? -14.870 -2.606  -5.898  1.00 46.84 ? 214  HOH A O   1 
HETATM 1414 O  O   . HOH G 4 .   ? 12.224  13.831  3.771   1.00 32.57 ? 215  HOH A O   1 
HETATM 1415 O  O   . HOH G 4 .   ? 3.045   -14.967 -19.100 1.00 33.67 ? 216  HOH A O   1 
HETATM 1416 O  O   . HOH G 4 .   ? 15.286  -4.350  -5.322  1.00 24.92 ? 217  HOH A O   1 
HETATM 1417 O  O   . HOH G 4 .   ? 13.912  5.840   3.967   1.00 27.76 ? 218  HOH A O   1 
HETATM 1418 O  O   . HOH G 4 .   ? 5.639   -14.446 -17.877 1.00 37.91 ? 219  HOH A O   1 
HETATM 1419 O  O   . HOH G 4 .   ? 8.342   16.627  14.854  1.00 49.02 ? 220  HOH A O   1 
HETATM 1420 O  O   . HOH G 4 .   ? -8.965  15.243  8.196   1.00 49.93 ? 221  HOH A O   1 
HETATM 1421 O  O   . HOH G 4 .   ? -0.753  -0.557  17.949  1.00 48.33 ? 222  HOH A O   1 
HETATM 1422 O  O   . HOH G 4 .   ? 6.049   8.673   19.894  1.00 39.09 ? 223  HOH A O   1 
HETATM 1423 O  O   . HOH G 4 .   ? -9.197  -3.950  -21.087 1.00 46.72 ? 224  HOH A O   1 
HETATM 1424 O  O   . HOH H 4 .   ? 2.769   1.578   -10.001 1.00 18.32 ? 4    HOH B O   1 
HETATM 1425 O  O   . HOH H 4 .   ? 2.013   8.295   -2.338  1.00 13.97 ? 7    HOH B O   1 
HETATM 1426 O  O   . HOH H 4 .   ? 1.177   11.025  -2.498  1.00 20.68 ? 21   HOH B O   1 
HETATM 1427 O  O   . HOH H 4 .   ? 1.034   -5.515  3.795   1.00 35.16 ? 61   HOH B O   1 
HETATM 1428 O  O   . HOH H 4 .   ? -3.756  -6.659  6.152   1.00 36.19 ? 62   HOH B O   1 
HETATM 1429 O  O   . HOH H 4 .   ? -1.855  -8.610  3.747   1.00 48.65 ? 64   HOH B O   1 
HETATM 1430 O  O   . HOH H 4 .   ? 6.405   5.293   -6.244  1.00 43.19 ? 73   HOH B O   1 
HETATM 1431 O  O   . HOH H 4 .   ? 9.585   -16.270 -0.572  1.00 37.59 ? 75   HOH B O   1 
# 
